data_5V1K
# 
_entry.id   5V1K 
# 
_audit_conform.dict_name       mmcif_pdbx.dic 
_audit_conform.dict_version    5.392 
_audit_conform.dict_location   http://mmcif.pdb.org/dictionaries/ascii/mmcif_pdbx.dic 
# 
loop_
_database_2.database_id 
_database_2.database_code 
_database_2.pdbx_database_accession 
_database_2.pdbx_DOI 
PDB   5V1K         pdb_00005v1k 10.2210/pdb5v1k/pdb 
WWPDB D_1000226719 ?            ?                   
# 
loop_
_pdbx_audit_revision_history.ordinal 
_pdbx_audit_revision_history.data_content_type 
_pdbx_audit_revision_history.major_revision 
_pdbx_audit_revision_history.minor_revision 
_pdbx_audit_revision_history.revision_date 
1 'Structure model' 1 0 2017-06-21 
2 'Structure model' 1 1 2017-08-16 
3 'Structure model' 1 2 2022-06-22 
4 'Structure model' 1 3 2024-05-22 
# 
_pdbx_audit_revision_details.ordinal             1 
_pdbx_audit_revision_details.revision_ordinal    1 
_pdbx_audit_revision_details.data_content_type   'Structure model' 
_pdbx_audit_revision_details.provider            repository 
_pdbx_audit_revision_details.type                'Initial release' 
_pdbx_audit_revision_details.description         ? 
_pdbx_audit_revision_details.details             ? 
# 
loop_
_pdbx_audit_revision_group.ordinal 
_pdbx_audit_revision_group.revision_ordinal 
_pdbx_audit_revision_group.data_content_type 
_pdbx_audit_revision_group.group 
1 2 'Structure model' 'Refinement description' 
2 3 'Structure model' 'Data collection'        
3 3 'Structure model' 'Database references'    
4 4 'Structure model' 'Data collection'        
# 
loop_
_pdbx_audit_revision_category.ordinal 
_pdbx_audit_revision_category.revision_ordinal 
_pdbx_audit_revision_category.data_content_type 
_pdbx_audit_revision_category.category 
1 2 'Structure model' pdbx_refine    
2 2 'Structure model' refine         
3 3 'Structure model' chem_comp      
4 3 'Structure model' database_2     
5 4 'Structure model' chem_comp_atom 
6 4 'Structure model' chem_comp_bond 
# 
loop_
_pdbx_audit_revision_item.ordinal 
_pdbx_audit_revision_item.revision_ordinal 
_pdbx_audit_revision_item.data_content_type 
_pdbx_audit_revision_item.item 
1 2 'Structure model' '_refine.ls_R_factor_R_free'          
2 2 'Structure model' '_refine.ls_R_factor_R_work'          
3 3 'Structure model' '_chem_comp.mon_nstd_flag'            
4 3 'Structure model' '_database_2.pdbx_DOI'                
5 3 'Structure model' '_database_2.pdbx_database_accession' 
# 
_database_PDB_caveat.id     1 
_database_PDB_caveat.text   'THE RFREE FLAGS IN THE DEPOSITED SF FILE DO NOT CORRESPOND TO THOSE USED FOR REFINEMENT' 
# 
_pdbx_database_status.status_code                     REL 
_pdbx_database_status.status_code_sf                  REL 
_pdbx_database_status.status_code_mr                  ? 
_pdbx_database_status.entry_id                        5V1K 
_pdbx_database_status.recvd_initial_deposition_date   2017-03-02 
_pdbx_database_status.SG_entry                        N 
_pdbx_database_status.deposit_site                    RCSB 
_pdbx_database_status.process_site                    RCSB 
_pdbx_database_status.status_code_cs                  ? 
_pdbx_database_status.methods_development_category    ? 
_pdbx_database_status.pdb_format_compatible           Y 
_pdbx_database_status.status_code_nmr_data            ? 
# 
loop_
_audit_author.name 
_audit_author.pdbx_ordinal 
_audit_author.identifier_ORCID 
'Pallan, P.S.' 1 ? 
'Egli, M.'     2 ? 
# 
_citation.abstract                  ? 
_citation.abstract_id_CAS           ? 
_citation.book_id_ISBN              ? 
_citation.book_publisher            ? 
_citation.book_publisher_city       ? 
_citation.book_title                ? 
_citation.coordinate_linkage        ? 
_citation.country                   US 
_citation.database_id_Medline       ? 
_citation.details                   ? 
_citation.id                        primary 
_citation.journal_abbrev            'J. Am. Chem. Soc.' 
_citation.journal_id_ASTM           JACSAT 
_citation.journal_id_CSD            ? 
_citation.journal_id_ISSN           1520-5126 
_citation.journal_full              ? 
_citation.journal_issue             ? 
_citation.journal_volume            ? 
_citation.language                  ? 
_citation.page_first                ? 
_citation.page_last                 ? 
_citation.title                     
'Chirality Dependent Potency Enhancement and Structural Impact of Glycol Nucleic Acid Modification on siRNA.' 
_citation.year                      2017 
_citation.database_id_CSD           ? 
_citation.pdbx_database_id_DOI      10.1021/jacs.7b02694 
_citation.pdbx_database_id_PubMed   28570818 
_citation.unpublished_flag          ? 
# 
loop_
_citation_author.citation_id 
_citation_author.name 
_citation_author.ordinal 
_citation_author.identifier_ORCID 
primary 'Schlegel, M.K.' 1  ? 
primary 'Foster, D.J.'   2  ? 
primary 
;Kel'in, A.V.
;
3  ? 
primary 'Zlatev, I.'     4  ? 
primary 'Bisbe, A.'      5  ? 
primary 'Jayaraman, M.'  6  ? 
primary 'Lackey, J.G.'   7  ? 
primary 'Rajeev, K.G.'   8  ? 
primary 'Charisse, K.'   9  ? 
primary 'Harp, J.'       10 ? 
primary 'Pallan, P.S.'   11 ? 
primary 'Maier, M.A.'    12 ? 
primary 'Egli, M.'       13 ? 
primary 'Manoharan, M.'  14 ? 
# 
loop_
_entity.id 
_entity.type 
_entity.src_method 
_entity.pdbx_description 
_entity.formula_weight 
_entity.pdbx_number_of_molecules 
_entity.pdbx_ec 
_entity.pdbx_mutation 
_entity.pdbx_fragment 
_entity.details 
1 polymer syn 
;RNA (5'-R(*CP*GP*CP*GP*AP*AP*(5BU)P*(8RJ)P*AP*GP*CP*G)-3')
;
3886.247 2   ? ? ? ? 
2 water   nat water                                                        18.015   170 ? ? ? ? 
# 
_entity_poly.entity_id                      1 
_entity_poly.type                           polyribonucleotide 
_entity_poly.nstd_linkage                   no 
_entity_poly.nstd_monomer                   yes 
_entity_poly.pdbx_seq_one_letter_code       'CGCGAA(5BU)(8RJ)AGCG' 
_entity_poly.pdbx_seq_one_letter_code_can   CGCGAAUXAGCG 
_entity_poly.pdbx_strand_id                 A,B 
_entity_poly.pdbx_target_identifier         ? 
# 
_pdbx_entity_nonpoly.entity_id   2 
_pdbx_entity_nonpoly.name        water 
_pdbx_entity_nonpoly.comp_id     HOH 
# 
loop_
_entity_poly_seq.entity_id 
_entity_poly_seq.num 
_entity_poly_seq.mon_id 
_entity_poly_seq.hetero 
1 1  C   n 
1 2  G   n 
1 3  C   n 
1 4  G   n 
1 5  A   n 
1 6  A   n 
1 7  5BU n 
1 8  8RJ n 
1 9  A   n 
1 10 G   n 
1 11 C   n 
1 12 G   n 
# 
_pdbx_entity_src_syn.entity_id              1 
_pdbx_entity_src_syn.pdbx_src_id            1 
_pdbx_entity_src_syn.pdbx_alt_source_flag   sample 
_pdbx_entity_src_syn.pdbx_beg_seq_num       1 
_pdbx_entity_src_syn.pdbx_end_seq_num       12 
_pdbx_entity_src_syn.organism_scientific    'synthetic construct' 
_pdbx_entity_src_syn.organism_common_name   ? 
_pdbx_entity_src_syn.ncbi_taxonomy_id       32630 
_pdbx_entity_src_syn.details                ? 
# 
loop_
_chem_comp.id 
_chem_comp.type 
_chem_comp.mon_nstd_flag 
_chem_comp.name 
_chem_comp.pdbx_synonyms 
_chem_comp.formula 
_chem_comp.formula_weight 
5BU 'RNA linking' n "5-BROMO-URIDINE-5'-MONOPHOSPHATE"       ? 'C9 H12 Br N2 O9 P' 403.077 
8RJ 'RNA linking' . "(R)-1'-(2',3'-DIHYDROXYPROPYL)-THYMINE" ? 'C8 H13 N2 O7 P'    280.172 
A   'RNA linking' y "ADENOSINE-5'-MONOPHOSPHATE"             ? 'C10 H14 N5 O7 P'   347.221 
C   'RNA linking' y "CYTIDINE-5'-MONOPHOSPHATE"              ? 'C9 H14 N3 O8 P'    323.197 
G   'RNA linking' y "GUANOSINE-5'-MONOPHOSPHATE"             ? 'C10 H14 N5 O8 P'   363.221 
HOH non-polymer   . WATER                                    ? 'H2 O'              18.015  
# 
loop_
_pdbx_poly_seq_scheme.asym_id 
_pdbx_poly_seq_scheme.entity_id 
_pdbx_poly_seq_scheme.seq_id 
_pdbx_poly_seq_scheme.mon_id 
_pdbx_poly_seq_scheme.ndb_seq_num 
_pdbx_poly_seq_scheme.pdb_seq_num 
_pdbx_poly_seq_scheme.auth_seq_num 
_pdbx_poly_seq_scheme.pdb_mon_id 
_pdbx_poly_seq_scheme.auth_mon_id 
_pdbx_poly_seq_scheme.pdb_strand_id 
_pdbx_poly_seq_scheme.pdb_ins_code 
_pdbx_poly_seq_scheme.hetero 
A 1 1  C   1  101 101 C   C   A . n 
A 1 2  G   2  102 102 G   G   A . n 
A 1 3  C   3  103 103 C   C   A . n 
A 1 4  G   4  104 104 G   G   A . n 
A 1 5  A   5  105 105 A   A   A . n 
A 1 6  A   6  106 106 A   A   A . n 
A 1 7  5BU 7  107 107 5BU 5BU A . n 
A 1 8  8RJ 8  108 108 8RJ YTH A . n 
A 1 9  A   9  109 109 A   A   A . n 
A 1 10 G   10 110 110 G   G   A . n 
A 1 11 C   11 111 111 C   C   A . n 
A 1 12 G   12 112 112 G   G   A . n 
B 1 1  C   1  201 201 C   C   B . n 
B 1 2  G   2  202 202 G   G   B . n 
B 1 3  C   3  203 203 C   C   B . n 
B 1 4  G   4  204 204 G   G   B . n 
B 1 5  A   5  205 205 A   A   B . n 
B 1 6  A   6  206 206 A   A   B . n 
B 1 7  5BU 7  207 207 5BU 5BU B . n 
B 1 8  8RJ 8  208 208 8RJ YTH B . n 
B 1 9  A   9  209 209 A   A   B . n 
B 1 10 G   10 210 210 G   G   B . n 
B 1 11 C   11 211 211 C   C   B . n 
B 1 12 G   12 212 212 G   G   B . n 
# 
loop_
_pdbx_nonpoly_scheme.asym_id 
_pdbx_nonpoly_scheme.entity_id 
_pdbx_nonpoly_scheme.mon_id 
_pdbx_nonpoly_scheme.ndb_seq_num 
_pdbx_nonpoly_scheme.pdb_seq_num 
_pdbx_nonpoly_scheme.auth_seq_num 
_pdbx_nonpoly_scheme.pdb_mon_id 
_pdbx_nonpoly_scheme.auth_mon_id 
_pdbx_nonpoly_scheme.pdb_strand_id 
_pdbx_nonpoly_scheme.pdb_ins_code 
C 2 HOH 1   201 470 HOH HOH A . 
C 2 HOH 2   202 428 HOH HOH A . 
C 2 HOH 3   203 386 HOH HOH A . 
C 2 HOH 4   204 454 HOH HOH A . 
C 2 HOH 5   205 383 HOH HOH A . 
C 2 HOH 6   206 469 HOH HOH A . 
C 2 HOH 7   207 429 HOH HOH A . 
C 2 HOH 8   208 441 HOH HOH A . 
C 2 HOH 9   209 431 HOH HOH A . 
C 2 HOH 10  210 405 HOH HOH A . 
C 2 HOH 11  211 304 HOH HOH A . 
C 2 HOH 12  212 355 HOH HOH A . 
C 2 HOH 13  213 350 HOH HOH A . 
C 2 HOH 14  214 352 HOH HOH A . 
C 2 HOH 15  215 455 HOH HOH A . 
C 2 HOH 16  216 372 HOH HOH A . 
C 2 HOH 17  217 369 HOH HOH A . 
C 2 HOH 18  218 305 HOH HOH A . 
C 2 HOH 19  219 356 HOH HOH A . 
C 2 HOH 20  220 464 HOH HOH A . 
C 2 HOH 21  221 329 HOH HOH A . 
C 2 HOH 22  222 323 HOH HOH A . 
C 2 HOH 23  223 360 HOH HOH A . 
C 2 HOH 24  224 325 HOH HOH A . 
C 2 HOH 25  225 341 HOH HOH A . 
C 2 HOH 26  226 316 HOH HOH A . 
C 2 HOH 27  227 308 HOH HOH A . 
C 2 HOH 28  228 334 HOH HOH A . 
C 2 HOH 29  229 346 HOH HOH A . 
C 2 HOH 30  230 363 HOH HOH A . 
C 2 HOH 31  231 373 HOH HOH A . 
C 2 HOH 32  232 366 HOH HOH A . 
C 2 HOH 33  233 307 HOH HOH A . 
C 2 HOH 34  234 443 HOH HOH A . 
C 2 HOH 35  235 306 HOH HOH A . 
C 2 HOH 36  236 348 HOH HOH A . 
C 2 HOH 37  237 321 HOH HOH A . 
C 2 HOH 38  238 401 HOH HOH A . 
C 2 HOH 39  239 344 HOH HOH A . 
C 2 HOH 40  240 339 HOH HOH A . 
C 2 HOH 41  241 375 HOH HOH A . 
C 2 HOH 42  242 364 HOH HOH A . 
C 2 HOH 43  243 322 HOH HOH A . 
C 2 HOH 44  244 337 HOH HOH A . 
C 2 HOH 45  245 336 HOH HOH A . 
C 2 HOH 46  246 303 HOH HOH A . 
C 2 HOH 47  247 335 HOH HOH A . 
C 2 HOH 48  248 448 HOH HOH A . 
C 2 HOH 49  249 434 HOH HOH A . 
C 2 HOH 50  250 418 HOH HOH A . 
C 2 HOH 51  251 381 HOH HOH A . 
C 2 HOH 52  252 403 HOH HOH A . 
C 2 HOH 53  253 440 HOH HOH A . 
C 2 HOH 54  254 388 HOH HOH A . 
C 2 HOH 55  255 409 HOH HOH A . 
C 2 HOH 56  256 319 HOH HOH A . 
C 2 HOH 57  257 351 HOH HOH A . 
C 2 HOH 58  258 460 HOH HOH A . 
C 2 HOH 59  259 400 HOH HOH A . 
C 2 HOH 60  260 345 HOH HOH A . 
C 2 HOH 61  261 397 HOH HOH A . 
C 2 HOH 62  262 338 HOH HOH A . 
C 2 HOH 63  263 462 HOH HOH A . 
C 2 HOH 64  264 456 HOH HOH A . 
C 2 HOH 65  265 324 HOH HOH A . 
C 2 HOH 66  266 461 HOH HOH A . 
C 2 HOH 67  267 377 HOH HOH A . 
C 2 HOH 68  268 463 HOH HOH A . 
C 2 HOH 69  269 468 HOH HOH A . 
C 2 HOH 70  270 466 HOH HOH A . 
D 2 HOH 1   301 427 HOH HOH B . 
D 2 HOH 2   302 332 HOH HOH B . 
D 2 HOH 3   303 374 HOH HOH B . 
D 2 HOH 4   304 365 HOH HOH B . 
D 2 HOH 5   305 326 HOH HOH B . 
D 2 HOH 6   306 399 HOH HOH B . 
D 2 HOH 7   307 340 HOH HOH B . 
D 2 HOH 8   308 419 HOH HOH B . 
D 2 HOH 9   309 361 HOH HOH B . 
D 2 HOH 10  310 343 HOH HOH B . 
D 2 HOH 11  311 309 HOH HOH B . 
D 2 HOH 12  312 320 HOH HOH B . 
D 2 HOH 13  313 302 HOH HOH B . 
D 2 HOH 14  314 314 HOH HOH B . 
D 2 HOH 15  315 315 HOH HOH B . 
D 2 HOH 16  316 330 HOH HOH B . 
D 2 HOH 17  317 357 HOH HOH B . 
D 2 HOH 18  318 447 HOH HOH B . 
D 2 HOH 19  319 382 HOH HOH B . 
D 2 HOH 20  320 312 HOH HOH B . 
D 2 HOH 21  321 310 HOH HOH B . 
D 2 HOH 22  322 327 HOH HOH B . 
D 2 HOH 23  323 415 HOH HOH B . 
D 2 HOH 24  324 331 HOH HOH B . 
D 2 HOH 25  325 426 HOH HOH B . 
D 2 HOH 26  326 318 HOH HOH B . 
D 2 HOH 27  327 392 HOH HOH B . 
D 2 HOH 28  328 376 HOH HOH B . 
D 2 HOH 29  329 328 HOH HOH B . 
D 2 HOH 30  330 354 HOH HOH B . 
D 2 HOH 31  331 421 HOH HOH B . 
D 2 HOH 32  332 444 HOH HOH B . 
D 2 HOH 33  333 402 HOH HOH B . 
D 2 HOH 34  334 446 HOH HOH B . 
D 2 HOH 35  335 311 HOH HOH B . 
D 2 HOH 36  336 367 HOH HOH B . 
D 2 HOH 37  337 317 HOH HOH B . 
D 2 HOH 38  338 410 HOH HOH B . 
D 2 HOH 39  339 342 HOH HOH B . 
D 2 HOH 40  340 425 HOH HOH B . 
D 2 HOH 41  341 353 HOH HOH B . 
D 2 HOH 42  342 313 HOH HOH B . 
D 2 HOH 43  343 422 HOH HOH B . 
D 2 HOH 44  344 384 HOH HOH B . 
D 2 HOH 45  345 301 HOH HOH B . 
D 2 HOH 46  346 439 HOH HOH B . 
D 2 HOH 47  347 368 HOH HOH B . 
D 2 HOH 48  348 424 HOH HOH B . 
D 2 HOH 49  349 411 HOH HOH B . 
D 2 HOH 50  350 359 HOH HOH B . 
D 2 HOH 51  351 362 HOH HOH B . 
D 2 HOH 52  352 432 HOH HOH B . 
D 2 HOH 53  353 420 HOH HOH B . 
D 2 HOH 54  354 452 HOH HOH B . 
D 2 HOH 55  355 391 HOH HOH B . 
D 2 HOH 56  356 333 HOH HOH B . 
D 2 HOH 57  357 457 HOH HOH B . 
D 2 HOH 58  358 385 HOH HOH B . 
D 2 HOH 59  359 389 HOH HOH B . 
D 2 HOH 60  360 430 HOH HOH B . 
D 2 HOH 61  361 390 HOH HOH B . 
D 2 HOH 62  362 358 HOH HOH B . 
D 2 HOH 63  363 378 HOH HOH B . 
D 2 HOH 64  364 417 HOH HOH B . 
D 2 HOH 65  365 451 HOH HOH B . 
D 2 HOH 66  366 370 HOH HOH B . 
D 2 HOH 67  367 408 HOH HOH B . 
D 2 HOH 68  368 433 HOH HOH B . 
D 2 HOH 69  369 412 HOH HOH B . 
D 2 HOH 70  370 442 HOH HOH B . 
D 2 HOH 71  371 414 HOH HOH B . 
D 2 HOH 72  372 393 HOH HOH B . 
D 2 HOH 73  373 347 HOH HOH B . 
D 2 HOH 74  374 394 HOH HOH B . 
D 2 HOH 75  375 380 HOH HOH B . 
D 2 HOH 76  376 387 HOH HOH B . 
D 2 HOH 77  377 458 HOH HOH B . 
D 2 HOH 78  378 349 HOH HOH B . 
D 2 HOH 79  379 379 HOH HOH B . 
D 2 HOH 80  380 459 HOH HOH B . 
D 2 HOH 81  381 396 HOH HOH B . 
D 2 HOH 82  382 416 HOH HOH B . 
D 2 HOH 83  383 398 HOH HOH B . 
D 2 HOH 84  384 436 HOH HOH B . 
D 2 HOH 85  385 406 HOH HOH B . 
D 2 HOH 86  386 395 HOH HOH B . 
D 2 HOH 87  387 413 HOH HOH B . 
D 2 HOH 88  388 371 HOH HOH B . 
D 2 HOH 89  389 449 HOH HOH B . 
D 2 HOH 90  390 450 HOH HOH B . 
D 2 HOH 91  391 438 HOH HOH B . 
D 2 HOH 92  392 453 HOH HOH B . 
D 2 HOH 93  393 435 HOH HOH B . 
D 2 HOH 94  394 465 HOH HOH B . 
D 2 HOH 95  395 404 HOH HOH B . 
D 2 HOH 96  396 437 HOH HOH B . 
D 2 HOH 97  397 407 HOH HOH B . 
D 2 HOH 98  398 423 HOH HOH B . 
D 2 HOH 99  399 445 HOH HOH B . 
D 2 HOH 100 400 467 HOH HOH B . 
# 
loop_
_software.citation_id 
_software.classification 
_software.compiler_name 
_software.compiler_version 
_software.contact_author 
_software.contact_author_email 
_software.date 
_software.description 
_software.dependencies 
_software.hardware 
_software.language 
_software.location 
_software.mods 
_software.name 
_software.os 
_software.os_version 
_software.type 
_software.version 
_software.pdbx_ordinal 
? 'data collection' ? ? ? ? ? ? ? ? ? ? ? MAR345dtb ? ? ? 
'MD-2 diffractometer software from EMBL (with LS-CAT developed extensions)' 1 
? 'data reduction'  ? ? ? ? ? ? ? ? ? ? ? HKL-2000  ? ? ? . 2 
? 'data scaling'    ? ? ? ? ? ? ? ? ? ? ? HKL-2000  ? ? ? . 3 
? phasing           ? ? ? ? ? ? ? ? ? ? ? SHELXDE   ? ? ? . 4 
? refinement        ? ? ? ? ? ? ? ? ? ? ? SHELXL    ? ? ? . 5 
# 
_cell.angle_alpha                  73.00 
_cell.angle_alpha_esd              ? 
_cell.angle_beta                   87.17 
_cell.angle_beta_esd               ? 
_cell.angle_gamma                  66.58 
_cell.angle_gamma_esd              ? 
_cell.entry_id                     5V1K 
_cell.details                      ? 
_cell.formula_units_Z              ? 
_cell.length_a                     23.681 
_cell.length_a_esd                 ? 
_cell.length_b                     27.680 
_cell.length_b_esd                 ? 
_cell.length_c                     29.050 
_cell.length_c_esd                 ? 
_cell.volume                       ? 
_cell.volume_esd                   ? 
_cell.Z_PDB                        2 
_cell.reciprocal_angle_alpha       ? 
_cell.reciprocal_angle_beta        ? 
_cell.reciprocal_angle_gamma       ? 
_cell.reciprocal_angle_alpha_esd   ? 
_cell.reciprocal_angle_beta_esd    ? 
_cell.reciprocal_angle_gamma_esd   ? 
_cell.reciprocal_length_a          ? 
_cell.reciprocal_length_b          ? 
_cell.reciprocal_length_c          ? 
_cell.reciprocal_length_a_esd      ? 
_cell.reciprocal_length_b_esd      ? 
_cell.reciprocal_length_c_esd      ? 
_cell.pdbx_unique_axis             ? 
# 
_symmetry.entry_id                         5V1K 
_symmetry.cell_setting                     ? 
_symmetry.Int_Tables_number                1 
_symmetry.space_group_name_Hall            ? 
_symmetry.space_group_name_H-M             'P 1' 
_symmetry.pdbx_full_space_group_name_H-M   ? 
# 
_exptl.absorpt_coefficient_mu     ? 
_exptl.absorpt_correction_T_max   ? 
_exptl.absorpt_correction_T_min   ? 
_exptl.absorpt_correction_type    ? 
_exptl.absorpt_process_details    ? 
_exptl.entry_id                   5V1K 
_exptl.crystals_number            1 
_exptl.details                    ? 
_exptl.method                     'X-RAY DIFFRACTION' 
_exptl.method_details             ? 
# 
_exptl_crystal.colour                      ? 
_exptl_crystal.density_diffrn              ? 
_exptl_crystal.density_Matthews            2.14 
_exptl_crystal.density_method              ? 
_exptl_crystal.density_percent_sol         47.96 
_exptl_crystal.description                 ? 
_exptl_crystal.F_000                       ? 
_exptl_crystal.id                          1 
_exptl_crystal.preparation                 ? 
_exptl_crystal.size_max                    ? 
_exptl_crystal.size_mid                    ? 
_exptl_crystal.size_min                    ? 
_exptl_crystal.size_rad                    ? 
_exptl_crystal.colour_lustre               ? 
_exptl_crystal.colour_modifier             ? 
_exptl_crystal.colour_primary              ? 
_exptl_crystal.density_meas                ? 
_exptl_crystal.density_meas_esd            ? 
_exptl_crystal.density_meas_gt             ? 
_exptl_crystal.density_meas_lt             ? 
_exptl_crystal.density_meas_temp           ? 
_exptl_crystal.density_meas_temp_esd       ? 
_exptl_crystal.density_meas_temp_gt        ? 
_exptl_crystal.density_meas_temp_lt        ? 
_exptl_crystal.pdbx_crystal_image_url      ? 
_exptl_crystal.pdbx_crystal_image_format   ? 
_exptl_crystal.pdbx_mosaicity              ? 
_exptl_crystal.pdbx_mosaicity_esd          ? 
# 
_exptl_crystal_grow.apparatus       ? 
_exptl_crystal_grow.atmosphere      ? 
_exptl_crystal_grow.crystal_id      1 
_exptl_crystal_grow.details         ? 
_exptl_crystal_grow.method          'VAPOR DIFFUSION, HANGING DROP' 
_exptl_crystal_grow.method_ref      ? 
_exptl_crystal_grow.pH              6.0 
_exptl_crystal_grow.pressure        ? 
_exptl_crystal_grow.pressure_esd    ? 
_exptl_crystal_grow.seeding         ? 
_exptl_crystal_grow.seeding_ref     ? 
_exptl_crystal_grow.temp            291 
_exptl_crystal_grow.temp_details    ? 
_exptl_crystal_grow.temp_esd        ? 
_exptl_crystal_grow.time            ? 
_exptl_crystal_grow.pdbx_details    
;Oligonucleotide (0.6 mM), sodium cacodylate (20 mM, pH 6.0), potassium chloride (40 mM), spermine tetrahydrochloride (6 mM), and 2-methyl-2,4-pentanediol (MPD; 5% (v/v)
;
_exptl_crystal_grow.pdbx_pH_range   ? 
# 
_diffrn.ambient_environment    ? 
_diffrn.ambient_temp           100 
_diffrn.ambient_temp_details   ? 
_diffrn.ambient_temp_esd       ? 
_diffrn.crystal_id             1 
_diffrn.crystal_support        ? 
_diffrn.crystal_treatment      ? 
_diffrn.details                ? 
_diffrn.id                     1 
_diffrn.ambient_pressure       ? 
_diffrn.ambient_pressure_esd   ? 
_diffrn.ambient_pressure_gt    ? 
_diffrn.ambient_pressure_lt    ? 
_diffrn.ambient_temp_gt        ? 
_diffrn.ambient_temp_lt        ? 
# 
_diffrn_detector.details                      ? 
_diffrn_detector.detector                     'IMAGE PLATE' 
_diffrn_detector.diffrn_id                    1 
_diffrn_detector.type                         MARRESEARCH 
_diffrn_detector.area_resol_mean              ? 
_diffrn_detector.dtime                        ? 
_diffrn_detector.pdbx_frames_total            ? 
_diffrn_detector.pdbx_collection_time_total   ? 
_diffrn_detector.pdbx_collection_date         2013-02-14 
# 
_diffrn_radiation.collimation                      ? 
_diffrn_radiation.diffrn_id                        1 
_diffrn_radiation.filter_edge                      ? 
_diffrn_radiation.inhomogeneity                    ? 
_diffrn_radiation.monochromator                    ? 
_diffrn_radiation.polarisn_norm                    ? 
_diffrn_radiation.polarisn_ratio                   ? 
_diffrn_radiation.probe                            ? 
_diffrn_radiation.type                             ? 
_diffrn_radiation.xray_symbol                      ? 
_diffrn_radiation.wavelength_id                    1 
_diffrn_radiation.pdbx_monochromatic_or_laue_m_l   M 
_diffrn_radiation.pdbx_wavelength_list             ? 
_diffrn_radiation.pdbx_wavelength                  ? 
_diffrn_radiation.pdbx_diffrn_protocol             'SINGLE WAVELENGTH' 
_diffrn_radiation.pdbx_analyzer                    ? 
_diffrn_radiation.pdbx_scattering_type             x-ray 
# 
_diffrn_radiation_wavelength.id           1 
_diffrn_radiation_wavelength.wavelength   0.916978 
_diffrn_radiation_wavelength.wt           1.0 
# 
_diffrn_source.current                     ? 
_diffrn_source.details                     ? 
_diffrn_source.diffrn_id                   1 
_diffrn_source.power                       ? 
_diffrn_source.size                        ? 
_diffrn_source.source                      SYNCHROTRON 
_diffrn_source.target                      ? 
_diffrn_source.type                        'APS BEAMLINE 21-ID-D' 
_diffrn_source.voltage                     ? 
_diffrn_source.take-off_angle              ? 
_diffrn_source.pdbx_wavelength_list        0.916978 
_diffrn_source.pdbx_wavelength             ? 
_diffrn_source.pdbx_synchrotron_beamline   21-ID-D 
_diffrn_source.pdbx_synchrotron_site       APS 
# 
_reflns.B_iso_Wilson_estimate            ? 
_reflns.entry_id                         5V1K 
_reflns.data_reduction_details           ? 
_reflns.data_reduction_method            ? 
_reflns.d_resolution_high                1.18 
_reflns.d_resolution_low                 50 
_reflns.details                          ? 
_reflns.limit_h_max                      ? 
_reflns.limit_h_min                      ? 
_reflns.limit_k_max                      ? 
_reflns.limit_k_min                      ? 
_reflns.limit_l_max                      ? 
_reflns.limit_l_min                      ? 
_reflns.number_all                       ? 
_reflns.number_obs                       20171 
_reflns.observed_criterion               ? 
_reflns.observed_criterion_F_max         ? 
_reflns.observed_criterion_F_min         ? 
_reflns.observed_criterion_I_max         ? 
_reflns.observed_criterion_I_min         ? 
_reflns.observed_criterion_sigma_F       ? 
_reflns.observed_criterion_sigma_I       ? 
_reflns.percent_possible_obs             94.9 
_reflns.R_free_details                   ? 
_reflns.Rmerge_F_all                     ? 
_reflns.Rmerge_F_obs                     ? 
_reflns.Friedel_coverage                 ? 
_reflns.number_gt                        ? 
_reflns.threshold_expression             ? 
_reflns.pdbx_redundancy                  4.3 
_reflns.pdbx_Rmerge_I_obs                0.052 
_reflns.pdbx_Rmerge_I_all                ? 
_reflns.pdbx_Rsym_value                  ? 
_reflns.pdbx_netI_over_av_sigmaI         ? 
_reflns.pdbx_netI_over_sigmaI            37.5 
_reflns.pdbx_res_netI_over_av_sigmaI_2   ? 
_reflns.pdbx_res_netI_over_sigmaI_2      ? 
_reflns.pdbx_chi_squared                 ? 
_reflns.pdbx_scaling_rejects             ? 
_reflns.pdbx_d_res_high_opt              ? 
_reflns.pdbx_d_res_low_opt               ? 
_reflns.pdbx_d_res_opt_method            ? 
_reflns.phase_calculation_details        ? 
_reflns.pdbx_Rrim_I_all                  ? 
_reflns.pdbx_Rpim_I_all                  ? 
_reflns.pdbx_d_opt                       ? 
_reflns.pdbx_number_measured_all         ? 
_reflns.pdbx_diffrn_id                   1 
_reflns.pdbx_ordinal                     1 
_reflns.pdbx_CC_half                     ? 
_reflns.pdbx_R_split                     ? 
# 
_reflns_shell.d_res_high                  1.18 
_reflns_shell.d_res_low                   1.22 
_reflns_shell.meanI_over_sigI_all         ? 
_reflns_shell.meanI_over_sigI_obs         ? 
_reflns_shell.number_measured_all         ? 
_reflns_shell.number_measured_obs         ? 
_reflns_shell.number_possible             ? 
_reflns_shell.number_unique_all           ? 
_reflns_shell.number_unique_obs           1914 
_reflns_shell.percent_possible_all        90.3 
_reflns_shell.percent_possible_obs        ? 
_reflns_shell.Rmerge_F_all                ? 
_reflns_shell.Rmerge_F_obs                ? 
_reflns_shell.Rmerge_I_all                ? 
_reflns_shell.Rmerge_I_obs                0.449 
_reflns_shell.meanI_over_sigI_gt          ? 
_reflns_shell.meanI_over_uI_all           ? 
_reflns_shell.meanI_over_uI_gt            ? 
_reflns_shell.number_measured_gt          ? 
_reflns_shell.number_unique_gt            ? 
_reflns_shell.percent_possible_gt         ? 
_reflns_shell.Rmerge_F_gt                 ? 
_reflns_shell.Rmerge_I_gt                 ? 
_reflns_shell.pdbx_redundancy             4 
_reflns_shell.pdbx_Rsym_value             ? 
_reflns_shell.pdbx_chi_squared            ? 
_reflns_shell.pdbx_netI_over_sigmaI_all   ? 
_reflns_shell.pdbx_netI_over_sigmaI_obs   ? 
_reflns_shell.pdbx_Rrim_I_all             ? 
_reflns_shell.pdbx_Rpim_I_all             ? 
_reflns_shell.pdbx_rejects                ? 
_reflns_shell.pdbx_ordinal                1 
_reflns_shell.pdbx_diffrn_id              1 
_reflns_shell.pdbx_CC_half                ? 
_reflns_shell.pdbx_R_split                ? 
# 
_refine.aniso_B[1][1]                            ? 
_refine.aniso_B[1][2]                            ? 
_refine.aniso_B[1][3]                            ? 
_refine.aniso_B[2][2]                            ? 
_refine.aniso_B[2][3]                            ? 
_refine.aniso_B[3][3]                            ? 
_refine.B_iso_max                                ? 
_refine.B_iso_mean                               ? 
_refine.B_iso_min                                ? 
_refine.correlation_coeff_Fo_to_Fc               ? 
_refine.correlation_coeff_Fo_to_Fc_free          ? 
_refine.details                                  ? 
_refine.diff_density_max                         ? 
_refine.diff_density_max_esd                     ? 
_refine.diff_density_min                         ? 
_refine.diff_density_min_esd                     ? 
_refine.diff_density_rms                         ? 
_refine.diff_density_rms_esd                     ? 
_refine.entry_id                                 5V1K 
_refine.pdbx_refine_id                           'X-RAY DIFFRACTION' 
_refine.ls_abs_structure_details                 ? 
_refine.ls_abs_structure_Flack                   ? 
_refine.ls_abs_structure_Flack_esd               ? 
_refine.ls_abs_structure_Rogers                  ? 
_refine.ls_abs_structure_Rogers_esd              ? 
_refine.ls_d_res_high                            1.18 
_refine.ls_d_res_low                             50 
_refine.ls_extinction_coef                       ? 
_refine.ls_extinction_coef_esd                   ? 
_refine.ls_extinction_expression                 ? 
_refine.ls_extinction_method                     ? 
_refine.ls_goodness_of_fit_all                   ? 
_refine.ls_goodness_of_fit_all_esd               ? 
_refine.ls_goodness_of_fit_obs                   ? 
_refine.ls_goodness_of_fit_obs_esd               ? 
_refine.ls_hydrogen_treatment                    ? 
_refine.ls_matrix_type                           ? 
_refine.ls_number_constraints                    ? 
_refine.ls_number_parameters                     ? 
_refine.ls_number_reflns_all                     ? 
_refine.ls_number_reflns_obs                     18748 
_refine.ls_number_reflns_R_free                  ? 
_refine.ls_number_reflns_R_work                  ? 
_refine.ls_number_restraints                     ? 
_refine.ls_percent_reflns_obs                    94.8 
_refine.ls_percent_reflns_R_free                 ? 
_refine.ls_R_factor_all                          ? 
_refine.ls_R_factor_obs                          ? 
_refine.ls_R_factor_R_free                       ? 
_refine.ls_R_factor_R_free_error                 ? 
_refine.ls_R_factor_R_free_error_details         ? 
_refine.ls_R_factor_R_work                       ? 
_refine.ls_R_Fsqd_factor_obs                     ? 
_refine.ls_R_I_factor_obs                        ? 
_refine.ls_redundancy_reflns_all                 ? 
_refine.ls_redundancy_reflns_obs                 ? 
_refine.ls_restrained_S_all                      ? 
_refine.ls_restrained_S_obs                      ? 
_refine.ls_shift_over_esd_max                    ? 
_refine.ls_shift_over_esd_mean                   ? 
_refine.ls_structure_factor_coef                 ? 
_refine.ls_weighting_details                     ? 
_refine.ls_weighting_scheme                      ? 
_refine.ls_wR_factor_all                         ? 
_refine.ls_wR_factor_obs                         ? 
_refine.ls_wR_factor_R_free                      ? 
_refine.ls_wR_factor_R_work                      ? 
_refine.occupancy_max                            ? 
_refine.occupancy_min                            ? 
_refine.solvent_model_details                    ? 
_refine.solvent_model_param_bsol                 ? 
_refine.solvent_model_param_ksol                 ? 
_refine.ls_R_factor_gt                           ? 
_refine.ls_goodness_of_fit_gt                    ? 
_refine.ls_goodness_of_fit_ref                   ? 
_refine.ls_shift_over_su_max                     ? 
_refine.ls_shift_over_su_max_lt                  ? 
_refine.ls_shift_over_su_mean                    ? 
_refine.ls_shift_over_su_mean_lt                 ? 
_refine.pdbx_ls_sigma_I                          ? 
_refine.pdbx_ls_sigma_F                          ? 
_refine.pdbx_ls_sigma_Fsqd                       ? 
_refine.pdbx_data_cutoff_high_absF               ? 
_refine.pdbx_data_cutoff_high_rms_absF           ? 
_refine.pdbx_data_cutoff_low_absF                ? 
_refine.pdbx_isotropic_thermal_model             ? 
_refine.pdbx_ls_cross_valid_method               THROUGHOUT 
_refine.pdbx_method_to_determine_struct          ? 
_refine.pdbx_starting_model                      ? 
_refine.pdbx_stereochemistry_target_values       ? 
_refine.pdbx_R_Free_selection_details            Random 
_refine.pdbx_stereochem_target_val_spec_case     ? 
_refine.pdbx_overall_ESU_R                       ? 
_refine.pdbx_overall_ESU_R_Free                  ? 
_refine.pdbx_solvent_vdw_probe_radii             ? 
_refine.pdbx_solvent_ion_probe_radii             ? 
_refine.pdbx_solvent_shrinkage_radii             ? 
_refine.pdbx_real_space_R                        ? 
_refine.pdbx_density_correlation                 ? 
_refine.pdbx_pd_number_of_powder_patterns        ? 
_refine.pdbx_pd_number_of_points                 ? 
_refine.pdbx_pd_meas_number_of_points            ? 
_refine.pdbx_pd_proc_ls_prof_R_factor            ? 
_refine.pdbx_pd_proc_ls_prof_wR_factor           ? 
_refine.pdbx_pd_Marquardt_correlation_coeff      ? 
_refine.pdbx_pd_Fsqrd_R_factor                   ? 
_refine.pdbx_pd_ls_matrix_band_width             ? 
_refine.pdbx_overall_phase_error                 ? 
_refine.pdbx_overall_SU_R_free_Cruickshank_DPI   ? 
_refine.pdbx_overall_SU_R_free_Blow_DPI          ? 
_refine.pdbx_overall_SU_R_Blow_DPI               ? 
_refine.pdbx_TLS_residual_ADP_flag               ? 
_refine.pdbx_diffrn_id                           1 
_refine.overall_SU_B                             ? 
_refine.overall_SU_ML                            ? 
_refine.overall_SU_R_Cruickshank_DPI             ? 
_refine.overall_SU_R_free                        ? 
_refine.overall_FOM_free_R_set                   ? 
_refine.overall_FOM_work_R_set                   ? 
_refine.pdbx_average_fsc_overall                 ? 
_refine.pdbx_average_fsc_work                    ? 
_refine.pdbx_average_fsc_free                    ? 
# 
_refine_hist.pdbx_refine_id                   'X-RAY DIFFRACTION' 
_refine_hist.cycle_id                         LAST 
_refine_hist.pdbx_number_atoms_protein        0 
_refine_hist.pdbx_number_atoms_nucleic_acid   506 
_refine_hist.pdbx_number_atoms_ligand         0 
_refine_hist.number_atoms_solvent             170 
_refine_hist.number_atoms_total               676 
_refine_hist.d_res_high                       1.18 
_refine_hist.d_res_low                        50 
# 
_pdbx_refine.pdbx_refine_id                              'X-RAY DIFFRACTION' 
_pdbx_refine.entry_id                                    5V1K 
_pdbx_refine.R_factor_all_no_cutoff                      ? 
_pdbx_refine.R_factor_obs_no_cutoff                      0.224 
_pdbx_refine.free_R_factor_no_cutoff                     0.168 
_pdbx_refine.free_R_error_no_cutoff                      ? 
_pdbx_refine.free_R_val_test_set_size_perc_no_cutoff     ? 
_pdbx_refine.free_R_val_test_set_ct_no_cutoff            ? 
_pdbx_refine.R_factor_all_4sig_cutoff                    ? 
_pdbx_refine.R_factor_obs_4sig_cutoff                    ? 
_pdbx_refine.free_R_factor_4sig_cutoff                   ? 
_pdbx_refine.free_R_val_test_set_size_perc_4sig_cutoff   ? 
_pdbx_refine.free_R_val_test_set_ct_4sig_cutoff          ? 
_pdbx_refine.number_reflns_obs_4sig_cutoff               ? 
# 
_struct.entry_id                     5V1K 
_struct.title                        'Structure of R-GNA dodecamer' 
_struct.pdbx_model_details           ? 
_struct.pdbx_formula_weight          ? 
_struct.pdbx_formula_weight_method   ? 
_struct.pdbx_model_type_details      ? 
_struct.pdbx_CASP_flag               N 
# 
_struct_keywords.entry_id        5V1K 
_struct_keywords.text            'Glycol Nucleic Acid, GNA, RGNA, RNA, RNA X-ray structure, Nuclease Stability, modified RNA' 
_struct_keywords.pdbx_keywords   RNA 
# 
loop_
_struct_asym.id 
_struct_asym.pdbx_blank_PDB_chainid_flag 
_struct_asym.pdbx_modified 
_struct_asym.entity_id 
_struct_asym.details 
A N N 1 ? 
B N N 1 ? 
C N N 2 ? 
D N N 2 ? 
# 
_struct_ref.id                         1 
_struct_ref.db_name                    PDB 
_struct_ref.db_code                    5V1K 
_struct_ref.pdbx_db_accession          5V1K 
_struct_ref.pdbx_db_isoform            ? 
_struct_ref.entity_id                  1 
_struct_ref.pdbx_seq_one_letter_code   ? 
_struct_ref.pdbx_align_begin           1 
# 
loop_
_struct_ref_seq.align_id 
_struct_ref_seq.ref_id 
_struct_ref_seq.pdbx_PDB_id_code 
_struct_ref_seq.pdbx_strand_id 
_struct_ref_seq.seq_align_beg 
_struct_ref_seq.pdbx_seq_align_beg_ins_code 
_struct_ref_seq.seq_align_end 
_struct_ref_seq.pdbx_seq_align_end_ins_code 
_struct_ref_seq.pdbx_db_accession 
_struct_ref_seq.db_align_beg 
_struct_ref_seq.pdbx_db_align_beg_ins_code 
_struct_ref_seq.db_align_end 
_struct_ref_seq.pdbx_db_align_end_ins_code 
_struct_ref_seq.pdbx_auth_seq_align_beg 
_struct_ref_seq.pdbx_auth_seq_align_end 
1 1 5V1K A 1 ? 12 ? 5V1K 101 ? 112 ? 101 112 
2 1 5V1K B 1 ? 12 ? 5V1K 201 ? 212 ? 201 212 
# 
_pdbx_struct_assembly.id                   1 
_pdbx_struct_assembly.details              author_and_software_defined_assembly 
_pdbx_struct_assembly.method_details       PISA 
_pdbx_struct_assembly.oligomeric_details   dimeric 
_pdbx_struct_assembly.oligomeric_count     2 
# 
loop_
_pdbx_struct_assembly_prop.biol_id 
_pdbx_struct_assembly_prop.type 
_pdbx_struct_assembly_prop.value 
_pdbx_struct_assembly_prop.details 
1 'ABSA (A^2)' 2430 ? 
1 MORE         9    ? 
1 'SSA (A^2)'  4260 ? 
# 
_pdbx_struct_assembly_gen.assembly_id       1 
_pdbx_struct_assembly_gen.oper_expression   1 
_pdbx_struct_assembly_gen.asym_id_list      A,B,C,D 
# 
_pdbx_struct_assembly_auth_evidence.id                     1 
_pdbx_struct_assembly_auth_evidence.assembly_id            1 
_pdbx_struct_assembly_auth_evidence.experimental_support   none 
_pdbx_struct_assembly_auth_evidence.details                ? 
# 
_pdbx_struct_oper_list.id                   1 
_pdbx_struct_oper_list.type                 'identity operation' 
_pdbx_struct_oper_list.name                 1_555 
_pdbx_struct_oper_list.symmetry_operation   x,y,z 
_pdbx_struct_oper_list.matrix[1][1]         1.0000000000 
_pdbx_struct_oper_list.matrix[1][2]         0.0000000000 
_pdbx_struct_oper_list.matrix[1][3]         0.0000000000 
_pdbx_struct_oper_list.vector[1]            0.0000000000 
_pdbx_struct_oper_list.matrix[2][1]         0.0000000000 
_pdbx_struct_oper_list.matrix[2][2]         1.0000000000 
_pdbx_struct_oper_list.matrix[2][3]         0.0000000000 
_pdbx_struct_oper_list.vector[2]            0.0000000000 
_pdbx_struct_oper_list.matrix[3][1]         0.0000000000 
_pdbx_struct_oper_list.matrix[3][2]         0.0000000000 
_pdbx_struct_oper_list.matrix[3][3]         1.0000000000 
_pdbx_struct_oper_list.vector[3]            0.0000000000 
# 
loop_
_struct_conn.id 
_struct_conn.conn_type_id 
_struct_conn.pdbx_leaving_atom_flag 
_struct_conn.pdbx_PDB_id 
_struct_conn.ptnr1_label_asym_id 
_struct_conn.ptnr1_label_comp_id 
_struct_conn.ptnr1_label_seq_id 
_struct_conn.ptnr1_label_atom_id 
_struct_conn.pdbx_ptnr1_label_alt_id 
_struct_conn.pdbx_ptnr1_PDB_ins_code 
_struct_conn.pdbx_ptnr1_standard_comp_id 
_struct_conn.ptnr1_symmetry 
_struct_conn.ptnr2_label_asym_id 
_struct_conn.ptnr2_label_comp_id 
_struct_conn.ptnr2_label_seq_id 
_struct_conn.ptnr2_label_atom_id 
_struct_conn.pdbx_ptnr2_label_alt_id 
_struct_conn.pdbx_ptnr2_PDB_ins_code 
_struct_conn.ptnr1_auth_asym_id 
_struct_conn.ptnr1_auth_comp_id 
_struct_conn.ptnr1_auth_seq_id 
_struct_conn.ptnr2_auth_asym_id 
_struct_conn.ptnr2_auth_comp_id 
_struct_conn.ptnr2_auth_seq_id 
_struct_conn.ptnr2_symmetry 
_struct_conn.pdbx_ptnr3_label_atom_id 
_struct_conn.pdbx_ptnr3_label_seq_id 
_struct_conn.pdbx_ptnr3_label_comp_id 
_struct_conn.pdbx_ptnr3_label_asym_id 
_struct_conn.pdbx_ptnr3_label_alt_id 
_struct_conn.pdbx_ptnr3_PDB_ins_code 
_struct_conn.details 
_struct_conn.pdbx_dist_value 
_struct_conn.pdbx_value_order 
_struct_conn.pdbx_role 
covale1  covale both ? A A   6  "O3'" ? ? ? 1_555 A 5BU 7  P  A ? A A   106 A 5BU 107 1_555 ? ? ? ? ? ? ?                       
1.615 ? ? 
covale2  covale both ? A A   6  "O3'" ? ? ? 1_555 A 5BU 7  P  B ? A A   106 A 5BU 107 1_555 ? ? ? ? ? ? ?                       
1.621 ? ? 
covale3  covale both ? A 5BU 7  "O3'" A ? ? 1_555 A 8RJ 8  P  A ? A 5BU 107 A 8RJ 108 1_555 ? ? ? ? ? ? ?                       
1.602 ? ? 
covale4  covale both ? A 5BU 7  "O3'" B ? ? 1_555 A 8RJ 8  P  B ? A 5BU 107 A 8RJ 108 1_555 ? ? ? ? ? ? ?                       
1.599 ? ? 
covale5  covale one  ? A 8RJ 8  O2G   ? ? ? 1_555 A A   9  P  ? ? A 8RJ 108 A A   109 1_555 ? ? ? ? ? ? ?                       
1.610 ? ? 
covale6  covale both ? B A   6  "O3'" ? ? ? 1_555 B 5BU 7  P  ? ? B A   206 B 5BU 207 1_555 ? ? ? ? ? ? ?                       
1.603 ? ? 
covale7  covale both ? B 5BU 7  "O3'" ? ? ? 1_555 B 8RJ 8  P  ? ? B 5BU 207 B 8RJ 208 1_555 ? ? ? ? ? ? ?                       
1.592 ? ? 
covale8  covale one  ? B 8RJ 8  O2G   ? ? ? 1_555 B A   9  P  ? ? B 8RJ 208 B A   209 1_555 ? ? ? ? ? ? ?                       
1.526 ? ? 
hydrog1  hydrog ?    ? A C   1  N3    ? ? ? 1_555 B G   12 N1 ? ? A C   101 B G   212 1_555 ? ? ? ? ? ? WATSON-CRICK            ? 
? ? 
hydrog2  hydrog ?    ? A C   1  N4    ? ? ? 1_555 B G   12 O6 ? ? A C   101 B G   212 1_555 ? ? ? ? ? ? WATSON-CRICK            ? 
? ? 
hydrog3  hydrog ?    ? A C   1  O2    ? ? ? 1_555 B G   12 N2 ? ? A C   101 B G   212 1_555 ? ? ? ? ? ? WATSON-CRICK            ? 
? ? 
hydrog4  hydrog ?    ? A G   2  N1    ? ? ? 1_555 B C   11 N3 ? ? A G   102 B C   211 1_555 ? ? ? ? ? ? WATSON-CRICK            ? 
? ? 
hydrog5  hydrog ?    ? A G   2  N2    ? ? ? 1_555 B C   11 O2 ? ? A G   102 B C   211 1_555 ? ? ? ? ? ? WATSON-CRICK            ? 
? ? 
hydrog6  hydrog ?    ? A G   2  O6    ? ? ? 1_555 B C   11 N4 ? ? A G   102 B C   211 1_555 ? ? ? ? ? ? WATSON-CRICK            ? 
? ? 
hydrog7  hydrog ?    ? A C   3  N3    ? ? ? 1_555 B G   10 N1 ? ? A C   103 B G   210 1_555 ? ? ? ? ? ? WATSON-CRICK            ? 
? ? 
hydrog8  hydrog ?    ? A C   3  N4    ? ? ? 1_555 B G   10 O6 ? ? A C   103 B G   210 1_555 ? ? ? ? ? ? WATSON-CRICK            ? 
? ? 
hydrog9  hydrog ?    ? A C   3  O2    ? ? ? 1_555 B G   10 N2 ? ? A C   103 B G   210 1_555 ? ? ? ? ? ? WATSON-CRICK            ? 
? ? 
hydrog10 hydrog ?    ? A G   4  N2    ? ? ? 1_555 B A   9  N7 ? ? A G   104 B A   209 1_555 ? ? ? ? ? ? TYPE_11_PAIR            ? 
? ? 
hydrog11 hydrog ?    ? A G   4  N3    ? ? ? 1_555 B A   9  N6 ? ? A G   104 B A   209 1_555 ? ? ? ? ? ? TYPE_11_PAIR            ? 
? ? 
hydrog12 hydrog ?    ? A A   5  N6    ? ? ? 1_555 B 5BU 7  O2 ? ? A A   105 B 5BU 207 1_555 ? ? ? ? ? ? 'A-5BU MISPAIR'         ? 
? ? 
hydrog13 hydrog ?    ? A A   5  N1    ? ? ? 1_555 B 8RJ 8  N3 ? ? A A   105 B 8RJ 208 1_555 ? ? ? ? ? ? 'REVERSED WATSON-CRICK' ? 
? ? 
hydrog14 hydrog ?    ? A A   5  N6    ? ? ? 1_555 B 8RJ 8  O2 ? ? A A   105 B 8RJ 208 1_555 ? ? ? ? ? ? 'REVERSED WATSON-CRICK' ? 
? ? 
hydrog15 hydrog ?    ? A 5BU 7  N3    A ? ? 1_555 B A   6  N1 ? ? A 5BU 107 B A   206 1_555 ? ? ? ? ? ? WATSON-CRICK            ? 
? ? 
hydrog16 hydrog ?    ? A 5BU 7  N3    B ? ? 1_555 B A   6  N1 ? ? A 5BU 107 B A   206 1_555 ? ? ? ? ? ? WATSON-CRICK            ? 
? ? 
hydrog17 hydrog ?    ? A 5BU 7  O4    A ? ? 1_555 B A   6  N6 ? ? A 5BU 107 B A   206 1_555 ? ? ? ? ? ? WATSON-CRICK            ? 
? ? 
hydrog18 hydrog ?    ? A 5BU 7  O4    B ? ? 1_555 B A   6  N6 ? ? A 5BU 107 B A   206 1_555 ? ? ? ? ? ? WATSON-CRICK            ? 
? ? 
hydrog19 hydrog ?    ? A 8RJ 8  N3    ? ? ? 1_555 B A   5  N1 ? ? A 8RJ 108 B A   205 1_555 ? ? ? ? ? ? 'REVERSED WATSON-CRICK' ? 
? ? 
hydrog20 hydrog ?    ? A 8RJ 8  O2    ? ? ? 1_555 B A   5  N6 ? ? A 8RJ 108 B A   205 1_555 ? ? ? ? ? ? 'REVERSED WATSON-CRICK' ? 
? ? 
hydrog21 hydrog ?    ? A A   9  N6    ? ? ? 1_555 B G   4  N3 ? ? A A   109 B G   204 1_555 ? ? ? ? ? ? TYPE_11_PAIR            ? 
? ? 
hydrog22 hydrog ?    ? A A   9  N7    ? ? ? 1_555 B G   4  N2 ? ? A A   109 B G   204 1_555 ? ? ? ? ? ? TYPE_11_PAIR            ? 
? ? 
hydrog23 hydrog ?    ? A G   10 N1    ? ? ? 1_555 B C   3  N3 ? ? A G   110 B C   203 1_555 ? ? ? ? ? ? WATSON-CRICK            ? 
? ? 
hydrog24 hydrog ?    ? A G   10 N2    ? ? ? 1_555 B C   3  O2 ? ? A G   110 B C   203 1_555 ? ? ? ? ? ? WATSON-CRICK            ? 
? ? 
hydrog25 hydrog ?    ? A G   10 O6    ? ? ? 1_555 B C   3  N4 ? ? A G   110 B C   203 1_555 ? ? ? ? ? ? WATSON-CRICK            ? 
? ? 
hydrog26 hydrog ?    ? A C   11 N3    ? ? ? 1_555 B G   2  N1 ? ? A C   111 B G   202 1_555 ? ? ? ? ? ? WATSON-CRICK            ? 
? ? 
hydrog27 hydrog ?    ? A C   11 N4    ? ? ? 1_555 B G   2  O6 ? ? A C   111 B G   202 1_555 ? ? ? ? ? ? WATSON-CRICK            ? 
? ? 
hydrog28 hydrog ?    ? A C   11 O2    ? ? ? 1_555 B G   2  N2 ? ? A C   111 B G   202 1_555 ? ? ? ? ? ? WATSON-CRICK            ? 
? ? 
hydrog29 hydrog ?    ? A G   12 N1    ? ? ? 1_555 B C   1  N3 ? ? A G   112 B C   201 1_555 ? ? ? ? ? ? WATSON-CRICK            ? 
? ? 
hydrog30 hydrog ?    ? A G   12 N2    ? ? ? 1_555 B C   1  O2 ? ? A G   112 B C   201 1_555 ? ? ? ? ? ? WATSON-CRICK            ? 
? ? 
hydrog31 hydrog ?    ? A G   12 O6    ? ? ? 1_555 B C   1  N4 ? ? A G   112 B C   201 1_555 ? ? ? ? ? ? WATSON-CRICK            ? 
? ? 
# 
loop_
_struct_conn_type.id 
_struct_conn_type.criteria 
_struct_conn_type.reference 
covale ? ? 
hydrog ? ? 
# 
loop_
_pdbx_validate_rmsd_bond.id 
_pdbx_validate_rmsd_bond.PDB_model_num 
_pdbx_validate_rmsd_bond.auth_atom_id_1 
_pdbx_validate_rmsd_bond.auth_asym_id_1 
_pdbx_validate_rmsd_bond.auth_comp_id_1 
_pdbx_validate_rmsd_bond.auth_seq_id_1 
_pdbx_validate_rmsd_bond.PDB_ins_code_1 
_pdbx_validate_rmsd_bond.label_alt_id_1 
_pdbx_validate_rmsd_bond.auth_atom_id_2 
_pdbx_validate_rmsd_bond.auth_asym_id_2 
_pdbx_validate_rmsd_bond.auth_comp_id_2 
_pdbx_validate_rmsd_bond.auth_seq_id_2 
_pdbx_validate_rmsd_bond.PDB_ins_code_2 
_pdbx_validate_rmsd_bond.label_alt_id_2 
_pdbx_validate_rmsd_bond.bond_value 
_pdbx_validate_rmsd_bond.bond_target_value 
_pdbx_validate_rmsd_bond.bond_deviation 
_pdbx_validate_rmsd_bond.bond_standard_deviation 
_pdbx_validate_rmsd_bond.linker_flag 
1 1 "C2'" A A 105 ? ? "O2'" A A 105 ? ? 1.533 1.420 0.113  0.010 N 
2 1 P     A A 106 ? ? OP1   A A 106 ? ? 1.615 1.485 0.130  0.017 N 
3 1 P     A A 109 ? ? OP1   A A 109 ? ? 1.353 1.485 -0.132 0.017 N 
4 1 "C2'" B A 205 ? ? "O2'" B A 205 ? ? 1.507 1.420 0.087  0.010 N 
5 1 "C2'" B C 211 ? ? "O2'" B C 211 ? ? 1.499 1.420 0.079  0.010 N 
# 
loop_
_pdbx_validate_rmsd_angle.id 
_pdbx_validate_rmsd_angle.PDB_model_num 
_pdbx_validate_rmsd_angle.auth_atom_id_1 
_pdbx_validate_rmsd_angle.auth_asym_id_1 
_pdbx_validate_rmsd_angle.auth_comp_id_1 
_pdbx_validate_rmsd_angle.auth_seq_id_1 
_pdbx_validate_rmsd_angle.PDB_ins_code_1 
_pdbx_validate_rmsd_angle.label_alt_id_1 
_pdbx_validate_rmsd_angle.auth_atom_id_2 
_pdbx_validate_rmsd_angle.auth_asym_id_2 
_pdbx_validate_rmsd_angle.auth_comp_id_2 
_pdbx_validate_rmsd_angle.auth_seq_id_2 
_pdbx_validate_rmsd_angle.PDB_ins_code_2 
_pdbx_validate_rmsd_angle.label_alt_id_2 
_pdbx_validate_rmsd_angle.auth_atom_id_3 
_pdbx_validate_rmsd_angle.auth_asym_id_3 
_pdbx_validate_rmsd_angle.auth_comp_id_3 
_pdbx_validate_rmsd_angle.auth_seq_id_3 
_pdbx_validate_rmsd_angle.PDB_ins_code_3 
_pdbx_validate_rmsd_angle.label_alt_id_3 
_pdbx_validate_rmsd_angle.angle_value 
_pdbx_validate_rmsd_angle.angle_target_value 
_pdbx_validate_rmsd_angle.angle_deviation 
_pdbx_validate_rmsd_angle.angle_standard_deviation 
_pdbx_validate_rmsd_angle.linker_flag 
1 1 N7    A A 106 ? ? C8 A A   106 ? ? N9  A A   106 ? ? 110.60 113.80 -3.20 0.50 N 
2 1 "O3'" A A 106 ? ? P  A 5BU 107 ? A OP2 A 5BU 107 ? A 120.60 110.50 10.10 1.10 Y 
3 1 C5    A G 110 ? ? C6 A G   110 ? ? O6  A G   110 ? ? 124.23 128.60 -4.37 0.60 N 
# 
loop_
_pdbx_distant_solvent_atoms.id 
_pdbx_distant_solvent_atoms.PDB_model_num 
_pdbx_distant_solvent_atoms.auth_atom_id 
_pdbx_distant_solvent_atoms.label_alt_id 
_pdbx_distant_solvent_atoms.auth_asym_id 
_pdbx_distant_solvent_atoms.auth_comp_id 
_pdbx_distant_solvent_atoms.auth_seq_id 
_pdbx_distant_solvent_atoms.PDB_ins_code 
_pdbx_distant_solvent_atoms.neighbor_macromolecule_distance 
_pdbx_distant_solvent_atoms.neighbor_ligand_distance 
1 1 O ? A HOH 270 ? 6.01  . 
2 1 O ? B HOH 395 ? 5.99  . 
3 1 O ? B HOH 396 ? 6.24  . 
4 1 O ? B HOH 397 ? 6.29  . 
5 1 O ? B HOH 398 ? 7.10  . 
6 1 O ? B HOH 399 ? 7.99  . 
7 1 O ? B HOH 400 ? 10.23 . 
# 
loop_
_chem_comp_atom.comp_id 
_chem_comp_atom.atom_id 
_chem_comp_atom.type_symbol 
_chem_comp_atom.pdbx_aromatic_flag 
_chem_comp_atom.pdbx_stereo_config 
_chem_comp_atom.pdbx_ordinal 
5BU P      P  N N 1   
5BU OP1    O  N N 2   
5BU OP2    O  N N 3   
5BU OP3    O  N N 4   
5BU "O5'"  O  N N 5   
5BU "C5'"  C  N N 6   
5BU "C4'"  C  N R 7   
5BU "O4'"  O  N N 8   
5BU "C3'"  C  N S 9   
5BU "O3'"  O  N N 10  
5BU "C2'"  C  N R 11  
5BU "O2'"  O  N N 12  
5BU "C1'"  C  N R 13  
5BU N1     N  N N 14  
5BU C2     C  N N 15  
5BU O2     O  N N 16  
5BU N3     N  N N 17  
5BU C4     C  N N 18  
5BU O4     O  N N 19  
5BU C5     C  N N 20  
5BU C6     C  N N 21  
5BU BR     BR N N 22  
5BU HOP2   H  N N 23  
5BU HOP3   H  N N 24  
5BU "H5'"  H  N N 25  
5BU "H5''" H  N N 26  
5BU "H4'"  H  N N 27  
5BU "H3'"  H  N N 28  
5BU "HO3'" H  N N 29  
5BU "H2'"  H  N N 30  
5BU "HO2'" H  N N 31  
5BU "H1'"  H  N N 32  
5BU H3     H  N N 33  
5BU H6     H  N N 34  
8RJ P      P  N N 35  
8RJ OP2    O  N N 36  
8RJ O1     O  N N 37  
8RJ "O5'"  O  N N 38  
8RJ O4     O  N N 39  
8RJ C4     C  N N 40  
8RJ N3     N  N N 41  
8RJ C2     C  N N 42  
8RJ O2     O  N N 43  
8RJ C5     C  N N 44  
8RJ C5M    C  N N 45  
8RJ C6     C  N N 46  
8RJ N1     N  N N 47  
8RJ C1G    C  N N 48  
8RJ C2G    C  N R 49  
8RJ O2G    O  N N 50  
8RJ C3G    C  N N 51  
8RJ OP3    O  N N 52  
8RJ HOP2   H  N N 53  
8RJ H2     H  N N 54  
8RJ H3     H  N N 55  
8RJ H4     H  N N 56  
8RJ H5     H  N N 57  
8RJ H6     H  N N 58  
8RJ H7     H  N N 59  
8RJ H8     H  N N 60  
8RJ H9     H  N N 61  
8RJ H10    H  N N 62  
8RJ H11    H  N N 63  
8RJ H12    H  N N 64  
8RJ HOP3   H  N N 65  
A   OP3    O  N N 66  
A   P      P  N N 67  
A   OP1    O  N N 68  
A   OP2    O  N N 69  
A   "O5'"  O  N N 70  
A   "C5'"  C  N N 71  
A   "C4'"  C  N R 72  
A   "O4'"  O  N N 73  
A   "C3'"  C  N S 74  
A   "O3'"  O  N N 75  
A   "C2'"  C  N R 76  
A   "O2'"  O  N N 77  
A   "C1'"  C  N R 78  
A   N9     N  Y N 79  
A   C8     C  Y N 80  
A   N7     N  Y N 81  
A   C5     C  Y N 82  
A   C6     C  Y N 83  
A   N6     N  N N 84  
A   N1     N  Y N 85  
A   C2     C  Y N 86  
A   N3     N  Y N 87  
A   C4     C  Y N 88  
A   HOP3   H  N N 89  
A   HOP2   H  N N 90  
A   "H5'"  H  N N 91  
A   "H5''" H  N N 92  
A   "H4'"  H  N N 93  
A   "H3'"  H  N N 94  
A   "HO3'" H  N N 95  
A   "H2'"  H  N N 96  
A   "HO2'" H  N N 97  
A   "H1'"  H  N N 98  
A   H8     H  N N 99  
A   H61    H  N N 100 
A   H62    H  N N 101 
A   H2     H  N N 102 
C   OP3    O  N N 103 
C   P      P  N N 104 
C   OP1    O  N N 105 
C   OP2    O  N N 106 
C   "O5'"  O  N N 107 
C   "C5'"  C  N N 108 
C   "C4'"  C  N R 109 
C   "O4'"  O  N N 110 
C   "C3'"  C  N S 111 
C   "O3'"  O  N N 112 
C   "C2'"  C  N R 113 
C   "O2'"  O  N N 114 
C   "C1'"  C  N R 115 
C   N1     N  N N 116 
C   C2     C  N N 117 
C   O2     O  N N 118 
C   N3     N  N N 119 
C   C4     C  N N 120 
C   N4     N  N N 121 
C   C5     C  N N 122 
C   C6     C  N N 123 
C   HOP3   H  N N 124 
C   HOP2   H  N N 125 
C   "H5'"  H  N N 126 
C   "H5''" H  N N 127 
C   "H4'"  H  N N 128 
C   "H3'"  H  N N 129 
C   "HO3'" H  N N 130 
C   "H2'"  H  N N 131 
C   "HO2'" H  N N 132 
C   "H1'"  H  N N 133 
C   H41    H  N N 134 
C   H42    H  N N 135 
C   H5     H  N N 136 
C   H6     H  N N 137 
G   OP3    O  N N 138 
G   P      P  N N 139 
G   OP1    O  N N 140 
G   OP2    O  N N 141 
G   "O5'"  O  N N 142 
G   "C5'"  C  N N 143 
G   "C4'"  C  N R 144 
G   "O4'"  O  N N 145 
G   "C3'"  C  N S 146 
G   "O3'"  O  N N 147 
G   "C2'"  C  N R 148 
G   "O2'"  O  N N 149 
G   "C1'"  C  N R 150 
G   N9     N  Y N 151 
G   C8     C  Y N 152 
G   N7     N  Y N 153 
G   C5     C  Y N 154 
G   C6     C  N N 155 
G   O6     O  N N 156 
G   N1     N  N N 157 
G   C2     C  N N 158 
G   N2     N  N N 159 
G   N3     N  N N 160 
G   C4     C  Y N 161 
G   HOP3   H  N N 162 
G   HOP2   H  N N 163 
G   "H5'"  H  N N 164 
G   "H5''" H  N N 165 
G   "H4'"  H  N N 166 
G   "H3'"  H  N N 167 
G   "HO3'" H  N N 168 
G   "H2'"  H  N N 169 
G   "HO2'" H  N N 170 
G   "H1'"  H  N N 171 
G   H8     H  N N 172 
G   H1     H  N N 173 
G   H21    H  N N 174 
G   H22    H  N N 175 
HOH O      O  N N 176 
HOH H1     H  N N 177 
HOH H2     H  N N 178 
# 
loop_
_chem_comp_bond.comp_id 
_chem_comp_bond.atom_id_1 
_chem_comp_bond.atom_id_2 
_chem_comp_bond.value_order 
_chem_comp_bond.pdbx_aromatic_flag 
_chem_comp_bond.pdbx_stereo_config 
_chem_comp_bond.pdbx_ordinal 
5BU P     OP1    doub N N 1   
5BU P     OP2    sing N N 2   
5BU P     OP3    sing N N 3   
5BU P     "O5'"  sing N N 4   
5BU OP2   HOP2   sing N N 5   
5BU OP3   HOP3   sing N N 6   
5BU "O5'" "C5'"  sing N N 7   
5BU "C5'" "C4'"  sing N N 8   
5BU "C5'" "H5'"  sing N N 9   
5BU "C5'" "H5''" sing N N 10  
5BU "C4'" "O4'"  sing N N 11  
5BU "C4'" "C3'"  sing N N 12  
5BU "C4'" "H4'"  sing N N 13  
5BU "O4'" "C1'"  sing N N 14  
5BU "C3'" "O3'"  sing N N 15  
5BU "C3'" "C2'"  sing N N 16  
5BU "C3'" "H3'"  sing N N 17  
5BU "O3'" "HO3'" sing N N 18  
5BU "C2'" "O2'"  sing N N 19  
5BU "C2'" "C1'"  sing N N 20  
5BU "C2'" "H2'"  sing N N 21  
5BU "O2'" "HO2'" sing N N 22  
5BU "C1'" N1     sing N N 23  
5BU "C1'" "H1'"  sing N N 24  
5BU N1    C2     sing N N 25  
5BU N1    C6     sing N N 26  
5BU C2    O2     doub N N 27  
5BU C2    N3     sing N N 28  
5BU N3    C4     sing N N 29  
5BU N3    H3     sing N N 30  
5BU C4    O4     doub N N 31  
5BU C4    C5     sing N N 32  
5BU C5    C6     doub N N 33  
5BU C5    BR     sing N N 34  
5BU C6    H6     sing N N 35  
8RJ O1    P      doub N N 36  
8RJ OP2   P      sing N N 37  
8RJ P     "O5'"  sing N N 38  
8RJ "O5'" C3G    sing N N 39  
8RJ C3G   C2G    sing N N 40  
8RJ O2G   C2G    sing N N 41  
8RJ C2G   C1G    sing N N 42  
8RJ C1G   N1     sing N N 43  
8RJ O2    C2     doub N N 44  
8RJ N1    C2     sing N N 45  
8RJ N1    C6     sing N N 46  
8RJ C2    N3     sing N N 47  
8RJ C6    C5     doub N N 48  
8RJ N3    C4     sing N N 49  
8RJ C5    C4     sing N N 50  
8RJ C5    C5M    sing N N 51  
8RJ C4    O4     doub N N 52  
8RJ P     OP3    sing N N 53  
8RJ OP2   HOP2   sing N N 54  
8RJ N3    H2     sing N N 55  
8RJ C5M   H3     sing N N 56  
8RJ C5M   H4     sing N N 57  
8RJ C5M   H5     sing N N 58  
8RJ C6    H6     sing N N 59  
8RJ C1G   H7     sing N N 60  
8RJ C1G   H8     sing N N 61  
8RJ C2G   H9     sing N N 62  
8RJ O2G   H10    sing N N 63  
8RJ C3G   H11    sing N N 64  
8RJ C3G   H12    sing N N 65  
8RJ OP3   HOP3   sing N N 66  
A   OP3   P      sing N N 67  
A   OP3   HOP3   sing N N 68  
A   P     OP1    doub N N 69  
A   P     OP2    sing N N 70  
A   P     "O5'"  sing N N 71  
A   OP2   HOP2   sing N N 72  
A   "O5'" "C5'"  sing N N 73  
A   "C5'" "C4'"  sing N N 74  
A   "C5'" "H5'"  sing N N 75  
A   "C5'" "H5''" sing N N 76  
A   "C4'" "O4'"  sing N N 77  
A   "C4'" "C3'"  sing N N 78  
A   "C4'" "H4'"  sing N N 79  
A   "O4'" "C1'"  sing N N 80  
A   "C3'" "O3'"  sing N N 81  
A   "C3'" "C2'"  sing N N 82  
A   "C3'" "H3'"  sing N N 83  
A   "O3'" "HO3'" sing N N 84  
A   "C2'" "O2'"  sing N N 85  
A   "C2'" "C1'"  sing N N 86  
A   "C2'" "H2'"  sing N N 87  
A   "O2'" "HO2'" sing N N 88  
A   "C1'" N9     sing N N 89  
A   "C1'" "H1'"  sing N N 90  
A   N9    C8     sing Y N 91  
A   N9    C4     sing Y N 92  
A   C8    N7     doub Y N 93  
A   C8    H8     sing N N 94  
A   N7    C5     sing Y N 95  
A   C5    C6     sing Y N 96  
A   C5    C4     doub Y N 97  
A   C6    N6     sing N N 98  
A   C6    N1     doub Y N 99  
A   N6    H61    sing N N 100 
A   N6    H62    sing N N 101 
A   N1    C2     sing Y N 102 
A   C2    N3     doub Y N 103 
A   C2    H2     sing N N 104 
A   N3    C4     sing Y N 105 
C   OP3   P      sing N N 106 
C   OP3   HOP3   sing N N 107 
C   P     OP1    doub N N 108 
C   P     OP2    sing N N 109 
C   P     "O5'"  sing N N 110 
C   OP2   HOP2   sing N N 111 
C   "O5'" "C5'"  sing N N 112 
C   "C5'" "C4'"  sing N N 113 
C   "C5'" "H5'"  sing N N 114 
C   "C5'" "H5''" sing N N 115 
C   "C4'" "O4'"  sing N N 116 
C   "C4'" "C3'"  sing N N 117 
C   "C4'" "H4'"  sing N N 118 
C   "O4'" "C1'"  sing N N 119 
C   "C3'" "O3'"  sing N N 120 
C   "C3'" "C2'"  sing N N 121 
C   "C3'" "H3'"  sing N N 122 
C   "O3'" "HO3'" sing N N 123 
C   "C2'" "O2'"  sing N N 124 
C   "C2'" "C1'"  sing N N 125 
C   "C2'" "H2'"  sing N N 126 
C   "O2'" "HO2'" sing N N 127 
C   "C1'" N1     sing N N 128 
C   "C1'" "H1'"  sing N N 129 
C   N1    C2     sing N N 130 
C   N1    C6     sing N N 131 
C   C2    O2     doub N N 132 
C   C2    N3     sing N N 133 
C   N3    C4     doub N N 134 
C   C4    N4     sing N N 135 
C   C4    C5     sing N N 136 
C   N4    H41    sing N N 137 
C   N4    H42    sing N N 138 
C   C5    C6     doub N N 139 
C   C5    H5     sing N N 140 
C   C6    H6     sing N N 141 
G   OP3   P      sing N N 142 
G   OP3   HOP3   sing N N 143 
G   P     OP1    doub N N 144 
G   P     OP2    sing N N 145 
G   P     "O5'"  sing N N 146 
G   OP2   HOP2   sing N N 147 
G   "O5'" "C5'"  sing N N 148 
G   "C5'" "C4'"  sing N N 149 
G   "C5'" "H5'"  sing N N 150 
G   "C5'" "H5''" sing N N 151 
G   "C4'" "O4'"  sing N N 152 
G   "C4'" "C3'"  sing N N 153 
G   "C4'" "H4'"  sing N N 154 
G   "O4'" "C1'"  sing N N 155 
G   "C3'" "O3'"  sing N N 156 
G   "C3'" "C2'"  sing N N 157 
G   "C3'" "H3'"  sing N N 158 
G   "O3'" "HO3'" sing N N 159 
G   "C2'" "O2'"  sing N N 160 
G   "C2'" "C1'"  sing N N 161 
G   "C2'" "H2'"  sing N N 162 
G   "O2'" "HO2'" sing N N 163 
G   "C1'" N9     sing N N 164 
G   "C1'" "H1'"  sing N N 165 
G   N9    C8     sing Y N 166 
G   N9    C4     sing Y N 167 
G   C8    N7     doub Y N 168 
G   C8    H8     sing N N 169 
G   N7    C5     sing Y N 170 
G   C5    C6     sing N N 171 
G   C5    C4     doub Y N 172 
G   C6    O6     doub N N 173 
G   C6    N1     sing N N 174 
G   N1    C2     sing N N 175 
G   N1    H1     sing N N 176 
G   C2    N2     sing N N 177 
G   C2    N3     doub N N 178 
G   N2    H21    sing N N 179 
G   N2    H22    sing N N 180 
G   N3    C4     sing N N 181 
HOH O     H1     sing N N 182 
HOH O     H2     sing N N 183 
# 
_ndb_struct_conf_na.entry_id   5V1K 
_ndb_struct_conf_na.feature    'double helix' 
# 
loop_
_ndb_struct_na_base_pair.model_number 
_ndb_struct_na_base_pair.i_label_asym_id 
_ndb_struct_na_base_pair.i_label_comp_id 
_ndb_struct_na_base_pair.i_label_seq_id 
_ndb_struct_na_base_pair.i_symmetry 
_ndb_struct_na_base_pair.j_label_asym_id 
_ndb_struct_na_base_pair.j_label_comp_id 
_ndb_struct_na_base_pair.j_label_seq_id 
_ndb_struct_na_base_pair.j_symmetry 
_ndb_struct_na_base_pair.shear 
_ndb_struct_na_base_pair.stretch 
_ndb_struct_na_base_pair.stagger 
_ndb_struct_na_base_pair.buckle 
_ndb_struct_na_base_pair.propeller 
_ndb_struct_na_base_pair.opening 
_ndb_struct_na_base_pair.pair_number 
_ndb_struct_na_base_pair.pair_name 
_ndb_struct_na_base_pair.i_auth_asym_id 
_ndb_struct_na_base_pair.i_auth_seq_id 
_ndb_struct_na_base_pair.i_PDB_ins_code 
_ndb_struct_na_base_pair.j_auth_asym_id 
_ndb_struct_na_base_pair.j_auth_seq_id 
_ndb_struct_na_base_pair.j_PDB_ins_code 
_ndb_struct_na_base_pair.hbond_type_28 
_ndb_struct_na_base_pair.hbond_type_12 
1 A C   1  1_555 B G   12 1_555 0.091  -0.104 0.037  7.088  -8.200  -0.500   1  A_C101:G212_B   A 101 ? B 212 ? 19 1  
1 A G   2  1_555 B C   11 1_555 -0.179 -0.135 -0.093 -2.281 -13.257 0.795    2  A_G102:C211_B   A 102 ? B 211 ? 19 1  
1 A C   3  1_555 B G   10 1_555 0.267  -0.165 0.030  -3.087 -10.228 0.459    3  A_C103:G210_B   A 103 ? B 210 ? 19 1  
1 A G   4  1_555 B A   9  1_555 6.881  -4.282 0.160  -1.563 -8.009  -6.018   4  A_G104:A209_B   A 104 ? B 209 ? 11 10 
1 A A   5  1_555 B 8RJ 8  1_555 0.120  1.139  -0.122 5.376  -8.746  170.792  5  A_A105:8RJ208_B A 105 ? B 208 ? 21 ?  
1 A 5BU 7  1_555 B A   6  1_555 0.167  0.049  0.418  3.462  -6.419  -2.053   6  A_5BU107:A206_B A 107 ? B 206 ? 20 1  
1 A 8RJ 8  1_555 B A   5  1_555 -0.064 -1.118 0.145  -4.077 11.817  -173.646 7  A_8RJ108:A205_B A 108 ? B 205 ? 21 ?  
1 A A   9  1_555 B G   4  1_555 -6.841 -4.298 0.112  4.619  -10.783 -5.349   8  A_A109:G204_B   A 109 ? B 204 ? 11 10 
1 A G   10 1_555 B C   3  1_555 -0.279 -0.173 -0.008 2.370  -10.070 -0.750   9  A_G110:C203_B   A 110 ? B 203 ? 19 1  
1 A C   11 1_555 B G   2  1_555 0.108  -0.137 0.017  1.455  -12.769 -0.471   10 A_C111:G202_B   A 111 ? B 202 ? 19 1  
1 A G   12 1_555 B C   1  1_555 -0.148 -0.109 0.086  -5.614 -9.228  -1.194   11 A_G112:C201_B   A 112 ? B 201 ? 19 1  
# 
loop_
_ndb_struct_na_base_pair_step.model_number 
_ndb_struct_na_base_pair_step.i_label_asym_id_1 
_ndb_struct_na_base_pair_step.i_label_comp_id_1 
_ndb_struct_na_base_pair_step.i_label_seq_id_1 
_ndb_struct_na_base_pair_step.i_symmetry_1 
_ndb_struct_na_base_pair_step.j_label_asym_id_1 
_ndb_struct_na_base_pair_step.j_label_comp_id_1 
_ndb_struct_na_base_pair_step.j_label_seq_id_1 
_ndb_struct_na_base_pair_step.j_symmetry_1 
_ndb_struct_na_base_pair_step.i_label_asym_id_2 
_ndb_struct_na_base_pair_step.i_label_comp_id_2 
_ndb_struct_na_base_pair_step.i_label_seq_id_2 
_ndb_struct_na_base_pair_step.i_symmetry_2 
_ndb_struct_na_base_pair_step.j_label_asym_id_2 
_ndb_struct_na_base_pair_step.j_label_comp_id_2 
_ndb_struct_na_base_pair_step.j_label_seq_id_2 
_ndb_struct_na_base_pair_step.j_symmetry_2 
_ndb_struct_na_base_pair_step.shift 
_ndb_struct_na_base_pair_step.slide 
_ndb_struct_na_base_pair_step.rise 
_ndb_struct_na_base_pair_step.tilt 
_ndb_struct_na_base_pair_step.roll 
_ndb_struct_na_base_pair_step.twist 
_ndb_struct_na_base_pair_step.x_displacement 
_ndb_struct_na_base_pair_step.y_displacement 
_ndb_struct_na_base_pair_step.helical_rise 
_ndb_struct_na_base_pair_step.inclination 
_ndb_struct_na_base_pair_step.tip 
_ndb_struct_na_base_pair_step.helical_twist 
_ndb_struct_na_base_pair_step.step_number 
_ndb_struct_na_base_pair_step.step_name 
_ndb_struct_na_base_pair_step.i_auth_asym_id_1 
_ndb_struct_na_base_pair_step.i_auth_seq_id_1 
_ndb_struct_na_base_pair_step.i_PDB_ins_code_1 
_ndb_struct_na_base_pair_step.j_auth_asym_id_1 
_ndb_struct_na_base_pair_step.j_auth_seq_id_1 
_ndb_struct_na_base_pair_step.j_PDB_ins_code_1 
_ndb_struct_na_base_pair_step.i_auth_asym_id_2 
_ndb_struct_na_base_pair_step.i_auth_seq_id_2 
_ndb_struct_na_base_pair_step.i_PDB_ins_code_2 
_ndb_struct_na_base_pair_step.j_auth_asym_id_2 
_ndb_struct_na_base_pair_step.j_auth_seq_id_2 
_ndb_struct_na_base_pair_step.j_PDB_ins_code_2 
1 A C   1  1_555 B G 12 1_555 A G   2  1_555 B C   11 1_555 0.188  -1.711 3.421  -0.279  8.790    32.212  -4.409 -0.374 2.866 
15.485  0.492   33.361  1 AA_C101G102:C211G212_BB     A 101 ? B 212 ? A 102 ? B 211 ? 
1 A G   2  1_555 B C 11 1_555 A C   3  1_555 B G   10 1_555 -0.107 -1.881 3.337  -1.648  0.419    31.288  -3.563 -0.117 3.314 
0.777   3.054   31.333  2 AA_G102C103:G210C211_BB     A 102 ? B 211 ? A 103 ? B 210 ? 
1 A C   3  1_555 B G 10 1_555 A G   4  1_555 B A   9  1_555 -0.119 -0.847 3.429  2.831   4.008    63.758  -0.981 0.240  3.369 
3.788   -2.676  63.926  3 AA_C103G104:A209G210_BB     A 103 ? B 210 ? A 104 ? B 209 ? 
1 A G   4  1_555 B A 9  1_555 A A   5  1_555 B 8RJ 8  1_555 -0.427 -4.324 3.156  -0.569  8.753    -96.937 2.733  -0.294 3.439 
-5.837  -0.380  -97.234 4 AA_G104A105:8RJ208A209_BB   A 104 ? B 209 ? A 105 ? B 208 ? 
1 A 5BU 7  1_555 B A 6  1_555 A 8RJ 8  1_555 B A   5  1_555 2.214  -2.657 2.820  -67.377 -156.435 79.370  -0.075 -1.650 3.006 
-79.819 34.378  172.560 5 AA_5BU1078RJ108:A205A206_BB A 107 ? B 206 ? A 108 ? B 205 ? 
1 A 8RJ 8  1_555 B A 5  1_555 A A   9  1_555 B G   4  1_555 5.304  1.194  -0.329 110.131 132.736  159.714 0.593  -2.649 0.432 
66.413  -55.103 178.676 6 AA_8RJ108A109:G204A205_BB   A 108 ? B 205 ? A 109 ? B 204 ? 
1 A A   9  1_555 B G 4  1_555 A G   10 1_555 B C   3  1_555 0.047  -0.881 3.526  -3.245  3.993    64.214  -1.009 -0.191 3.466 
3.750   3.048   64.398  7 AA_A109G110:C203G204_BB     A 109 ? B 204 ? A 110 ? B 203 ? 
1 A G   10 1_555 B C 3  1_555 A C   11 1_555 B G   2  1_555 0.154  -1.875 3.420  0.860   -0.060   30.939  -3.501 -0.114 3.426 
-0.112  -1.612  30.951  8 AA_G110C111:G202C203_BB     A 110 ? B 203 ? A 111 ? B 202 ? 
1 A C   11 1_555 B G 2  1_555 A G   12 1_555 B C   1  1_555 -0.227 -1.687 3.329  0.772   7.883    33.115  -4.089 0.506  2.858 
13.589  -1.331  34.023  9 AA_C111G112:C201G202_BB     A 111 ? B 202 ? A 112 ? B 201 ? 
# 
_atom_sites.entry_id                    5V1K 
_atom_sites.fract_transf_matrix[1][1]   -0.01122591 
_atom_sites.fract_transf_matrix[1][2]   0.02041806 
_atom_sites.fract_transf_matrix[1][3]   -0.03983970 
_atom_sites.fract_transf_matrix[2][1]   0.01116534 
_atom_sites.fract_transf_matrix[2][2]   -0.03947458 
_atom_sites.fract_transf_matrix[2][3]   -0.00421843 
_atom_sites.fract_transf_matrix[3][1]   -0.03540758 
_atom_sites.fract_transf_matrix[3][2]   0.00045822 
_atom_sites.fract_transf_matrix[3][3]   0.00702675 
_atom_sites.fract_transf_vector[1]      0.979717 
_atom_sites.fract_transf_vector[2]      0.985561 
_atom_sites.fract_transf_vector[3]      0.787647 
# 
loop_
_atom_type.symbol 
B  
BR 
C  
N  
O  
P  
# 
loop_
_atom_site.group_PDB 
_atom_site.id 
_atom_site.type_symbol 
_atom_site.label_atom_id 
_atom_site.label_alt_id 
_atom_site.label_comp_id 
_atom_site.label_asym_id 
_atom_site.label_entity_id 
_atom_site.label_seq_id 
_atom_site.pdbx_PDB_ins_code 
_atom_site.Cartn_x 
_atom_site.Cartn_y 
_atom_site.Cartn_z 
_atom_site.occupancy 
_atom_site.B_iso_or_equiv 
_atom_site.pdbx_formal_charge 
_atom_site.auth_seq_id 
_atom_site.auth_comp_id 
_atom_site.auth_asym_id 
_atom_site.auth_atom_id 
_atom_site.pdbx_PDB_model_num 
ATOM   1   O  "O5'" . C   A 1 1  ? -15.985 0.886   -2.491  1.000 24.01 ? 101 C   A "O5'" 1 
ATOM   2   C  "C5'" . C   A 1 1  ? -16.503 -0.069  -3.434  1.000 22.36 ? 101 C   A "C5'" 1 
ATOM   3   C  "C4'" . C   A 1 1  ? -16.068 0.205   -4.840  1.000 21.40 ? 101 C   A "C4'" 1 
ATOM   4   O  "O4'" . C   A 1 1  ? -16.509 1.512   -5.321  1.000 20.20 ? 101 C   A "O4'" 1 
ATOM   5   C  "C3'" . C   A 1 1  ? -14.557 0.264   -5.042  1.000 21.16 ? 101 C   A "C3'" 1 
ATOM   6   O  "O3'" . C   A 1 1  ? -14.054 -1.031  -5.005  1.000 23.96 ? 101 C   A "O3'" 1 
ATOM   7   C  "C2'" . C   A 1 1  ? -14.481 0.954   -6.394  1.000 18.32 ? 101 C   A "C2'" 1 
ATOM   8   O  "O2'" . C   A 1 1  ? -14.948 0.128   -7.465  1.000 20.42 ? 101 C   A "O2'" 1 
ATOM   9   C  "C1'" . C   A 1 1  ? -15.528 2.050   -6.188  1.000 17.59 ? 101 C   A "C1'" 1 
ATOM   10  N  N1    . C   A 1 1  ? -14.963 3.265   -5.593  1.000 15.89 ? 101 C   A N1    1 
ATOM   11  C  C2    . C   A 1 1  ? -14.246 4.131   -6.434  1.000 13.74 ? 101 C   A C2    1 
ATOM   12  O  O2    . C   A 1 1  ? -14.136 3.818   -7.614  1.000 14.62 ? 101 C   A O2    1 
ATOM   13  N  N3    . C   A 1 1  ? -13.724 5.258   -5.911  1.000 13.99 ? 101 C   A N3    1 
ATOM   14  C  C4    . C   A 1 1  ? -13.869 5.573   -4.622  1.000 14.04 ? 101 C   A C4    1 
ATOM   15  N  N4    . C   A 1 1  ? -13.344 6.690   -4.109  1.000 14.38 ? 101 C   A N4    1 
ATOM   16  C  C5    . C   A 1 1  ? -14.597 4.699   -3.750  1.000 15.36 ? 101 C   A C5    1 
ATOM   17  C  C6    . C   A 1 1  ? -15.105 3.596   -4.280  1.000 16.19 ? 101 C   A C6    1 
ATOM   18  P  P     . G   A 1 2  ? -12.517 -1.339  -4.734  1.000 23.23 ? 102 G   A P     1 
ATOM   19  O  OP1   . G   A 1 2  ? -12.283 -2.720  -4.811  1.000 24.89 ? 102 G   A OP1   1 
ATOM   20  O  OP2   . G   A 1 2  ? -12.170 -0.407  -3.518  1.000 27.27 ? 102 G   A OP2   1 
ATOM   21  O  "O5'" . G   A 1 2  ? -11.731 -0.698  -5.931  1.000 19.75 ? 102 G   A "O5'" 1 
ATOM   22  C  "C5'" . G   A 1 2  ? -11.911 -1.181  -7.288  1.000 18.89 ? 102 G   A "C5'" 1 
ATOM   23  C  "C4'" . G   A 1 2  ? -11.055 -0.305  -8.191  1.000 18.51 ? 102 G   A "C4'" 1 
ATOM   24  O  "O4'" . G   A 1 2  ? -11.658 1.015   -8.240  1.000 16.77 ? 102 G   A "O4'" 1 
ATOM   25  C  "C3'" . G   A 1 2  ? -9.620  -0.042  -7.782  1.000 16.49 ? 102 G   A "C3'" 1 
ATOM   26  O  "O3'" . G   A 1 2  ? -8.751  -1.113  -8.074  1.000 15.97 ? 102 G   A "O3'" 1 
ATOM   27  C  "C2'" . G   A 1 2  ? -9.311  1.196   -8.618  1.000 16.18 ? 102 G   A "C2'" 1 
ATOM   28  O  "O2'" . G   A 1 2  ? -9.146  0.897   -9.992  1.000 16.92 ? 102 G   A "O2'" 1 
ATOM   29  C  "C1'" . G   A 1 2  ? -10.606 1.969   -8.396  1.000 15.72 ? 102 G   A "C1'" 1 
ATOM   30  N  N9    . G   A 1 2  ? -10.614 2.806   -7.196  1.000 15.26 ? 102 G   A N9    1 
ATOM   31  C  C8    . G   A 1 2  ? -11.231 2.609   -5.982  1.000 15.68 ? 102 G   A C8    1 
ATOM   32  N  N7    . G   A 1 2  ? -11.005 3.594   -5.142  1.000 15.80 ? 102 G   A N7    1 
ATOM   33  C  C5    . G   A 1 2  ? -10.195 4.485   -5.848  1.000 13.66 ? 102 G   A C5    1 
ATOM   34  C  C6    . G   A 1 2  ? -9.621  5.739   -5.468  1.000 13.67 ? 102 G   A C6    1 
ATOM   35  O  O6    . G   A 1 2  ? -9.734  6.320   -4.381  1.000 14.29 ? 102 G   A O6    1 
ATOM   36  N  N1    . G   A 1 2  ? -8.871  6.304   -6.488  1.000 13.86 ? 102 G   A N1    1 
ATOM   37  C  C2    . G   A 1 2  ? -8.689  5.730   -7.735  1.000 13.88 ? 102 G   A C2    1 
ATOM   38  N  N2    . G   A 1 2  ? -7.926  6.443   -8.580  1.000 14.59 ? 102 G   A N2    1 
ATOM   39  N  N3    . G   A 1 2  ? -9.219  4.572   -8.090  1.000 13.74 ? 102 G   A N3    1 
ATOM   40  C  C4    . G   A 1 2  ? -9.948  4.014   -7.108  1.000 13.95 ? 102 G   A C4    1 
ATOM   41  P  P     . C   A 1 3  ? -7.408  -1.317  -7.225  1.000 16.72 ? 103 C   A P     1 
ATOM   42  O  OP1   . C   A 1 3  ? -6.839  -2.590  -7.656  1.000 19.46 ? 103 C   A OP1   1 
ATOM   43  O  OP2   . C   A 1 3  ? -7.698  -1.077  -5.756  1.000 16.04 ? 103 C   A OP2   1 
ATOM   44  O  "O5'" . C   A 1 3  ? -6.486  -0.106  -7.652  1.000 13.99 ? 103 C   A "O5'" 1 
ATOM   45  C  "C5'" . C   A 1 3  ? -6.030  -0.051  -9.034  1.000 14.83 ? 103 C   A "C5'" 1 
ATOM   46  C  "C4'" . C   A 1 3  ? -5.342  1.261   -9.249  1.000 13.99 ? 103 C   A "C4'" 1 
ATOM   47  O  "O4'" . C   A 1 3  ? -6.232  2.358   -8.906  1.000 14.39 ? 103 C   A "O4'" 1 
ATOM   48  C  "C3'" . C   A 1 3  ? -4.137  1.570   -8.379  1.000 14.10 ? 103 C   A "C3'" 1 
ATOM   49  O  "O3'" . C   A 1 3  ? -2.966  0.927   -8.845  1.000 13.98 ? 103 C   A "O3'" 1 
ATOM   50  C  "C2'" . C   A 1 3  ? -4.021  3.074   -8.504  1.000 14.08 ? 103 C   A "C2'" 1 
ATOM   51  O  "O2'" . C   A 1 3  ? -3.552  3.464   -9.738  1.000 16.20 ? 103 C   A "O2'" 1 
ATOM   52  C  "C1'" . C   A 1 3  ? -5.494  3.468   -8.383  1.000 13.90 ? 103 C   A "C1'" 1 
ATOM   53  N  N1    . C   A 1 3  ? -5.940  3.755   -7.010  1.000 13.57 ? 103 C   A N1    1 
ATOM   54  C  C2    . C   A 1 3  ? -5.508  4.961   -6.430  1.000 13.67 ? 103 C   A C2    1 
ATOM   55  O  O2    . C   A 1 3  ? -4.796  5.682   -7.131  1.000 14.82 ? 103 C   A O2    1 
ATOM   56  N  N3    . C   A 1 3  ? -5.893  5.271   -5.157  1.000 11.51 ? 103 C   A N3    1 
ATOM   57  C  C4    . C   A 1 3  ? -6.672  4.454   -4.469  1.000 12.12 ? 103 C   A C4    1 
ATOM   58  N  N4    . C   A 1 3  ? -7.024  4.802   -3.214  1.000 13.11 ? 103 C   A N4    1 
ATOM   59  C  C5    . C   A 1 3  ? -7.127  3.199   -5.016  1.000 11.92 ? 103 C   A C5    1 
ATOM   60  C  C6    . C   A 1 3  ? -6.727  2.916   -6.275  1.000 13.65 ? 103 C   A C6    1 
ATOM   61  P  P     . G   A 1 4  ? -1.970  0.240   -7.791  1.000 14.37 ? 104 G   A P     1 
ATOM   62  O  OP1   . G   A 1 4  ? -0.856  -0.321  -8.654  1.000 14.95 ? 104 G   A OP1   1 
ATOM   63  O  OP2   . G   A 1 4  ? -2.661  -0.642  -6.934  1.000 16.57 ? 104 G   A OP2   1 
ATOM   64  O  "O5'" . G   A 1 4  ? -1.456  1.481   -6.891  1.000 13.52 ? 104 G   A "O5'" 1 
ATOM   65  C  "C5'" . G   A 1 4  ? -0.775  2.595   -7.469  1.000 13.17 ? 104 G   A "C5'" 1 
ATOM   66  C  "C4'" . G   A 1 4  ? -0.722  3.714   -6.447  1.000 13.21 ? 104 G   A "C4'" 1 
ATOM   67  O  "O4'" . G   A 1 4  ? -2.056  4.119   -6.033  1.000 11.90 ? 104 G   A "O4'" 1 
ATOM   68  C  "C3'" . G   A 1 4  ? -0.008  3.371   -5.143  1.000 12.57 ? 104 G   A "C3'" 1 
ATOM   69  O  "O3'" . G   A 1 4  ? 1.373   3.496   -5.414  1.000 14.63 ? 104 G   A "O3'" 1 
ATOM   70  C  "C2'" . G   A 1 4  ? -0.573  4.357   -4.177  1.000 11.35 ? 104 G   A "C2'" 1 
ATOM   71  O  "O2'" . G   A 1 4  ? 0.029   5.666   -4.291  1.000 12.00 ? 104 G   A "O2'" 1 
ATOM   72  C  "C1'" . G   A 1 4  ? -2.023  4.471   -4.661  1.000 11.45 ? 104 G   A "C1'" 1 
ATOM   73  N  N9    . G   A 1 4  ? -2.969  3.576   -3.991  1.000 11.28 ? 104 G   A N9    1 
ATOM   74  C  C8    . G   A 1 4  ? -3.370  2.332   -4.435  1.000 11.15 ? 104 G   A C8    1 
ATOM   75  N  N7    . G   A 1 4  ? -4.226  1.787   -3.608  1.000 11.21 ? 104 G   A N7    1 
ATOM   76  C  C5    . G   A 1 4  ? -4.392  2.714   -2.580  1.000 10.42 ? 104 G   A C5    1 
ATOM   77  C  C6    . G   A 1 4  ? -5.196  2.668   -1.413  1.000 11.47 ? 104 G   A C6    1 
ATOM   78  O  O6    . G   A 1 4  ? -5.953  1.754   -1.045  1.000 12.96 ? 104 G   A O6    1 
ATOM   79  N  N1    . G   A 1 4  ? -5.055  3.813   -0.658  1.000 11.72 ? 104 G   A N1    1 
ATOM   80  C  C2    . G   A 1 4  ? -4.253  4.896   -0.954  1.000 10.79 ? 104 G   A C2    1 
ATOM   81  N  N2    . G   A 1 4  ? -4.292  5.896   -0.057  1.000 11.53 ? 104 G   A N2    1 
ATOM   82  N  N3    . G   A 1 4  ? -3.504  4.939   -2.042  1.000 10.62 ? 104 G   A N3    1 
ATOM   83  C  C4    . G   A 1 4  ? -3.621  3.832   -2.799  1.000 10.71 ? 104 G   A C4    1 
ATOM   84  P  P     . A   A 1 5  ? 2.506   2.957   -4.432  1.000 16.58 ? 105 A   A P     1 
ATOM   85  O  OP1   . A   A 1 5  ? 3.679   2.501   -5.226  1.000 19.81 ? 105 A   A OP1   1 
ATOM   86  O  OP2   . A   A 1 5  ? 1.980   2.130   -3.411  1.000 16.61 ? 105 A   A OP2   1 
ATOM   87  O  "O5'" . A   A 1 5  ? 2.951   4.250   -3.620  1.000 15.14 ? 105 A   A "O5'" 1 
ATOM   88  C  "C5'" . A   A 1 5  ? 3.736   5.230   -4.342  1.000 16.88 ? 105 A   A "C5'" 1 
ATOM   89  C  "C4'" . A   A 1 5  ? 4.034   6.388   -3.449  1.000 15.52 ? 105 A   A "C4'" 1 
ATOM   90  O  "O4'" . A   A 1 5  ? 2.791   7.105   -3.154  1.000 14.43 ? 105 A   A "O4'" 1 
ATOM   91  C  "C3'" . A   A 1 5  ? 4.577   6.045   -2.097  1.000 15.82 ? 105 A   A "C3'" 1 
ATOM   92  O  "O3'" . A   A 1 5  ? 5.988   5.836   -2.133  1.000 17.52 ? 105 A   A "O3'" 1 
ATOM   93  C  "C2'" . A   A 1 5  ? 4.249   7.265   -1.288  1.000 15.47 ? 105 A   A "C2'" 1 
ATOM   94  O  "O2'" . A   A 1 5  ? 5.123   8.398   -1.840  1.000 17.85 ? 105 A   A "O2'" 1 
ATOM   95  C  "C1'" . A   A 1 5  ? 2.857   7.569   -1.783  1.000 14.31 ? 105 A   A "C1'" 1 
ATOM   96  N  N9    . A   A 1 5  ? 1.774   6.911   -1.056  1.000 12.57 ? 105 A   A N9    1 
ATOM   97  C  C8    . A   A 1 5  ? 1.101   5.772   -1.380  1.000 12.93 ? 105 A   A C8    1 
ATOM   98  N  N7    . A   A 1 5  ? 0.177   5.426   -0.547  1.000 12.70 ? 105 A   A N7    1 
ATOM   99  C  C5    . A   A 1 5  ? 0.206   6.404   0.434   1.000 11.91 ? 105 A   A C5    1 
ATOM   100 C  C6    . A   A 1 5  ? -0.527  6.628   1.607   1.000 13.89 ? 105 A   A C6    1 
ATOM   101 N  N6    . A   A 1 5  ? -1.511  5.840   2.062   1.000 13.08 ? 105 A   A N6    1 
ATOM   102 N  N1    . A   A 1 5  ? -0.224  7.722   2.352   1.000 13.72 ? 105 A   A N1    1 
ATOM   103 C  C2    . A   A 1 5  ? 0.767   8.538   1.926   1.000 13.49 ? 105 A   A C2    1 
ATOM   104 N  N3    . A   A 1 5  ? 1.521   8.418   0.831   1.000 13.04 ? 105 A   A N3    1 
ATOM   105 C  C4    . A   A 1 5  ? 1.207   7.336   0.118   1.000 12.56 ? 105 A   A C4    1 
ATOM   106 P  P     . A   A 1 6  ? 6.590   4.772   -1.062  1.000 19.34 ? 106 A   A P     1 
ATOM   107 O  OP1   . A   A 1 6  ? 8.134   4.730   -1.535  1.000 21.68 ? 106 A   A OP1   1 
ATOM   108 O  OP2   . A   A 1 6  ? 5.704   3.617   -1.044  1.000 20.39 ? 106 A   A OP2   1 
ATOM   109 O  "O5'" . A   A 1 6  ? 6.329   5.452   0.343   1.000 20.46 ? 106 A   A "O5'" 1 
ATOM   110 C  "C5'" . A   A 1 6  ? 7.036   6.631   0.730   1.000 19.78 ? 106 A   A "C5'" 1 
ATOM   111 C  "C4'" . A   A 1 6  ? 6.436   7.166   1.996   1.000 20.35 ? 106 A   A "C4'" 1 
ATOM   112 O  "O4'" . A   A 1 6  ? 5.019   7.429   1.821   1.000 19.43 ? 106 A   A "O4'" 1 
ATOM   113 C  "C3'" . A   A 1 6  ? 6.495   6.231   3.209   1.000 18.09 ? 106 A   A "C3'" 1 
ATOM   114 O  "O3'" . A   A 1 6  ? 7.759   6.211   3.819   1.000 18.88 ? 106 A   A "O3'" 1 
ATOM   115 C  "C2'" . A   A 1 6  ? 5.416   6.856   4.081   1.000 18.55 ? 106 A   A "C2'" 1 
ATOM   116 O  "O2'" . A   A 1 6  ? 5.963   8.096   4.619   1.000 24.77 ? 106 A   A "O2'" 1 
ATOM   117 C  "C1'" . A   A 1 6  ? 4.355   7.219   3.035   1.000 19.23 ? 106 A   A "C1'" 1 
ATOM   118 N  N9    . A   A 1 6  ? 3.414   6.119   2.894   1.000 17.99 ? 106 A   A N9    1 
ATOM   119 C  C8    . A   A 1 6  ? 3.401   5.116   1.945   1.000 18.23 ? 106 A   A C8    1 
ATOM   120 N  N7    . A   A 1 6  ? 2.378   4.293   2.149   1.000 19.97 ? 106 A   A N7    1 
ATOM   121 C  C5    . A   A 1 6  ? 1.710   4.772   3.262   1.000 19.71 ? 106 A   A C5    1 
ATOM   122 C  C6    . A   A 1 6  ? 0.581   4.388   3.997   1.000 23.17 ? 106 A   A C6    1 
ATOM   123 N  N6    . A   A 1 6  ? -0.185  3.321   3.719   1.000 25.78 ? 106 A   A N6    1 
ATOM   124 N  N1    . A   A 1 6  ? 0.208   5.132   5.074   1.000 27.78 ? 106 A   A N1    1 
ATOM   125 C  C2    . A   A 1 6  ? 0.929   6.211   5.409   1.000 25.18 ? 106 A   A C2    1 
ATOM   126 N  N3    . A   A 1 6  ? 2.009   6.665   4.789   1.000 24.06 ? 106 A   A N3    1 
ATOM   127 C  C4    . A   A 1 6  ? 2.343   5.905   3.736   1.000 19.60 ? 106 A   A C4    1 
HETATM 128 P  P     A 5BU A 1 7  ? 8.652   4.868   3.902   0.460 19.60 ? 107 5BU A P     1 
HETATM 129 P  P     B 5BU A 1 7  ? 8.169   5.018   4.836   0.540 16.83 ? 107 5BU A P     1 
HETATM 130 O  OP1   A 5BU A 1 7  ? 9.844   5.195   4.647   0.460 17.57 ? 107 5BU A OP1   1 
HETATM 131 O  OP1   B 5BU A 1 7  ? 9.373   5.550   5.562   0.540 18.45 ? 107 5BU A OP1   1 
HETATM 132 O  OP2   A 5BU A 1 7  ? 8.631   3.970   2.904   0.460 19.39 ? 107 5BU A OP2   1 
HETATM 133 O  OP2   B 5BU A 1 7  ? 8.198   3.747   3.991   0.540 16.26 ? 107 5BU A OP2   1 
HETATM 134 O  "O5'" A 5BU A 1 7  ? 7.865   4.155   5.114   0.460 18.89 ? 107 5BU A "O5'" 1 
HETATM 135 O  "O5'" B 5BU A 1 7  ? 6.944   4.776   5.796   0.540 16.98 ? 107 5BU A "O5'" 1 
HETATM 136 C  "C5'" A 5BU A 1 7  ? 7.501   5.021   6.221   0.460 17.16 ? 107 5BU A "C5'" 1 
HETATM 137 C  "C5'" B 5BU A 1 7  ? 6.731   5.538   7.005   0.540 14.95 ? 107 5BU A "C5'" 1 
HETATM 138 C  "C4'" A 5BU A 1 7  ? 6.407   4.352   7.006   0.460 19.18 ? 107 5BU A "C4'" 1 
HETATM 139 C  "C4'" B 5BU A 1 7  ? 5.553   4.968   7.748   0.540 15.51 ? 107 5BU A "C4'" 1 
HETATM 140 O  "O4'" A 5BU A 1 7  ? 5.131   4.638   6.350   0.460 18.52 ? 107 5BU A "O4'" 1 
HETATM 141 O  "O4'" B 5BU A 1 7  ? 4.344   5.048   6.932   0.540 17.35 ? 107 5BU A "O4'" 1 
HETATM 142 C  "C3'" A 5BU A 1 7  ? 6.508   2.839   7.108   0.460 19.87 ? 107 5BU A "C3'" 1 
HETATM 143 C  "C3'" B 5BU A 1 7  ? 5.637   3.490   8.126   0.540 14.86 ? 107 5BU A "C3'" 1 
HETATM 144 O  "O3'" A 5BU A 1 7  ? 7.391   2.346   8.115   0.460 19.57 ? 107 5BU A "O3'" 1 
HETATM 145 O  "O3'" B 5BU A 1 7  ? 6.415   3.336   9.304   0.540 14.64 ? 107 5BU A "O3'" 1 
HETATM 146 C  "C2'" A 5BU A 1 7  ? 5.043   2.516   7.402   0.460 17.40 ? 107 5BU A "C2'" 1 
HETATM 147 C  "C2'" B 5BU A 1 7  ? 4.171   3.135   8.264   0.540 15.98 ? 107 5BU A "C2'" 1 
HETATM 148 O  "O2'" A 5BU A 1 7  ? 4.785   3.013   8.782   0.460 22.79 ? 107 5BU A "O2'" 1 
HETATM 149 O  "O2'" B 5BU A 1 7  ? 3.630   3.798   9.519   0.540 16.99 ? 107 5BU A "O2'" 1 
HETATM 150 C  "C1'" A 5BU A 1 7  ? 4.310   3.487   6.467   0.460 16.21 ? 107 5BU A "C1'" 1 
HETATM 151 C  "C1'" B 5BU A 1 7  ? 3.556   3.908   7.102   0.540 13.94 ? 107 5BU A "C1'" 1 
HETATM 152 N  N1    A 5BU A 1 7  ? 4.087   2.783   5.212   0.460 15.41 ? 107 5BU A N1    1 
HETATM 153 N  N1    B 5BU A 1 7  ? 3.471   2.976   5.883   0.540 13.26 ? 107 5BU A N1    1 
HETATM 154 C  C2    A 5BU A 1 7  ? 2.939   2.012   5.199   0.460 17.10 ? 107 5BU A C2    1 
HETATM 155 C  C2    B 5BU A 1 7  ? 2.367   2.152   5.869   0.540 15.03 ? 107 5BU A C2    1 
HETATM 156 O  O2    A 5BU A 1 7  ? 2.201   1.946   6.165   0.460 18.07 ? 107 5BU A O2    1 
HETATM 157 O  O2    B 5BU A 1 7  ? 1.522   2.158   6.757   0.540 15.02 ? 107 5BU A O2    1 
HETATM 158 N  N3    A 5BU A 1 7  ? 2.703   1.338   4.032   0.460 17.42 ? 107 5BU A N3    1 
HETATM 159 N  N3    B 5BU A 1 7  ? 2.312   1.325   4.766   0.540 14.70 ? 107 5BU A N3    1 
HETATM 160 C  C4    A 5BU A 1 7  ? 3.477   1.347   2.887   0.460 20.15 ? 107 5BU A C4    1 
HETATM 161 C  C4    B 5BU A 1 7  ? 3.232   1.261   3.734   0.540 16.13 ? 107 5BU A C4    1 
HETATM 162 O  O4    A 5BU A 1 7  ? 3.116   0.677   1.909   0.460 23.90 ? 107 5BU A O4    1 
HETATM 163 O  O4    B 5BU A 1 7  ? 2.998   0.445   2.829   0.540 17.10 ? 107 5BU A O4    1 
HETATM 164 C  C5    A 5BU A 1 7  ? 4.653   2.169   2.960   0.460 18.95 ? 107 5BU A C5    1 
HETATM 165 C  C5    B 5BU A 1 7  ? 4.365   2.145   3.794   0.540 15.35 ? 107 5BU A C5    1 
HETATM 166 C  C6    A 5BU A 1 7  ? 4.899   2.839   4.116   0.460 16.83 ? 107 5BU A C6    1 
HETATM 167 C  C6    B 5BU A 1 7  ? 4.413   2.951   4.875   0.540 14.45 ? 107 5BU A C6    1 
HETATM 168 BR BR    A 5BU A 1 7  ? 5.659   2.275   1.674   0.460 21.43 0 107 5BU A BR    1 
HETATM 169 BR BR    B 5BU A 1 7  ? 5.516   2.158   2.615   0.540 20.91 0 107 5BU A BR    1 
HETATM 170 P  P     A 8RJ A 1 8  ? 8.237   1.012   7.843   0.460 22.21 ? 108 8RJ A P     1 
HETATM 171 P  P     B 8RJ A 1 8  ? 7.401   2.085   9.447   0.540 15.20 ? 108 8RJ A P     1 
HETATM 172 O  OP2   A 8RJ A 1 8  ? 8.691   1.005   6.430   0.460 29.01 ? 108 8RJ A OP2   1 
HETATM 173 O  OP2   B 8RJ A 1 8  ? 8.239   1.989   8.246   0.540 13.74 ? 108 8RJ A OP2   1 
HETATM 174 O  O1    A 8RJ A 1 8  ? 9.201   0.782   8.939   0.460 25.66 ? 108 8RJ A O1    1 
HETATM 175 O  O1    B 8RJ A 1 8  ? 8.044   2.133   10.785  0.540 16.81 ? 108 8RJ A O1    1 
HETATM 176 O  "O5'" A 8RJ A 1 8  ? 6.950   0.061   7.959   0.460 18.45 ? 108 8RJ A "O5'" 1 
HETATM 177 O  "O5'" B 8RJ A 1 8  ? 6.304   0.911   9.446   0.540 15.13 ? 108 8RJ A "O5'" 1 
HETATM 178 O  O4    . 8RJ A 1 8  ? -0.302  -3.600  9.194   1.000 16.79 ? 108 8RJ A O4    1 
HETATM 179 C  C4    . 8RJ A 1 8  ? 0.724   -2.887  9.183   1.000 15.20 ? 108 8RJ A C4    1 
HETATM 180 N  N3    . 8RJ A 1 8  ? 1.271   -2.637  7.933   1.000 15.05 ? 108 8RJ A N3    1 
HETATM 181 C  C2    . 8RJ A 1 8  ? 2.412   -1.875  7.733   1.000 15.89 ? 108 8RJ A C2    1 
HETATM 182 O  O2    . 8RJ A 1 8  ? 2.786   -1.738  6.565   1.000 15.80 ? 108 8RJ A O2    1 
HETATM 183 C  C5    . 8RJ A 1 8  ? 1.336   -2.339  10.297  1.000 14.42 ? 108 8RJ A C5    1 
HETATM 184 C  C5M   . 8RJ A 1 8  ? 0.869   -2.532  11.603  1.000 15.36 ? 108 8RJ A C5M   1 
HETATM 185 C  C6    . 8RJ A 1 8  ? 2.481   -1.569  10.083  1.000 15.08 ? 108 8RJ A C6    1 
HETATM 186 N  N1    . 8RJ A 1 8  ? 3.015   -1.341  8.806   1.000 14.55 ? 108 8RJ A N1    1 
HETATM 187 C  C1G   . 8RJ A 1 8  ? 4.218   -0.513  8.700   1.000 16.26 ? 108 8RJ A C1G   1 
HETATM 188 C  C2G   . 8RJ A 1 8  ? 5.407   -1.333  9.200   1.000 17.73 ? 108 8RJ A C2G   1 
HETATM 189 O  O2G   . 8RJ A 1 8  ? 5.592   -2.413  8.226   1.000 16.97 ? 108 8RJ A O2G   1 
HETATM 190 C  C3G   . 8RJ A 1 8  ? 6.630   -0.463  9.225   1.000 19.51 ? 108 8RJ A C3G   1 
ATOM   191 P  P     . A   A 1 9  ? 6.458   -3.714  8.613   1.000 16.94 ? 109 A   A P     1 
ATOM   192 O  OP1   . A   A 1 9  ? 6.928   -4.170  7.429   1.000 19.14 ? 109 A   A OP1   1 
ATOM   193 O  OP2   . A   A 1 9  ? 7.302   -3.461  9.863   1.000 17.92 ? 109 A   A OP2   1 
ATOM   194 O  "O5'" . A   A 1 9  ? 5.364   -4.794  8.994   1.000 16.13 ? 109 A   A "O5'" 1 
ATOM   195 C  "C5'" . A   A 1 9  ? 4.720   -4.667  10.299  1.000 15.12 ? 109 A   A "C5'" 1 
ATOM   196 C  "C4'" . A   A 1 9  ? 3.499   -5.533  10.292  1.000 14.16 ? 109 A   A "C4'" 1 
ATOM   197 O  "O4'" . A   A 1 9  ? 2.599   -5.105  9.217   1.000 13.38 ? 109 A   A "O4'" 1 
ATOM   198 C  "C3'" . A   A 1 9  ? 3.695   -6.995  9.979   1.000 13.98 ? 109 A   A "C3'" 1 
ATOM   199 O  "O3'" . A   A 1 9  ? 4.137   -7.705  11.114  1.000 14.55 ? 109 A   A "O3'" 1 
ATOM   200 C  "C2'" . A   A 1 9  ? 2.313   -7.446  9.525   1.000 14.16 ? 109 A   A "C2'" 1 
ATOM   201 O  "O2'" . A   A 1 9  ? 1.428   -7.590  10.693  1.000 15.46 ? 109 A   A "O2'" 1 
ATOM   202 C  "C1'" . A   A 1 9  ? 1.877   -6.211  8.722   1.000 12.42 ? 109 A   A "C1'" 1 
ATOM   203 N  N9    . A   A 1 9  ? 2.167   -6.370  7.300   1.000 11.24 ? 109 A   A N9    1 
ATOM   204 C  C8    . A   A 1 9  ? 3.103   -5.753  6.508   1.000 11.40 ? 109 A   A C8    1 
ATOM   205 N  N7    . A   A 1 9  ? 3.065   -6.157  5.259   1.000 10.73 ? 109 A   A N7    1 
ATOM   206 C  C5    . A   A 1 9  ? 2.030   -7.113  5.211   1.000 10.35 ? 109 A   A C5    1 
ATOM   207 C  C6    . A   A 1 9  ? 1.513   -7.887  4.177   1.000 10.02 ? 109 A   A C6    1 
ATOM   208 N  N6    . A   A 1 9  ? 1.939   -7.875  2.904   1.000 11.29 ? 109 A   A N6    1 
ATOM   209 N  N1    . A   A 1 9  ? 0.500   -8.725  4.465   1.000 11.33 ? 109 A   A N1    1 
ATOM   210 C  C2    . A   A 1 9  ? 0.052   -8.755  5.726   1.000 11.70 ? 109 A   A C2    1 
ATOM   211 N  N3    . A   A 1 9  ? 0.469   -8.063  6.779   1.000 11.69 ? 109 A   A N3    1 
ATOM   212 C  C4    . A   A 1 9  ? 1.481   -7.236  6.466   1.000 11.04 ? 109 A   A C4    1 
ATOM   213 P  P     . G   A 1 10 ? 5.259   -8.835  10.910  1.000 15.04 ? 110 G   A P     1 
ATOM   214 O  OP1   . G   A 1 10 ? 5.386   -9.510  12.268  1.000 17.86 ? 110 G   A OP1   1 
ATOM   215 O  OP2   . G   A 1 10 ? 6.425   -8.291  10.230  1.000 15.07 ? 110 G   A OP2   1 
ATOM   216 O  "O5'" . G   A 1 10 ? 4.602   -9.871  9.899   1.000 13.49 ? 110 G   A "O5'" 1 
ATOM   217 C  "C5'" . G   A 1 10 ? 3.503   -10.732 10.265  1.000 13.42 ? 110 G   A "C5'" 1 
ATOM   218 C  "C4'" . G   A 1 10 ? 3.089   -11.459 9.009   1.000 12.67 ? 110 G   A "C4'" 1 
ATOM   219 O  "O4'" . G   A 1 10 ? 2.568   -10.514 8.016   1.000 13.02 ? 110 G   A "O4'" 1 
ATOM   220 C  "C3'" . G   A 1 10 ? 4.176   -12.178 8.231   1.000 11.52 ? 110 G   A "C3'" 1 
ATOM   221 O  "O3'" . G   A 1 10 ? 4.521   -13.416 8.814   1.000 12.77 ? 110 G   A "O3'" 1 
ATOM   222 C  "C2'" . G   A 1 10 ? 3.514   -12.330 6.862   1.000 11.84 ? 110 G   A "C2'" 1 
ATOM   223 O  "O2'" . G   A 1 10 ? 2.521   -13.322 6.860   1.000 12.41 ? 110 G   A "O2'" 1 
ATOM   224 C  "C1'" . G   A 1 10 ? 2.909   -10.923 6.714   1.000 12.13 ? 110 G   A "C1'" 1 
ATOM   225 N  N9    . G   A 1 10 ? 3.866   -10.001 6.151   1.000 11.14 ? 110 G   A N9    1 
ATOM   226 C  C8    . G   A 1 10 ? 4.584   -9.052  6.827   1.000 11.41 ? 110 G   A C8    1 
ATOM   227 N  N7    . G   A 1 10 ? 5.382   -8.366  6.029   1.000 12.92 ? 110 G   A N7    1 
ATOM   228 C  C5    . G   A 1 10 ? 5.176   -8.892  4.763   1.000 10.54 ? 110 G   A C5    1 
ATOM   229 C  C6    . G   A 1 10 ? 5.741   -8.567  3.514   1.000 11.94 ? 110 G   A C6    1 
ATOM   230 O  O6    . G   A 1 10 ? 6.578   -7.688  3.345   1.000 13.43 ? 110 G   A O6    1 
ATOM   231 N  N1    . G   A 1 10 ? 5.254   -9.350  2.496   1.000 11.27 ? 110 G   A N1    1 
ATOM   232 C  C2    . G   A 1 10 ? 4.319   -10.348 2.630   1.000 11.39 ? 110 G   A C2    1 
ATOM   233 N  N2    . G   A 1 10 ? 3.984   -10.987 1.500   1.000 12.12 ? 110 G   A N2    1 
ATOM   234 N  N3    . G   A 1 10 ? 3.780   -10.660 3.795   1.000 11.79 ? 110 G   A N3    1 
ATOM   235 C  C4    . G   A 1 10 ? 4.238   -9.914  4.814   1.000 11.76 ? 110 G   A C4    1 
ATOM   236 P  P     . C   A 1 11 ? 5.977   -14.035 8.654   1.000 13.42 ? 111 C   A P     1 
ATOM   237 O  OP1   . C   A 1 11 ? 5.976   -15.234 9.547   1.000 14.49 ? 111 C   A OP1   1 
ATOM   238 O  OP2   . C   A 1 11 ? 7.038   -12.960 8.794   1.000 13.65 ? 111 C   A OP2   1 
ATOM   239 O  "O5'" . C   A 1 11 ? 6.049   -14.543 7.152   1.000 13.23 ? 111 C   A "O5'" 1 
ATOM   240 C  "C5'" . C   A 1 11 ? 5.099   -15.516 6.667   1.000 13.27 ? 111 C   A "C5'" 1 
ATOM   241 C  "C4'" . C   A 1 11 ? 5.210   -15.552 5.147   1.000 14.97 ? 111 C   A "C4'" 1 
ATOM   242 O  "O4'" . C   A 1 11 ? 4.943   -14.238 4.601   1.000 14.14 ? 111 C   A "O4'" 1 
ATOM   243 C  "C3'" . C   A 1 11 ? 6.565   -15.898 4.529   1.000 16.04 ? 111 C   A "C3'" 1 
ATOM   244 O  "O3'" . C   A 1 11 ? 6.753   -17.298 4.587   1.000 17.01 ? 111 C   A "O3'" 1 
ATOM   245 C  "C2'" . C   A 1 11 ? 6.445   -15.339 3.129   1.000 15.37 ? 111 C   A "C2'" 1 
ATOM   246 O  "O2'" . C   A 1 11 ? 5.507   -16.176 2.403   1.000 19.59 ? 111 C   A "O2'" 1 
ATOM   247 C  "C1'" . C   A 1 11 ? 5.688   -14.036 3.432   1.000 15.03 ? 111 C   A "C1'" 1 
ATOM   248 N  N1    . C   A 1 11 ? 6.631   -12.937 3.636   1.000 13.59 ? 111 C   A N1    1 
ATOM   249 C  C2    . C   A 1 11 ? 7.262   -12.398 2.501   1.000 14.75 ? 111 C   A C2    1 
ATOM   250 O  O2    . C   A 1 11 ? 6.983   -12.879 1.389   1.000 14.47 ? 111 C   A O2    1 
ATOM   251 N  N3    . C   A 1 11 ? 8.148   -11.367 2.643   1.000 15.27 ? 111 C   A N3    1 
ATOM   252 C  C4    . C   A 1 11 ? 8.415   -10.879 3.859   1.000 14.99 ? 111 C   A C4    1 
ATOM   253 N  N4    . C   A 1 11 ? 9.286   -9.880  3.995   1.000 16.43 ? 111 C   A N4    1 
ATOM   254 C  C5    . C   A 1 11 ? 7.781   -11.428 5.019   1.000 13.51 ? 111 C   A C5    1 
ATOM   255 C  C6    . C   A 1 11 ? 6.919   -12.429 4.869   1.000 13.45 ? 111 C   A C6    1 
ATOM   256 P  P     . G   A 1 12 ? 8.243   -17.890 4.594   1.000 18.01 ? 112 G   A P     1 
ATOM   257 O  OP1   . G   A 1 12 ? 8.127   -19.342 4.784   1.000 21.57 ? 112 G   A OP1   1 
ATOM   258 O  OP2   . G   A 1 12 ? 9.094   -17.048 5.473   1.000 17.31 ? 112 G   A OP2   1 
ATOM   259 O  "O5'" . G   A 1 12 ? 8.739   -17.582 3.086   1.000 17.69 ? 112 G   A "O5'" 1 
ATOM   260 C  "C5'" . G   A 1 12 ? 8.155   -18.250 1.959   1.000 17.54 ? 112 G   A "C5'" 1 
ATOM   261 C  "C4'" . G   A 1 12 ? 8.874   -17.827 0.685   1.000 17.06 ? 112 G   A "C4'" 1 
ATOM   262 O  "O4'" . G   A 1 12 ? 8.660   -16.427 0.402   1.000 17.52 ? 112 G   A "O4'" 1 
ATOM   263 C  "C3'" . G   A 1 12 ? 10.388  -17.994 0.726   1.000 18.42 ? 112 G   A "C3'" 1 
ATOM   264 O  "O3'" . G   A 1 12 ? 10.771  -19.334 0.473   1.000 22.30 ? 112 G   A "O3'" 1 
ATOM   265 C  "C2'" . G   A 1 12 ? 10.835  -17.034 -0.352  1.000 18.60 ? 112 G   A "C2'" 1 
ATOM   266 O  "O2'" . G   A 1 12 ? 10.584  -17.689 -1.649  1.000 22.68 ? 112 G   A "O2'" 1 
ATOM   267 C  "C1'" . G   A 1 12 ? 9.864   -15.874 -0.131  1.000 16.95 ? 112 G   A "C1'" 1 
ATOM   268 N  N9    . G   A 1 12 ? 10.342  -14.852 0.815   1.000 16.14 ? 112 G   A N9    1 
ATOM   269 C  C8    . G   A 1 12 ? 10.045  -14.724 2.158   1.000 15.06 ? 112 G   A C8    1 
ATOM   270 N  N7    . G   A 1 12 ? 10.655  -13.681 2.704   1.000 15.56 ? 112 G   A N7    1 
ATOM   271 C  C5    . G   A 1 12 ? 11.378  -13.101 1.680   1.000 13.46 ? 112 G   A C5    1 
ATOM   272 C  C6    . G   A 1 12 ? 12.222  -11.963 1.656   1.000 14.44 ? 112 G   A C6    1 
ATOM   273 O  O6    . G   A 1 12 ? 12.503  -11.212 2.596   1.000 14.68 ? 112 G   A O6    1 
ATOM   274 N  N1    . G   A 1 12 ? 12.751  -11.735 0.405   1.000 14.73 ? 112 G   A N1    1 
ATOM   275 C  C2    . G   A 1 12 ? 12.512  -12.504 -0.711  1.000 15.23 ? 112 G   A C2    1 
ATOM   276 N  N2    . G   A 1 12 ? 13.119  -12.130 -1.852  1.000 17.08 ? 112 G   A N2    1 
ATOM   277 N  N3    . G   A 1 12 ? 11.732  -13.556 -0.681  1.000 15.42 ? 112 G   A N3    1 
ATOM   278 C  C4    . G   A 1 12 ? 11.200  -13.801 0.517   1.000 14.29 ? 112 G   A C4    1 
ATOM   279 O  "O5'" . C   B 1 1  ? 16.543  -4.035  -1.400  1.000 22.96 ? 201 C   B "O5'" 1 
ATOM   280 C  "C5'" . C   B 1 1  ? 17.302  -4.266  -2.612  1.000 18.91 ? 201 C   B "C5'" 1 
ATOM   281 C  "C4'" . C   B 1 1  ? 16.887  -5.549  -3.285  1.000 17.99 ? 201 C   B "C4'" 1 
ATOM   282 O  "O4'" . C   B 1 1  ? 17.293  -6.705  -2.492  1.000 17.76 ? 201 C   B "O4'" 1 
ATOM   283 C  "C3'" . C   B 1 1  ? 15.383  -5.774  -3.482  1.000 16.16 ? 201 C   B "C3'" 1 
ATOM   284 O  "O3'" . C   B 1 1  ? 14.973  -5.022  -4.586  1.000 18.74 ? 201 C   B "O3'" 1 
ATOM   285 C  "C2'" . C   B 1 1  ? 15.296  -7.278  -3.657  1.000 15.20 ? 201 C   B "C2'" 1 
ATOM   286 O  "O2'" . C   B 1 1  ? 15.848  -7.704  -4.933  1.000 18.97 ? 201 C   B "O2'" 1 
ATOM   287 C  "C1'" . C   B 1 1  ? 16.288  -7.711  -2.577  1.000 16.48 ? 201 C   B "C1'" 1 
ATOM   288 N  N1    . C   B 1 1  ? 15.645  -7.873  -1.268  1.000 15.01 ? 201 C   B N1    1 
ATOM   289 C  C2    . C   B 1 1  ? 14.930  -9.064  -1.084  1.000 14.76 ? 201 C   B C2    1 
ATOM   290 O  O2    . C   B 1 1  ? 14.889  -9.890  -2.034  1.000 15.01 ? 201 C   B O2    1 
ATOM   291 N  N3    . C   B 1 1  ? 14.317  -9.279  0.095   1.000 14.46 ? 201 C   B N3    1 
ATOM   292 C  C4    . C   B 1 1  ? 14.383  -8.374  1.058   1.000 14.28 ? 201 C   B C4    1 
ATOM   293 N  N4    . C   B 1 1  ? 13.757  -8.641  2.206   1.000 16.42 ? 201 C   B N4    1 
ATOM   294 C  C5    . C   B 1 1  ? 15.110  -7.153  0.894   1.000 15.94 ? 201 C   B C5    1 
ATOM   295 C  C6    . C   B 1 1  ? 15.721  -6.943  -0.280  1.000 15.13 ? 201 C   B C6    1 
ATOM   296 P  P     . G   B 1 2  ? 13.435  -4.583  -4.731  1.000 19.42 ? 202 G   B P     1 
ATOM   297 O  OP1   . G   B 1 2  ? 13.403  -3.804  -5.990  1.000 25.97 ? 202 G   B OP1   1 
ATOM   298 O  OP2   . G   B 1 2  ? 12.949  -3.991  -3.557  1.000 21.94 ? 202 G   B OP2   1 
ATOM   299 O  "O5'" . G   B 1 2  ? 12.641  -5.919  -4.942  1.000 17.43 ? 202 G   B "O5'" 1 
ATOM   300 C  "C5'" . G   B 1 2  ? 12.756  -6.718  -6.150  1.000 16.32 ? 202 G   B "C5'" 1 
ATOM   301 C  "C4'" . G   B 1 2  ? 12.038  -8.025  -5.966  1.000 16.69 ? 202 G   B "C4'" 1 
ATOM   302 O  "O4'" . G   B 1 2  ? 12.593  -8.735  -4.835  1.000 17.02 ? 202 G   B "O4'" 1 
ATOM   303 C  "C3'" . G   B 1 2  ? 10.560  -7.949  -5.606  1.000 16.78 ? 202 G   B "C3'" 1 
ATOM   304 O  "O3'" . G   B 1 2  ? 9.758   -7.588  -6.715  1.000 16.43 ? 202 G   B "O3'" 1 
ATOM   305 C  "C2'" . G   B 1 2  ? 10.311  -9.367  -5.047  1.000 16.59 ? 202 G   B "C2'" 1 
ATOM   306 O  "O2'" . G   B 1 2  ? 10.212  -10.390 -6.058  1.000 18.50 ? 202 G   B "O2'" 1 
ATOM   307 C  "C1'" . G   B 1 2  ? 11.591  -9.519  -4.225  1.000 17.03 ? 202 G   B "C1'" 1 
ATOM   308 N  N9    . G   B 1 2  ? 11.457  -9.033  -2.858  1.000 15.87 ? 202 G   B N9    1 
ATOM   309 C  C8    . G   B 1 2  ? 12.011  -7.896  -2.311  1.000 15.88 ? 202 G   B C8    1 
ATOM   310 N  N7    . G   B 1 2  ? 11.704  -7.728  -1.045  1.000 15.61 ? 202 G   B N7    1 
ATOM   311 C  C5    . G   B 1 2  ? 10.897  -8.825  -0.741  1.000 14.62 ? 202 G   B C5    1 
ATOM   312 C  C6    . G   B 1 2  ? 10.255  -9.207  0.463   1.000 14.98 ? 202 G   B C6    1 
ATOM   313 O  O6    . G   B 1 2  ? 10.248  -8.654  1.574   1.000 15.61 ? 202 G   B O6    1 
ATOM   314 N  N1    . G   B 1 2  ? 9.533   -10.395 0.320   1.000 13.93 ? 202 G   B N1    1 
ATOM   315 C  C2    . G   B 1 2  ? 9.435   -11.137 -0.839  1.000 13.92 ? 202 G   B C2    1 
ATOM   316 N  N2    . G   B 1 2  ? 8.693   -12.257 -0.784  1.000 16.49 ? 202 G   B N2    1 
ATOM   317 N  N3    . G   B 1 2  ? 10.039  -10.779 -1.968  1.000 15.06 ? 202 G   B N3    1 
ATOM   318 C  C4    . G   B 1 2  ? 10.743  -9.626  -1.851  1.000 15.88 ? 202 G   B C4    1 
ATOM   319 P  P     . C   B 1 3  ? 8.382   -6.793  -6.483  1.000 16.79 ? 203 C   B P     1 
ATOM   320 O  OP1   . C   B 1 3  ? 7.876   -6.427  -7.826  1.000 19.72 ? 203 C   B OP1   1 
ATOM   321 O  OP2   . C   B 1 3  ? 8.515   -5.797  -5.528  1.000 17.07 ? 203 C   B OP2   1 
ATOM   322 O  "O5'" . C   B 1 3  ? 7.408   -7.878  -5.842  1.000 15.39 ? 203 C   B "O5'" 1 
ATOM   323 C  "C5'" . C   B 1 3  ? 7.046   -9.056  -6.575  1.000 15.20 ? 203 C   B "C5'" 1 
ATOM   324 C  "C4'" . C   B 1 3  ? 6.314   -9.990  -5.639  1.000 15.08 ? 203 C   B "C4'" 1 
ATOM   325 O  "O4'" . C   B 1 3  ? 7.153   -10.306 -4.501  1.000 14.77 ? 203 C   B "O4'" 1 
ATOM   326 C  "C3'" . C   B 1 3  ? 5.045   -9.443  -5.015  1.000 13.85 ? 203 C   B "C3'" 1 
ATOM   327 O  "O3'" . C   B 1 3  ? 3.944   -9.514  -5.899  1.000 14.35 ? 203 C   B "O3'" 1 
ATOM   328 C  "C2'" . C   B 1 3  ? 4.899   -10.352 -3.800  1.000 13.16 ? 203 C   B "C2'" 1 
ATOM   329 O  "O2'" . C   B 1 3  ? 4.479   -11.679 -4.274  1.000 15.65 ? 203 C   B "O2'" 1 
ATOM   330 C  "C1'" . C   B 1 3  ? 6.353   -10.489 -3.352  1.000 13.44 ? 203 C   B "C1'" 1 
ATOM   331 N  N1    . C   B 1 3  ? 6.706   -9.491  -2.332  1.000 13.33 ? 203 C   B N1    1 
ATOM   332 C  C2    . C   B 1 3  ? 6.206   -9.694  -1.038  1.000 12.58 ? 203 C   B C2    1 
ATOM   333 O  O2    . C   B 1 3  ? 5.503   -10.705 -0.849  1.000 13.21 ? 203 C   B O2    1 
ATOM   334 N  N3    . C   B 1 3  ? 6.481   -8.818  -0.050  1.000 11.74 ? 203 C   B N3    1 
ATOM   335 C  C4    . C   B 1 3  ? 7.240   -7.759  -0.313  1.000 12.99 ? 203 C   B C4    1 
ATOM   336 N  N4    . C   B 1 3  ? 7.509   -6.910  0.678   1.000 13.40 ? 203 C   B N4    1 
ATOM   337 C  C5    . C   B 1 3  ? 7.772   -7.524  -1.634  1.000 13.82 ? 203 C   B C5    1 
ATOM   338 C  C6    . C   B 1 3  ? 7.491   -8.385  -2.615  1.000 12.70 ? 203 C   B C6    1 
ATOM   339 P  P     . G   B 1 4  ? 2.862   -8.319  -5.905  1.000 16.53 ? 204 G   B P     1 
ATOM   340 O  OP1   . G   B 1 4  ? 1.758   -8.836  -6.806  1.000 20.18 ? 204 G   B OP1   1 
ATOM   341 O  OP2   . G   B 1 4  ? 3.569   -7.035  -6.122  1.000 18.02 ? 204 G   B OP2   1 
ATOM   342 O  "O5'" . G   B 1 4  ? 2.333   -8.257  -4.406  1.000 14.29 ? 204 G   B "O5'" 1 
ATOM   343 C  "C5'" . G   B 1 4  ? 1.619   -9.356  -3.836  1.000 12.46 ? 204 G   B "C5'" 1 
ATOM   344 C  "C4'" . G   B 1 4  ? 1.446   -9.163  -2.355  1.000 12.05 ? 204 G   B "C4'" 1 
ATOM   345 O  "O4'" . G   B 1 4  ? 2.734   -9.083  -1.681  1.000 11.55 ? 204 G   B "O4'" 1 
ATOM   346 C  "C3'" . G   B 1 4  ? 0.718   -7.872  -1.946  1.000 12.10 ? 204 G   B "C3'" 1 
ATOM   347 O  "O3'" . G   B 1 4  ? -0.661  -8.067  -2.112  1.000 13.92 ? 204 G   B "O3'" 1 
ATOM   348 C  "C2'" . G   B 1 4  ? 1.238   -7.678  -0.520  1.000 11.86 ? 204 G   B "C2'" 1 
ATOM   349 O  "O2'" . G   B 1 4  ? 0.563   -8.450  0.427   1.000 11.98 ? 204 G   B "O2'" 1 
ATOM   350 C  "C1'" . G   B 1 4  ? 2.702   -8.137  -0.647  1.000 11.03 ? 204 G   B "C1'" 1 
ATOM   351 N  N9    . G   B 1 4  ? 3.598   -7.025  -0.972  1.000 11.01 ? 204 G   B N9    1 
ATOM   352 C  C8    . G   B 1 4  ? 4.036   -6.701  -2.239  1.000 13.12 ? 204 G   B C8    1 
ATOM   353 N  N7    . G   B 1 4  ? 4.833   -5.651  -2.218  1.000 13.34 ? 204 G   B N7    1 
ATOM   354 C  C5    . G   B 1 4  ? 4.912   -5.280  -0.883  1.000 12.24 ? 204 G   B C5    1 
ATOM   355 C  C6    . G   B 1 4  ? 5.619   -4.227  -0.257  1.000 14.15 ? 204 G   B C6    1 
ATOM   356 O  O6    . G   B 1 4  ? 6.351   -3.369  -0.775  1.000 16.64 ? 204 G   B O6    1 
ATOM   357 N  N1    . G   B 1 4  ? 5.420   -4.213  1.118   1.000 14.37 ? 204 G   B N1    1 
ATOM   358 C  C2    . G   B 1 4  ? 4.644   -5.093  1.832   1.000 12.25 ? 204 G   B C2    1 
ATOM   359 N  N2    . G   B 1 4  ? 4.623   -4.857  3.159   1.000 14.06 ? 204 G   B N2    1 
ATOM   360 N  N3    . G   B 1 4  ? 3.985   -6.077  1.245   1.000 11.55 ? 204 G   B N3    1 
ATOM   361 C  C4    . G   B 1 4  ? 4.162   -6.114  -0.109  1.000 11.10 ? 204 G   B C4    1 
ATOM   362 P  P     . A   B 1 5  ? -1.722  -6.872  -2.084  1.000 13.60 ? 205 A   B P     1 
ATOM   363 O  OP1   . A   B 1 5  ? -2.742  -7.147  -3.162  1.000 16.44 ? 205 A   B OP1   1 
ATOM   364 O  OP2   . A   B 1 5  ? -1.020  -5.550  -2.009  1.000 14.64 ? 205 A   B OP2   1 
ATOM   365 O  "O5'" . A   B 1 5  ? -2.418  -7.019  -0.650  1.000 12.78 ? 205 A   B "O5'" 1 
ATOM   366 C  "C5'" . A   B 1 5  ? -3.130  -8.238  -0.341  1.000 13.74 ? 205 A   B "C5'" 1 
ATOM   367 C  "C4'" . A   B 1 5  ? -3.602  -8.195  1.082   1.000 12.35 ? 205 A   B "C4'" 1 
ATOM   368 O  "O4'" . A   B 1 5  ? -2.394  -8.325  1.924   1.000 11.63 ? 205 A   B "O4'" 1 
ATOM   369 C  "C3'" . A   B 1 5  ? -4.277  -6.942  1.600   1.000 11.98 ? 205 A   B "C3'" 1 
ATOM   370 O  "O3'" . A   B 1 5  ? -5.680  -6.940  1.338   1.000 12.09 ? 205 A   B "O3'" 1 
ATOM   371 C  "C2'" . A   B 1 5  ? -3.965  -6.986  3.083   1.000 11.86 ? 205 A   B "C2'" 1 
ATOM   372 O  "O2'" . A   B 1 5  ? -4.823  -8.087  3.652   1.000 12.21 ? 205 A   B "O2'" 1 
ATOM   373 C  "C1'" . A   B 1 5  ? -2.555  -7.489  3.089   1.000 11.35 ? 205 A   B "C1'" 1 
ATOM   374 N  N9    . A   B 1 5  ? -1.516  -6.446  3.002   1.000 10.83 ? 205 A   B N9    1 
ATOM   375 C  C8    . A   B 1 5  ? -0.807  -6.053  1.885   1.000 11.42 ? 205 A   B C8    1 
ATOM   376 N  N7    . A   B 1 5  ? 0.050   -5.100  2.177   1.000 11.76 ? 205 A   B N7    1 
ATOM   377 C  C5    . A   B 1 5  ? -0.105  -4.856  3.527   1.000 10.82 ? 205 A   B C5    1 
ATOM   378 C  C6    . A   B 1 5  ? 0.505   -3.977  4.416   1.000 11.09 ? 205 A   B C6    1 
ATOM   379 N  N6    . A   B 1 5  ? 1.464   -3.079  4.139   1.000 13.99 ? 205 A   B N6    1 
ATOM   380 N  N1    . A   B 1 5  ? 0.097   -4.020  5.695   1.000 12.03 ? 205 A   B N1    1 
ATOM   381 C  C2    . A   B 1 5  ? -0.851  -4.875  6.063   1.000 12.19 ? 205 A   B C2    1 
ATOM   382 N  N3    . A   B 1 5  ? -1.501  -5.752  5.317   1.000 11.30 ? 205 A   B N3    1 
ATOM   383 C  C4    . A   B 1 5  ? -1.074  -5.697  4.050   1.000 11.45 ? 205 A   B C4    1 
ATOM   384 P  P     . A   B 1 6  ? -6.397  -5.525  1.058   1.000 13.67 ? 206 A   B P     1 
ATOM   385 O  OP1   . A   B 1 6  ? -7.891  -5.877  1.045   1.000 16.02 ? 206 A   B OP1   1 
ATOM   386 O  OP2   . A   B 1 6  ? -5.722  -4.863  -0.014  1.000 15.22 ? 206 A   B OP2   1 
ATOM   387 O  "O5'" . A   B 1 6  ? -6.057  -4.638  2.331   1.000 13.03 ? 206 A   B "O5'" 1 
ATOM   388 C  "C5'" . A   B 1 6  ? -6.680  -4.987  3.597   1.000 14.02 ? 206 A   B "C5'" 1 
ATOM   389 C  "C4'" . A   B 1 6  ? -6.147  -4.046  4.649   1.000 13.98 ? 206 A   B "C4'" 1 
ATOM   390 O  "O4'" . A   B 1 6  ? -4.697  -4.176  4.765   1.000 13.70 ? 206 A   B "O4'" 1 
ATOM   391 C  "C3'" . A   B 1 6  ? -6.344  -2.573  4.383   1.000 14.79 ? 206 A   B "C3'" 1 
ATOM   392 O  "O3'" . A   B 1 6  ? -7.650  -2.183  4.809   1.000 16.20 ? 206 A   B "O3'" 1 
ATOM   393 C  "C2'" . A   B 1 6  ? -5.238  -1.926  5.180   1.000 15.03 ? 206 A   B "C2'" 1 
ATOM   394 O  "O2'" . A   B 1 6  ? -5.702  -1.947  6.584   1.000 20.88 ? 206 A   B "O2'" 1 
ATOM   395 C  "C1'" . A   B 1 6  ? -4.121  -2.974  5.106   1.000 14.49 ? 206 A   B "C1'" 1 
ATOM   396 N  N9    . A   B 1 6  ? -3.174  -2.571  4.068   1.000 13.33 ? 206 A   B N9    1 
ATOM   397 C  C8    . A   B 1 6  ? -3.154  -2.977  2.762   1.000 13.63 ? 206 A   B C8    1 
ATOM   398 N  N7    . A   B 1 6  ? -2.163  -2.409  2.089   1.000 13.37 ? 206 A   B N7    1 
ATOM   399 C  C5    . A   B 1 6  ? -1.509  -1.599  3.011   1.000 14.43 ? 206 A   B C5    1 
ATOM   400 C  C6    . A   B 1 6  ? -0.390  -0.744  2.920   1.000 15.86 ? 206 A   B C6    1 
ATOM   401 N  N6    . A   B 1 6  ? 0.314   -0.552  1.812   1.000 15.71 ? 206 A   B N6    1 
ATOM   402 N  N1    . A   B 1 6  ? -0.014  -0.086  4.052   1.000 19.08 ? 206 A   B N1    1 
ATOM   403 C  C2    . A   B 1 6  ? -0.721  -0.279  5.165   1.000 18.07 ? 206 A   B C2    1 
ATOM   404 N  N3    . A   B 1 6  ? -1.791  -1.052  5.374   1.000 16.56 ? 206 A   B N3    1 
ATOM   405 C  C4    . A   B 1 6  ? -2.139  -1.693  4.237   1.000 14.47 ? 206 A   B C4    1 
HETATM 406 P  P     . 5BU B 1 7  ? -8.495  -1.162  3.908   1.000 17.01 ? 207 5BU B P     1 
HETATM 407 O  OP1   . 5BU B 1 7  ? -9.792  -0.997  4.637   1.000 18.82 ? 207 5BU B OP1   1 
HETATM 408 O  OP2   . 5BU B 1 7  ? -8.441  -1.532  2.453   1.000 17.49 ? 207 5BU B OP2   1 
HETATM 409 O  "O5'" . 5BU B 1 7  ? -7.679  0.202   4.011   1.000 14.36 ? 207 5BU B "O5'" 1 
HETATM 410 C  "C5'" . 5BU B 1 7  ? -7.531  0.867   5.290   1.000 15.96 ? 207 5BU B "C5'" 1 
HETATM 411 C  "C4'" . 5BU B 1 7  ? -6.655  2.079   5.081   1.000 14.92 ? 207 5BU B "C4'" 1 
HETATM 412 O  "O4'" . 5BU B 1 7  ? -5.410  1.678   4.461   1.000 14.10 ? 207 5BU B "O4'" 1 
HETATM 413 C  "C3'" . 5BU B 1 7  ? -7.230  3.156   4.165   1.000 14.28 ? 207 5BU B "C3'" 1 
HETATM 414 O  "O3'" . 5BU B 1 7  ? -6.892  4.425   4.618   1.000 15.02 ? 207 5BU B "O3'" 1 
HETATM 415 C  "C2'" . 5BU B 1 7  ? -6.562  2.915   2.837   1.000 14.32 ? 207 5BU B "C2'" 1 
HETATM 416 O  "O2'" . 5BU B 1 7  ? -6.570  4.002   1.950   1.000 12.93 ? 207 5BU B "O2'" 1 
HETATM 417 C  "C1'" . 5BU B 1 7  ? -5.166  2.444   3.308   1.000 13.47 ? 207 5BU B "C1'" 1 
HETATM 418 N  N1    . 5BU B 1 7  ? -4.557  1.692   2.240   1.000 12.75 ? 207 5BU B N1    1 
HETATM 419 C  C2    . 5BU B 1 7  ? -3.445  2.255   1.646   1.000 12.84 ? 207 5BU B C2    1 
HETATM 420 O  O2    . 5BU B 1 7  ? -2.963  3.332   1.978   1.000 15.16 ? 207 5BU B O2    1 
HETATM 421 N  N3    . 5BU B 1 7  ? -2.899  1.484   0.630   1.000 12.40 ? 207 5BU B N3    1 
HETATM 422 C  C4    . 5BU B 1 7  ? -3.392  0.264   0.195   1.000 12.50 ? 207 5BU B C4    1 
HETATM 423 O  O4    . 5BU B 1 7  ? -2.748  -0.242  -0.729  1.000 13.76 ? 207 5BU B O4    1 
HETATM 424 C  C5    . 5BU B 1 7  ? -4.557  -0.320  0.823   1.000 12.80 ? 207 5BU B C5    1 
HETATM 425 C  C6    . 5BU B 1 7  ? -5.044  0.467   1.819   1.000 12.35 ? 207 5BU B C6    1 
HETATM 426 BR BR    . 5BU B 1 7  ? -5.215  -1.823  0.348   1.000 16.47 0 207 5BU B BR    1 
HETATM 427 P  P     . 8RJ B 1 8  ? -7.732  5.232   5.703   1.000 15.94 ? 208 8RJ B P     1 
HETATM 428 O  OP2   . 8RJ B 1 8  ? -9.138  5.275   5.242   1.000 24.08 ? 208 8RJ B OP2   1 
HETATM 429 O  O1    . 8RJ B 1 8  ? -7.456  4.652   7.037   1.000 21.93 ? 208 8RJ B O1    1 
HETATM 430 O  "O5'" . 8RJ B 1 8  ? -6.997  6.595   5.482   1.000 19.98 ? 208 8RJ B "O5'" 1 
HETATM 431 O  O4    . 8RJ B 1 8  ? -0.130  10.268  4.867   1.000 19.11 ? 208 8RJ B O4    1 
HETATM 432 C  C4    . 8RJ B 1 8  ? -1.161  9.744   5.262   1.000 17.25 ? 208 8RJ B C4    1 
HETATM 433 N  N3    . 8RJ B 1 8  ? -1.585  8.595   4.600   1.000 16.05 ? 208 8RJ B N3    1 
HETATM 434 C  C2    . 8RJ B 1 8  ? -2.764  7.939   4.998   1.000 16.30 ? 208 8RJ B C2    1 
HETATM 435 O  O2    . 8RJ B 1 8  ? -3.062  6.940   4.352   1.000 16.47 ? 208 8RJ B O2    1 
HETATM 436 C  C5    . 8RJ B 1 8  ? -1.889  10.252  6.332   1.000 19.74 ? 208 8RJ B C5    1 
HETATM 437 C  C5M   . 8RJ B 1 8  ? -1.496  11.405  7.033   1.000 21.84 ? 208 8RJ B C5M   1 
HETATM 438 C  C6    . 8RJ B 1 8  ? -3.046  9.574   6.695   1.000 19.49 ? 208 8RJ B C6    1 
HETATM 439 N  N1    . 8RJ B 1 8  ? -3.459  8.425   6.019   1.000 16.98 ? 208 8RJ B N1    1 
HETATM 440 C  C1G   . 8RJ B 1 8  ? -4.709  7.770   6.479   1.000 17.73 ? 208 8RJ B C1G   1 
HETATM 441 C  C2G   . 8RJ B 1 8  ? -5.895  8.639   6.044   1.000 18.19 ? 208 8RJ B C2G   1 
HETATM 442 O  O2G   . 8RJ B 1 8  ? -5.694  8.838   4.630   1.000 17.35 ? 208 8RJ B O2G   1 
HETATM 443 C  C3G   . 8RJ B 1 8  ? -7.175  7.785   6.232   1.000 18.16 ? 208 8RJ B C3G   1 
ATOM   444 P  P     . A   B 1 9  ? -6.548  9.781   3.787   1.000 18.98 ? 209 A   B P     1 
ATOM   445 O  OP1   . A   B 1 9  ? -7.080  8.953   2.650   1.000 19.52 ? 209 A   B OP1   1 
ATOM   446 O  OP2   . A   B 1 9  ? -7.380  10.622  4.737   1.000 23.46 ? 209 A   B OP2   1 
ATOM   447 O  "O5'" . A   B 1 9  ? -5.512  10.745  3.139   1.000 16.61 ? 209 A   B "O5'" 1 
ATOM   448 C  "C5'" . A   B 1 9  ? -4.877  11.725  4.008   1.000 16.78 ? 209 A   B "C5'" 1 
ATOM   449 C  "C4'" . A   B 1 9  ? -3.640  12.253  3.330   1.000 15.80 ? 209 A   B "C4'" 1 
ATOM   450 O  "O4'" . A   B 1 9  ? -2.694  11.148  3.177   1.000 15.07 ? 209 A   B "O4'" 1 
ATOM   451 C  "C3'" . A   B 1 9  ? -3.763  12.809  1.922   1.000 15.14 ? 209 A   B "C3'" 1 
ATOM   452 O  "O3'" . A   B 1 9  ? -4.245  14.135  1.964   1.000 15.61 ? 209 A   B "O3'" 1 
ATOM   453 C  "C2'" . A   B 1 9  ? -2.343  12.709  1.437   1.000 14.55 ? 209 A   B "C2'" 1 
ATOM   454 O  "O2'" . A   B 1 9  ? -1.488  13.730  2.067   1.000 15.16 ? 209 A   B "O2'" 1 
ATOM   455 C  "C1'" . A   B 1 9  ? -1.891  11.379  2.029   1.000 13.70 ? 209 A   B "C1'" 1 
ATOM   456 N  N9    . A   B 1 9  ? -2.053  10.284  1.068   1.000 12.40 ? 209 A   B N9    1 
ATOM   457 C  C8    . A   B 1 9  ? -2.927  9.238   1.123   1.000 12.32 ? 209 A   B C8    1 
ATOM   458 N  N7    . A   B 1 9  ? -2.837  8.412   0.120   1.000 11.32 ? 209 A   B N7    1 
ATOM   459 C  C5    . A   B 1 9  ? -1.826  8.938   -0.652  1.000 10.17 ? 209 A   B C5    1 
ATOM   460 C  C6    . A   B 1 9  ? -1.244  8.525   -1.865  1.000 10.44 ? 209 A   B C6    1 
ATOM   461 N  N6    . A   B 1 9  ? -1.609  7.440   -2.543  1.000 11.39 ? 209 A   B N6    1 
ATOM   462 N  N1    . A   B 1 9  ? -0.255  9.302   -2.363  1.000 11.46 ? 209 A   B N1    1 
ATOM   463 C  C2    . A   B 1 9  ? 0.118   10.404  -1.676  1.000 11.82 ? 209 A   B C2    1 
ATOM   464 N  N3    . A   B 1 9  ? -0.359  10.893  -0.528  1.000 12.38 ? 209 A   B N3    1 
ATOM   465 C  C4    . A   B 1 9  ? -1.341  10.091  -0.073  1.000 11.70 ? 209 A   B C4    1 
ATOM   466 P  P     . G   B 1 10 ? -5.330  14.636  0.882   1.000 14.72 ? 210 G   B P     1 
ATOM   467 O  OP1   . G   B 1 10 ? -5.439  16.100  1.097   1.000 15.96 ? 210 G   B OP1   1 
ATOM   468 O  OP2   . G   B 1 10 ? -6.481  13.774  0.976   1.000 14.92 ? 210 G   B OP2   1 
ATOM   469 O  "O5'" . G   B 1 10 ? -4.675  14.286  -0.521  1.000 13.20 ? 210 G   B "O5'" 1 
ATOM   470 C  "C5'" . G   B 1 10 ? -3.581  15.086  -0.994  1.000 12.67 ? 210 G   B "C5'" 1 
ATOM   471 C  "C4'" . G   B 1 10 ? -3.084  14.456  -2.280  1.000 12.75 ? 210 G   B "C4'" 1 
ATOM   472 O  "O4'" . G   B 1 10 ? -2.487  13.143  -1.959  1.000 12.53 ? 210 G   B "O4'" 1 
ATOM   473 C  "C3'" . G   B 1 10 ? -4.091  14.157  -3.381  1.000 11.34 ? 210 G   B "C3'" 1 
ATOM   474 O  "O3'" . G   B 1 10 ? -4.416  15.342  -4.081  1.000 10.92 ? 210 G   B "O3'" 1 
ATOM   475 C  "C2'" . G   B 1 10 ? -3.319  13.114  -4.180  1.000 11.54 ? 210 G   B "C2'" 1 
ATOM   476 O  "O2'" . G   B 1 10 ? -2.301  13.736  -4.969  1.000 12.38 ? 210 G   B "O2'" 1 
ATOM   477 C  "C1'" . G   B 1 10 ? -2.713  12.272  -3.046  1.000 12.22 ? 210 G   B "C1'" 1 
ATOM   478 N  N9    . G   B 1 10 ? -3.648  11.242  -2.670  1.000 11.37 ? 210 G   B N9    1 
ATOM   479 C  C8    . G   B 1 10 ? -4.443  11.273  -1.546  1.000 13.64 ? 210 G   B C8    1 
ATOM   480 N  N7    . G   B 1 10 ? -5.202  10.208  -1.447  1.000 13.03 ? 210 G   B N7    1 
ATOM   481 C  C5    . G   B 1 10 ? -4.917  9.421   -2.545  1.000 11.27 ? 210 G   B C5    1 
ATOM   482 C  C6    . G   B 1 10 ? -5.434  8.157   -2.959  1.000 11.35 ? 210 G   B C6    1 
ATOM   483 O  O6    . G   B 1 10 ? -6.290  7.458   -2.399  1.000 12.67 ? 210 G   B O6    1 
ATOM   484 N  N1    . G   B 1 10 ? -4.842  7.745   -4.145  1.000 11.23 ? 210 G   B N1    1 
ATOM   485 C  C2    . G   B 1 10 ? -3.887  8.453   -4.836  1.000 10.77 ? 210 G   B C2    1 
ATOM   486 N  N2    . G   B 1 10 ? -3.421  7.897   -5.971  1.000 12.22 ? 210 G   B N2    1 
ATOM   487 N  N3    . G   B 1 10 ? -3.410  9.615   -4.452  1.000 11.17 ? 210 G   B N3    1 
ATOM   488 C  C4    . G   B 1 10 ? -3.960  10.047  -3.305  1.000 11.29 ? 210 G   B C4    1 
ATOM   489 P  P     . C   B 1 11 ? -5.814  15.465  -4.860  1.000 12.23 ? 211 C   B P     1 
ATOM   490 O  OP1   . C   B 1 11 ? -5.812  16.839  -5.378  1.000 13.12 ? 211 C   B OP1   1 
ATOM   491 O  OP2   . C   B 1 11 ? -6.926  15.015  -3.994  1.000 12.43 ? 211 C   B OP2   1 
ATOM   492 O  "O5'" . C   B 1 11 ? -5.756  14.402  -6.039  1.000 12.02 ? 211 C   B "O5'" 1 
ATOM   493 C  "C5'" . C   B 1 11 ? -4.739  14.517  -7.080  1.000 12.59 ? 211 C   B "C5'" 1 
ATOM   494 C  "C4'" . C   B 1 11 ? -4.717  13.252  -7.897  1.000 13.87 ? 211 C   B "C4'" 1 
ATOM   495 O  "O4'" . C   B 1 11 ? -4.489  12.096  -7.058  1.000 13.94 ? 211 C   B "O4'" 1 
ATOM   496 C  "C3'" . C   B 1 11 ? -6.014  12.884  -8.614  1.000 13.45 ? 211 C   B "C3'" 1 
ATOM   497 O  "O3'" . C   B 1 11 ? -6.185  13.695  -9.755  1.000 13.97 ? 211 C   B "O3'" 1 
ATOM   498 C  "C2'" . C   B 1 11 ? -5.793  11.422  -8.925  1.000 14.34 ? 211 C   B "C2'" 1 
ATOM   499 O  "O2'" . C   B 1 11 ? -4.693  11.254  -9.931  1.000 17.31 ? 211 C   B "O2'" 1 
ATOM   500 C  "C1'" . C   B 1 11 ? -5.156  10.965  -7.610  1.000 14.32 ? 211 C   B "C1'" 1 
ATOM   501 N  N1    . C   B 1 11 ? -6.118  10.524  -6.627  1.000 13.87 ? 211 C   B N1    1 
ATOM   502 C  C2    . C   B 1 11 ? -6.668  9.249   -6.807  1.000 13.69 ? 211 C   B C2    1 
ATOM   503 O  O2    . C   B 1 11 ? -6.308  8.582   -7.780  1.000 15.00 ? 211 C   B O2    1 
ATOM   504 N  N3    . C   B 1 11 ? -7.567  8.807   -5.906  1.000 14.40 ? 211 C   B N3    1 
ATOM   505 C  C4    . C   B 1 11 ? -7.919  9.556   -4.877  1.000 14.56 ? 211 C   B C4    1 
ATOM   506 N  N4    . C   B 1 11 ? -8.826  9.066   -4.006  1.000 15.29 ? 211 C   B N4    1 
ATOM   507 C  C5    . C   B 1 11 ? -7.364  10.842  -4.705  1.000 14.19 ? 211 C   B C5    1 
ATOM   508 C  C6    . C   B 1 11 ? -6.471  11.312  -5.580  1.000 14.64 ? 211 C   B C6    1 
ATOM   509 P  P     . G   B 1 12 ? -7.672  13.950  -10.314 1.000 14.65 ? 212 G   B P     1 
ATOM   510 O  OP1   . G   B 1 12 ? -7.505  14.931  -11.382 1.000 17.05 ? 212 G   B OP1   1 
ATOM   511 O  OP2   . G   B 1 12 ? -8.564  14.172  -9.172  1.000 14.29 ? 212 G   B OP2   1 
ATOM   512 O  "O5'" . G   B 1 12 ? -8.144  12.549  -10.893 1.000 13.41 ? 212 G   B "O5'" 1 
ATOM   513 C  "C5'" . G   B 1 12 ? -7.406  11.937  -11.993 1.000 13.94 ? 212 G   B "C5'" 1 
ATOM   514 C  "C4'" . G   B 1 12 ? -8.098  10.652  -12.372 1.000 13.15 ? 212 G   B "C4'" 1 
ATOM   515 O  "O4'" . G   B 1 12 ? -7.945  9.743   -11.265 1.000 13.72 ? 212 G   B "O4'" 1 
ATOM   516 C  "C3'" . G   B 1 12 ? -9.595  10.727  -12.626 1.000 14.60 ? 212 G   B "C3'" 1 
ATOM   517 O  "O3'" . G   B 1 12 ? -9.838  11.172  -13.939 1.000 15.13 ? 212 G   B "O3'" 1 
ATOM   518 C  "C2'" . G   B 1 12 ? -10.041 9.287   -12.336 1.000 13.41 ? 212 G   B "C2'" 1 
ATOM   519 O  "O2'" . G   B 1 12 ? -9.716  8.454   -13.406 1.000 16.45 ? 212 G   B "O2'" 1 
ATOM   520 C  "C1'" . G   B 1 12 ? -9.113  8.905   -11.187 1.000 13.00 ? 212 G   B "C1'" 1 
ATOM   521 N  N9    . G   B 1 12 ? -9.643  9.125   -9.864  1.000 12.55 ? 212 G   B N9    1 
ATOM   522 C  C8    . G   B 1 12 ? -9.411  10.163  -9.014  1.000 13.87 ? 212 G   B C8    1 
ATOM   523 N  N7    . G   B 1 12 ? -10.059 10.048  -7.872  1.000 13.64 ? 212 G   B N7    1 
ATOM   524 C  C5    . G   B 1 12 ? -10.755 8.848   -7.999  1.000 13.05 ? 212 G   B C5    1 
ATOM   525 C  C6    . G   B 1 12 ? -11.632 8.172   -7.104  1.000 12.87 ? 212 G   B C6    1 
ATOM   526 O  O6    . G   B 1 12 ? -11.982 8.513   -5.983  1.000 13.46 ? 212 G   B O6    1 
ATOM   527 N  N1    . G   B 1 12 ? -12.116 6.974   -7.652  1.000 13.27 ? 212 G   B N1    1 
ATOM   528 C  C2    . G   B 1 12 ? -11.807 6.486   -8.881  1.000 12.76 ? 212 G   B C2    1 
ATOM   529 N  N2    . G   B 1 12 ? -12.362 5.320   -9.247  1.000 14.67 ? 212 G   B N2    1 
ATOM   530 N  N3    . G   B 1 12 ? -10.984 7.108   -9.732  1.000 12.80 ? 212 G   B N3    1 
ATOM   531 C  C4    . G   B 1 12 ? -10.513 8.257   -9.220  1.000 11.81 ? 212 G   B C4    1 
HETATM 532 O  O     . HOH C 2 .  ? 8.572   -17.043 -2.543  1.000 52.25 ? 201 HOH A O     1 
HETATM 533 O  O     . HOH C 2 .  ? -2.745  5.515   -9.098  0.500 35.90 ? 202 HOH A O     1 
HETATM 534 O  O     . HOH C 2 .  ? -7.545  0.219   -1.758  1.000 19.57 ? 203 HOH A O     1 
HETATM 535 O  O     . HOH C 2 .  ? 3.528   -1.549  1.355   1.000 39.84 ? 204 HOH A O     1 
HETATM 536 O  O     . HOH C 2 .  ? 1.652   2.091   0.753   1.000 20.60 ? 205 HOH A O     1 
HETATM 537 O  O     . HOH C 2 .  ? 1.670   5.318   9.919   1.000 48.24 ? 206 HOH A O     1 
HETATM 538 O  O     . HOH C 2 .  ? -1.895  5.340   -9.464  0.500 35.37 ? 207 HOH A O     1 
HETATM 539 O  O     . HOH C 2 .  ? 5.963   -16.182 -0.086  1.000 38.81 ? 208 HOH A O     1 
HETATM 540 O  O     . HOH C 2 .  ? 9.846   3.735   11.703  1.000 45.35 ? 209 HOH A O     1 
HETATM 541 O  O     . HOH C 2 .  ? 6.281   -11.417 13.781  1.000 32.50 ? 210 HOH A O     1 
HETATM 542 O  O     . HOH C 2 .  ? -0.764  -7.972  9.357   1.000 17.49 ? 211 HOH A O     1 
HETATM 543 O  O     . HOH C 2 .  ? -2.127  -4.467  10.843  1.000 26.41 ? 212 HOH A O     1 
HETATM 544 O  O     . HOH C 2 .  ? -8.904  3.717   -10.545 1.000 26.56 ? 213 HOH A O     1 
HETATM 545 O  O     . HOH C 2 .  ? 10.147  -14.270 5.210   1.000 27.21 ? 214 HOH A O     1 
HETATM 546 O  O     . HOH C 2 .  ? 7.419   -2.787  12.401  1.000 45.52 ? 215 HOH A O     1 
HETATM 547 O  O     . HOH C 2 .  ? -15.769 -2.318  -8.092  1.000 39.92 ? 216 HOH A O     1 
HETATM 548 O  O     . HOH C 2 .  ? -10.392 6.135   -1.811  1.000 23.48 ? 217 HOH A O     1 
HETATM 549 O  O     . HOH C 2 .  ? 0.482   7.003   -6.558  1.000 15.80 ? 218 HOH A O     1 
HETATM 550 O  O     . HOH C 2 .  ? -11.404 2.961   -2.575  1.000 30.01 ? 219 HOH A O     1 
HETATM 551 O  O     . HOH C 2 .  ? 5.761   2.132   -3.318  1.000 71.24 ? 220 HOH A O     1 
HETATM 552 O  O     . HOH C 2 .  ? 0.126   0.903   -10.874 1.000 19.14 ? 221 HOH A O     1 
HETATM 553 O  O     . HOH C 2 .  ? -4.069  -2.972  -7.194  1.000 20.75 ? 222 HOH A O     1 
HETATM 554 O  O     . HOH C 2 .  ? 12.516  -11.265 5.334   1.000 23.65 ? 223 HOH A O     1 
HETATM 555 O  O     . HOH C 2 .  ? 3.590   1.877   -1.141  1.000 23.79 ? 224 HOH A O     1 
HETATM 556 O  O     . HOH C 2 .  ? 9.563   -17.462 8.146   1.000 26.82 ? 225 HOH A O     1 
HETATM 557 O  O     . HOH C 2 .  ? -0.381  0.940   -2.663  1.000 17.46 ? 226 HOH A O     1 
HETATM 558 O  O     . HOH C 2 .  ? 5.374   -15.531 12.216  1.000 16.41 ? 227 HOH A O     1 
HETATM 559 O  O     . HOH C 2 .  ? 6.627   1.802   13.125  1.000 29.80 ? 228 HOH A O     1 
HETATM 560 O  O     . HOH C 2 .  ? -9.142  0.265   -3.830  1.000 25.05 ? 229 HOH A O     1 
HETATM 561 O  O     . HOH C 2 .  ? 8.509   -5.823  3.991   1.000 33.86 ? 230 HOH A O     1 
HETATM 562 O  O     . HOH C 2 .  ? 12.447  -16.038 -2.849  1.000 30.48 ? 231 HOH A O     1 
HETATM 563 O  O     . HOH C 2 .  ? 11.337  -20.645 2.842   1.000 36.31 ? 232 HOH A O     1 
HETATM 564 O  O     . HOH C 2 .  ? 7.752   -10.286 8.793   1.000 21.47 ? 233 HOH A O     1 
HETATM 565 O  O     . HOH C 2 .  ? 7.986   -5.558  11.566  1.000 30.26 ? 234 HOH A O     1 
HETATM 566 O  O     . HOH C 2 .  ? 1.930   -12.729 4.049   1.000 14.90 ? 235 HOH A O     1 
HETATM 567 O  O     . HOH C 2 .  ? 9.563   -12.880 7.593   1.000 21.18 ? 236 HOH A O     1 
HETATM 568 O  O     . HOH C 2 .  ? -5.833  -0.508  -3.597  1.000 18.09 ? 237 HOH A O     1 
HETATM 569 O  O     . HOH C 2 .  ? 5.602   -13.887 -0.841  1.000 26.89 ? 238 HOH A O     1 
HETATM 570 O  O     . HOH C 2 .  ? -8.718  3.121   -1.721  1.000 21.79 ? 239 HOH A O     1 
HETATM 571 O  O     . HOH C 2 .  ? 1.707   -0.997  -7.689  1.000 26.39 ? 240 HOH A O     1 
HETATM 572 O  O     . HOH C 2 .  ? 2.634   -8.340  13.416  1.000 34.29 ? 241 HOH A O     1 
HETATM 573 O  O     . HOH C 2 .  ? 6.136   -7.762  14.355  1.000 42.30 ? 242 HOH A O     1 
HETATM 574 O  O     . HOH C 2 .  ? -0.838  -2.875  -9.873  1.000 20.25 ? 243 HOH A O     1 
HETATM 575 O  O     . HOH C 2 .  ? -14.716 1.906   -9.654  1.000 29.21 ? 244 HOH A O     1 
HETATM 576 O  O     . HOH C 2 .  ? 8.930   -13.401 10.869  1.000 32.59 ? 245 HOH A O     1 
HETATM 577 O  O     . HOH C 2 .  ? -0.010  -11.023 2.843   1.000 11.78 ? 246 HOH A O     1 
HETATM 578 O  O     . HOH C 2 .  ? -1.527  2.714   -11.627 1.000 25.22 ? 247 HOH A O     1 
HETATM 579 O  O     . HOH C 2 .  ? 2.027   -12.521 0.023   0.500 21.00 ? 248 HOH A O     1 
HETATM 580 O  O     . HOH C 2 .  ? 2.646   -15.607 3.316   0.500 25.70 ? 249 HOH A O     1 
HETATM 581 O  O     . HOH C 2 .  ? -9.100  -1.842  -11.132 1.000 25.38 ? 250 HOH A O     1 
HETATM 582 O  O     . HOH C 2 .  ? -1.617  -1.030  -4.177  1.000 18.97 ? 251 HOH A O     1 
HETATM 583 O  O     . HOH C 2 .  ? -14.783 7.282   -1.566  1.000 27.58 ? 252 HOH A O     1 
HETATM 584 O  O     . HOH C 2 .  ? 10.320  -10.208 6.777   1.000 27.16 ? 253 HOH A O     1 
HETATM 585 O  O     . HOH C 2 .  ? 1.520   -5.929  13.267  1.000 29.66 ? 254 HOH A O     1 
HETATM 586 O  O     . HOH C 2 .  ? -6.871  5.443   -11.284 1.000 23.08 ? 255 HOH A O     1 
HETATM 587 O  O     . HOH C 2 .  ? 4.991   -19.470 3.316   1.000 23.15 ? 256 HOH A O     1 
HETATM 588 O  O     . HOH C 2 .  ? 8.346   -7.282  7.723   1.000 42.78 ? 257 HOH A O     1 
HETATM 589 O  O     . HOH C 2 .  ? 8.497   -10.133 13.554  0.500 35.26 ? 258 HOH A O     1 
HETATM 590 O  O     . HOH C 2 .  ? 2.495   -14.107 1.601   1.000 26.50 ? 259 HOH A O     1 
HETATM 591 O  O     . HOH C 2 .  ? -12.558 1.143   -11.657 1.000 31.95 ? 260 HOH A O     1 
HETATM 592 O  O     . HOH C 2 .  ? -12.884 5.357   -0.755  1.000 43.55 ? 261 HOH A O     1 
HETATM 593 O  O     . HOH C 2 .  ? 8.307   -15.609 12.498  1.000 32.74 ? 262 HOH A O     1 
HETATM 594 O  O     . HOH C 2 .  ? 10.864  2.572   13.408  1.000 45.81 ? 263 HOH A O     1 
HETATM 595 O  O     . HOH C 2 .  ? -13.388 3.006   -0.489  1.000 61.76 ? 264 HOH A O     1 
HETATM 596 O  O     . HOH C 2 .  ? -1.149  0.194   9.865   1.000 59.79 ? 265 HOH A O     1 
HETATM 597 O  O     . HOH C 2 .  ? 9.713   -9.721  12.680  0.500 35.32 ? 266 HOH A O     1 
HETATM 598 O  O     . HOH C 2 .  ? 11.231  -8.938  9.056   1.000 35.55 ? 267 HOH A O     1 
HETATM 599 O  O     . HOH C 2 .  ? 11.957  -14.023 9.317   1.000 50.14 ? 268 HOH A O     1 
HETATM 600 O  O     . HOH C 2 .  ? 11.944  -2.423  3.526   1.000 46.22 ? 269 HOH A O     1 
HETATM 601 O  O     . HOH C 2 .  ? 12.862  -12.026 9.971   1.000 46.03 ? 270 HOH A O     1 
HETATM 602 O  O     . HOH D 2 .  ? -3.152  1.492   5.178   1.000 64.64 ? 301 HOH B O     1 
HETATM 603 O  O     . HOH D 2 .  ? -7.741  -2.508  7.973   1.000 32.30 ? 302 HOH B O     1 
HETATM 604 O  O     . HOH D 2 .  ? -1.085  16.170  1.463   1.000 32.59 ? 303 HOH B O     1 
HETATM 605 O  O     . HOH D 2 .  ? 3.888   -4.501  -6.065  1.000 26.56 ? 304 HOH B O     1 
HETATM 606 O  O     . HOH D 2 .  ? -12.008 10.566  -4.434  1.000 20.69 ? 305 HOH B O     1 
HETATM 607 O  O     . HOH D 2 .  ? -7.688  6.914   -13.885 1.000 33.06 ? 306 HOH B O     1 
HETATM 608 O  O     . HOH D 2 .  ? -9.137  -3.616  0.790   0.500 20.98 ? 307 HOH B O     1 
HETATM 609 O  O     . HOH D 2 .  ? -5.152  9.113   -11.346 1.000 29.79 ? 308 HOH B O     1 
HETATM 610 O  O     . HOH D 2 .  ? 11.061  -6.578  2.927   1.000 37.17 ? 309 HOH B O     1 
HETATM 611 O  O     . HOH D 2 .  ? -12.378 11.382  -14.575 1.000 24.04 ? 310 HOH B O     1 
HETATM 612 O  O     . HOH D 2 .  ? -6.727  18.121  -0.019  1.000 20.24 ? 311 HOH B O     1 
HETATM 613 O  O     . HOH D 2 .  ? 15.855  -10.345 -4.767  1.000 23.57 ? 312 HOH B O     1 
HETATM 614 O  O     . HOH D 2 .  ? -0.182  -10.978 0.182   1.000 15.42 ? 313 HOH B O     1 
HETATM 615 O  O     . HOH D 2 .  ? -5.514  19.269  -4.355  1.000 14.39 ? 314 HOH B O     1 
HETATM 616 O  O     . HOH D 2 .  ? -7.139  5.430   9.571   1.000 22.67 ? 315 HOH B O     1 
HETATM 617 O  O     . HOH D 2 .  ? -8.837  16.789  -3.413  1.000 24.03 ? 316 HOH B O     1 
HETATM 618 O  O     . HOH D 2 .  ? 5.227   -6.378  -8.187  1.000 32.69 ? 317 HOH B O     1 
HETATM 619 O  O     . HOH D 2 .  ? -7.635  6.603   -0.235  1.000 44.14 ? 318 HOH B O     1 
HETATM 620 O  O     . HOH D 2 .  ? -9.712  12.634  -7.128  1.000 18.91 ? 319 HOH B O     1 
HETATM 621 O  O     . HOH D 2 .  ? -9.299  13.860  -4.703  1.000 18.67 ? 320 HOH B O     1 
HETATM 622 O  O     . HOH D 2 .  ? -1.655  11.077  -5.968  1.000 13.86 ? 321 HOH B O     1 
HETATM 623 O  O     . HOH D 2 .  ? -1.816  -3.263  -0.721  1.000 16.72 ? 322 HOH B O     1 
HETATM 624 O  O     . HOH D 2 .  ? -9.518  2.928   7.596   1.000 30.91 ? 323 HOH B O     1 
HETATM 625 O  O     . HOH D 2 .  ? 6.483   -4.561  -4.146  1.000 21.82 ? 324 HOH B O     1 
HETATM 626 O  O     . HOH D 2 .  ? -9.683  -4.028  2.015   0.500 16.49 ? 325 HOH B O     1 
HETATM 627 O  O     . HOH D 2 .  ? 1.517   -4.472  -1.952  1.000 17.23 ? 326 HOH B O     1 
HETATM 628 O  O     . HOH D 2 .  ? -8.613  -8.455  0.349   1.000 27.56 ? 327 HOH B O     1 
HETATM 629 O  O     . HOH D 2 .  ? -3.560  18.011  1.800   1.000 28.48 ? 328 HOH B O     1 
HETATM 630 O  O     . HOH D 2 .  ? -7.916  13.797  -1.704  1.000 17.99 ? 329 HOH B O     1 
HETATM 631 O  O     . HOH D 2 .  ? 8.778   -12.741 -5.705  1.000 43.74 ? 330 HOH B O     1 
HETATM 632 O  O     . HOH D 2 .  ? 10.175  -12.780 -3.894  0.600 29.65 ? 331 HOH B O     1 
HETATM 633 O  O     . HOH D 2 .  ? 12.141  -5.166  -0.022  1.000 39.51 ? 332 HOH B O     1 
HETATM 634 O  O     . HOH D 2 .  ? 0.966   12.807  4.455   1.000 29.65 ? 333 HOH B O     1 
HETATM 635 O  O     . HOH D 2 .  ? 2.518   9.445   5.257   1.000 32.89 ? 334 HOH B O     1 
HETATM 636 O  O     . HOH D 2 .  ? -0.711  2.730   -0.599  1.000 14.26 ? 335 HOH B O     1 
HETATM 637 O  O     . HOH D 2 .  ? -3.475  -2.110  -2.698  1.000 19.78 ? 336 HOH B O     1 
HETATM 638 O  O     . HOH D 2 .  ? -5.374  6.472   2.564   1.000 14.16 ? 337 HOH B O     1 
HETATM 639 O  O     . HOH D 2 .  ? -4.321  7.836   -9.628  1.000 34.09 ? 338 HOH B O     1 
HETATM 640 O  O     . HOH D 2 .  ? 9.877   -4.965  -3.205  1.000 22.44 ? 339 HOH B O     1 
HETATM 641 O  O     . HOH D 2 .  ? -7.253  -9.202  2.735   1.000 19.40 ? 340 HOH B O     1 
HETATM 642 O  O     . HOH D 2 .  ? 2.878   -13.013 -2.354  1.000 32.88 ? 341 HOH B O     1 
HETATM 643 O  O     . HOH D 2 .  ? 1.747   -3.504  0.563   1.000 18.25 ? 342 HOH B O     1 
HETATM 644 O  O     . HOH D 2 .  ? -8.524  0.334   0.315   1.000 31.26 ? 343 HOH B O     1 
HETATM 645 O  O     . HOH D 2 .  ? 0.073   -1.368  -0.904  1.000 21.54 ? 344 HOH B O     1 
HETATM 646 O  O     . HOH D 2 .  ? 0.324   9.209   -5.159  1.000 13.31 ? 345 HOH B O     1 
HETATM 647 O  O     . HOH D 2 .  ? -11.053 1.581   4.474   1.000 47.15 ? 346 HOH B O     1 
HETATM 648 O  O     . HOH D 2 .  ? -2.832  -9.925  -3.953  1.000 26.46 ? 347 HOH B O     1 
HETATM 649 O  O     . HOH D 2 .  ? -5.501  -7.824  -3.743  1.000 40.70 ? 348 HOH B O     1 
HETATM 650 O  O     . HOH D 2 .  ? -1.916  11.256  -9.038  1.000 38.76 ? 349 HOH B O     1 
HETATM 651 O  O     . HOH D 2 .  ? 5.223   -2.839  5.187   1.000 26.85 ? 350 HOH B O     1 
HETATM 652 O  O     . HOH D 2 .  ? 9.312   -4.737  -0.119  1.000 31.67 ? 351 HOH B O     1 
HETATM 653 O  O     . HOH D 2 .  ? -7.636  10.480  0.180   1.000 34.85 ? 352 HOH B O     1 
HETATM 654 O  O     . HOH D 2 .  ? 6.568   -13.684 -4.875  1.000 31.47 ? 353 HOH B O     1 
HETATM 655 O  O     . HOH D 2 .  ? 1.437   12.398  1.345   0.400 14.96 ? 354 HOH B O     1 
HETATM 656 O  O     . HOH D 2 .  ? 14.760  -3.768  1.035   1.000 32.79 ? 355 HOH B O     1 
HETATM 657 O  O     . HOH D 2 .  ? 7.725   -14.330 -2.828  1.000 22.47 ? 356 HOH B O     1 
HETATM 658 O  O     . HOH D 2 .  ? 8.661   -2.265  0.932   1.000 43.18 ? 357 HOH B O     1 
HETATM 659 O  O     . HOH D 2 .  ? -9.965  11.697  -2.851  1.000 20.02 ? 358 HOH B O     1 
HETATM 660 O  O     . HOH D 2 .  ? -11.279 4.145   -11.921 1.000 25.78 ? 359 HOH B O     1 
HETATM 661 O  O     . HOH D 2 .  ? -1.720  9.100   -8.336  0.500 17.86 ? 360 HOH B O     1 
HETATM 662 O  O     . HOH D 2 .  ? -6.054  -3.784  -3.051  1.000 29.91 ? 361 HOH B O     1 
HETATM 663 O  O     . HOH D 2 .  ? -10.594 8.571   -1.297  1.000 31.30 ? 362 HOH B O     1 
HETATM 664 O  O     . HOH D 2 .  ? 7.431   -1.782  -3.736  1.000 40.34 ? 363 HOH B O     1 
HETATM 665 O  O     . HOH D 2 .  ? 11.984  -7.761  5.218   1.000 43.06 ? 364 HOH B O     1 
HETATM 666 O  O     . HOH D 2 .  ? -5.826  17.284  4.523   1.000 57.90 ? 365 HOH B O     1 
HETATM 667 O  O     . HOH D 2 .  ? -1.712  -6.156  -6.520  1.000 55.55 ? 366 HOH B O     1 
HETATM 668 O  O     . HOH D 2 .  ? -8.277  19.384  -4.421  1.000 24.10 ? 367 HOH B O     1 
HETATM 669 O  O     . HOH D 2 .  ? -9.523  11.596  0.837   1.000 33.65 ? 368 HOH B O     1 
HETATM 670 O  O     . HOH D 2 .  ? -0.725  7.056   -8.508  1.000 51.46 ? 369 HOH B O     1 
HETATM 671 O  O     . HOH D 2 .  ? -0.834  -11.604 -3.761  1.000 39.67 ? 370 HOH B O     1 
HETATM 672 O  O     . HOH D 2 .  ? -10.204 15.088  0.139   1.000 45.76 ? 371 HOH B O     1 
HETATM 673 O  O     . HOH D 2 .  ? -6.389  15.197  5.246   1.000 40.87 ? 372 HOH B O     1 
HETATM 674 O  O     . HOH D 2 .  ? 2.542   12.693  2.359   0.600 19.20 ? 373 HOH B O     1 
HETATM 675 O  O     . HOH D 2 .  ? -11.157 5.122   9.168   1.000 43.44 ? 374 HOH B O     1 
HETATM 676 O  O     . HOH D 2 .  ? -4.958  19.351  -1.675  1.000 19.14 ? 375 HOH B O     1 
HETATM 677 O  O     . HOH D 2 .  ? 1.928   -3.123  -4.163  1.000 35.93 ? 376 HOH B O     1 
HETATM 678 O  O     . HOH D 2 .  ? -3.373  10.251  -13.918 1.000 52.26 ? 377 HOH B O     1 
HETATM 679 O  O     . HOH D 2 .  ? -2.904  -11.713 -1.363  1.000 25.26 ? 378 HOH B O     1 
HETATM 680 O  O     . HOH D 2 .  ? -12.272 13.295  -5.934  1.000 24.48 ? 379 HOH B O     1 
HETATM 681 O  O     . HOH D 2 .  ? -11.970 -3.540  0.746   1.000 60.59 ? 380 HOH B O     1 
HETATM 682 O  O     . HOH D 2 .  ? -14.335 11.140  -3.261  1.000 46.23 ? 381 HOH B O     1 
HETATM 683 O  O     . HOH D 2 .  ? -9.348  17.109  -0.826  1.000 30.20 ? 382 HOH B O     1 
HETATM 684 O  O     . HOH D 2 .  ? -7.226  20.159  1.820   1.000 27.56 ? 383 HOH B O     1 
HETATM 685 O  O     . HOH D 2 .  ? -11.487 15.590  -4.390  0.400 20.09 ? 384 HOH B O     1 
HETATM 686 O  O     . HOH D 2 .  ? 4.956   -2.880  -8.475  1.000 74.40 ? 385 HOH B O     1 
HETATM 687 O  O     . HOH D 2 .  ? 6.865   -11.813 -9.010  1.000 53.60 ? 386 HOH B O     1 
HETATM 688 O  O     . HOH D 2 .  ? -13.789 12.301  -16.219 1.000 38.91 ? 387 HOH B O     1 
HETATM 689 O  O     . HOH D 2 .  ? -12.349 15.155  -14.295 1.000 48.70 ? 388 HOH B O     1 
HETATM 690 O  O     . HOH D 2 .  ? -10.906 13.047  -0.664  1.000 34.17 ? 389 HOH B O     1 
HETATM 691 O  O     . HOH D 2 .  ? 10.610  -0.124  -7.403  1.000 78.05 ? 390 HOH B O     1 
HETATM 692 O  O     . HOH D 2 .  ? -7.764  19.526  4.023   1.000 34.92 ? 391 HOH B O     1 
HETATM 693 O  O     . HOH D 2 .  ? -12.031 16.613  -6.352  1.000 46.74 ? 392 HOH B O     1 
HETATM 694 O  O     . HOH D 2 .  ? -12.198 14.090  -2.405  0.600 27.97 ? 393 HOH B O     1 
HETATM 695 O  O     . HOH D 2 .  ? -9.193  16.851  5.412   1.000 52.37 ? 394 HOH B O     1 
HETATM 696 O  O     . HOH D 2 .  ? -16.412 12.345  -4.729  1.000 43.53 ? 395 HOH B O     1 
HETATM 697 O  O     . HOH D 2 .  ? -9.933  20.936  -3.097  1.000 35.69 ? 396 HOH B O     1 
HETATM 698 O  O     . HOH D 2 .  ? -11.037 19.056  -1.482  1.000 39.32 ? 397 HOH B O     1 
HETATM 699 O  O     . HOH D 2 .  ? -16.112 10.009  -17.063 1.000 37.68 ? 398 HOH B O     1 
HETATM 700 O  O     . HOH D 2 .  ? -11.052 21.765  0.639   1.000 47.88 ? 399 HOH B O     1 
HETATM 701 O  O     . HOH D 2 .  ? -13.674 22.319  -1.612  1.000 63.52 ? 400 HOH B O     1 
# 
loop_
_atom_site_anisotrop.id 
_atom_site_anisotrop.type_symbol 
_atom_site_anisotrop.pdbx_label_atom_id 
_atom_site_anisotrop.pdbx_label_alt_id 
_atom_site_anisotrop.pdbx_label_comp_id 
_atom_site_anisotrop.pdbx_label_asym_id 
_atom_site_anisotrop.pdbx_label_seq_id 
_atom_site_anisotrop.pdbx_PDB_ins_code 
_atom_site_anisotrop.U[1][1] 
_atom_site_anisotrop.U[2][2] 
_atom_site_anisotrop.U[3][3] 
_atom_site_anisotrop.U[1][2] 
_atom_site_anisotrop.U[1][3] 
_atom_site_anisotrop.U[2][3] 
_atom_site_anisotrop.pdbx_auth_seq_id 
_atom_site_anisotrop.pdbx_auth_comp_id 
_atom_site_anisotrop.pdbx_auth_asym_id 
_atom_site_anisotrop.pdbx_auth_atom_id 
1   O  "O5'" . C   A 1  ? 0.3037 0.2659 0.2884 -0.0196 0.0544  0.0721  101 C   A "O5'" 
2   C  "C5'" . C   A 1  ? 0.2407 0.2745 0.2839 -0.0150 0.0455  0.0819  101 C   A "C5'" 
3   C  "C4'" . C   A 1  ? 0.2324 0.2384 0.2937 -0.0395 0.0624  0.0648  101 C   A "C4'" 
4   O  "O4'" . C   A 1  ? 0.2053 0.2426 0.2737 -0.0514 0.0592  0.0653  101 C   A "O4'" 
5   C  "C3'" . C   A 1  ? 0.2193 0.2576 0.2791 -0.0540 0.0192  0.1044  101 C   A "C3'" 
6   O  "O3'" . C   A 1  ? 0.2264 0.2893 0.3404 -0.0210 0.0686  0.1527  101 C   A "O3'" 
7   C  "C2'" . C   A 1  ? 0.2290 0.2003 0.2253 -0.0187 0.0372  0.0400  101 C   A "C2'" 
8   O  "O2'" . C   A 1  ? 0.1864 0.2413 0.3020 -0.0372 -0.0120 0.0183  101 C   A "O2'" 
9   C  "C1'" . C   A 1  ? 0.1425 0.2240 0.2622 -0.0489 0.0234  0.0465  101 C   A "C1'" 
10  N  N1    . C   A 1  ? 0.1823 0.1875 0.1978 -0.0200 0.0134  0.0640  101 C   A N1    
11  C  C2    . C   A 1  ? 0.1369 0.1582 0.1961 0.0074  0.0387  0.0338  101 C   A C2    
12  O  O2    . C   A 1  ? 0.1576 0.1725 0.1923 -0.0329 0.0171  0.0382  101 C   A O2    
13  N  N3    . C   A 1  ? 0.1578 0.1857 0.1565 -0.0187 -0.0165 0.0611  101 C   A N3    
14  C  C4    . C   A 1  ? 0.1503 0.1798 0.1715 -0.0005 0.0063  0.0512  101 C   A C4    
15  N  N4    . C   A 1  ? 0.1550 0.1778 0.1809 0.0044  0.0102  0.0376  101 C   A N4    
16  C  C5    . C   A 1  ? 0.1401 0.2276 0.1812 -0.0208 0.0117  0.0614  101 C   A C5    
17  C  C6    . C   A 1  ? 0.1410 0.2456 0.1918 -0.0385 0.0081  0.0734  101 C   A C6    
18  P  P     . G   A 2  ? 0.2519 0.2737 0.3044 -0.0171 0.0172  0.0742  102 G   A P     
19  O  OP1   . G   A 2  ? 0.2723 0.2849 0.3322 0.0084  0.0450  0.0660  102 G   A OP1   
20  O  OP2   . G   A 2  ? 0.3268 0.3531 0.2947 0.0144  0.0504  0.0130  102 G   A OP2   
21  O  "O5'" . G   A 2  ? 0.1666 0.2711 0.2681 -0.0253 -0.0049 0.0275  102 G   A "O5'" 
22  C  "C5'" . G   A 2  ? 0.1937 0.2021 0.2791 -0.0521 -0.0299 0.0295  102 G   A "C5'" 
23  C  "C4'" . G   A 2  ? 0.1801 0.2185 0.2627 -0.0501 -0.0077 0.0045  102 G   A "C4'" 
24  O  "O4'" . G   A 2  ? 0.1759 0.2134 0.2098 -0.0566 -0.0203 0.0207  102 G   A "O4'" 
25  C  "C3'" . G   A 2  ? 0.1888 0.1878 0.2125 -0.0454 -0.0246 -0.0238 102 G   A "C3'" 
26  O  "O3'" . G   A 2  ? 0.1821 0.1850 0.2034 -0.0590 0.0084  -0.0265 102 G   A "O3'" 
27  C  "C2'" . G   A 2  ? 0.1730 0.2049 0.2003 -0.0372 -0.0139 -0.0146 102 G   A "C2'" 
28  O  "O2'" . G   A 2  ? 0.1933 0.2108 0.2004 -0.0341 -0.0262 -0.0258 102 G   A "O2'" 
29  C  "C1'" . G   A 2  ? 0.1510 0.2150 0.1955 -0.0467 -0.0239 -0.0028 102 G   A "C1'" 
30  N  N9    . G   A 2  ? 0.1641 0.1945 0.1867 -0.0265 -0.0102 0.0164  102 G   A N9    
31  C  C8    . G   A 2  ? 0.1664 0.1804 0.2134 -0.0115 0.0197  0.0129  102 G   A C8    
32  N  N7    . G   A 2  ? 0.1568 0.1902 0.2177 -0.0188 0.0232  0.0058  102 G   A N7    
33  C  C5    . G   A 2  ? 0.1230 0.1892 0.1759 -0.0102 -0.0239 0.0230  102 G   A C5    
34  C  C6    . G   A 2  ? 0.1437 0.1734 0.1714 -0.0047 -0.0227 0.0280  102 G   A C6    
35  O  O6    . G   A 2  ? 0.1452 0.1805 0.1849 -0.0087 0.0009  0.0181  102 G   A O6    
36  N  N1    . G   A 2  ? 0.1670 0.1571 0.1711 -0.0098 -0.0093 0.0065  102 G   A N1    
37  C  C2    . G   A 2  ? 0.1716 0.1655 0.1589 -0.0178 -0.0275 0.0130  102 G   A C2    
38  N  N2    . G   A 2  ? 0.1778 0.1749 0.1687 -0.0164 -0.0100 0.0081  102 G   A N2    
39  N  N3    . G   A 2  ? 0.1378 0.1883 0.1650 -0.0269 -0.0260 0.0004  102 G   A N3    
40  C  C4    . G   A 2  ? 0.1156 0.2131 0.1698 -0.0322 -0.0371 0.0147  102 G   A C4    
41  P  P     . C   A 3  ? 0.1808 0.1799 0.2366 -0.0373 0.0162  -0.0312 103 C   A P     
42  O  OP1   . C   A 3  ? 0.2271 0.1683 0.2999 -0.0279 0.0064  -0.0358 103 C   A OP1   
43  O  OP2   . C   A 3  ? 0.1533 0.2081 0.2118 -0.0446 -0.0005 0.0115  103 C   A OP2   
44  O  "O5'" . C   A 3  ? 0.1544 0.1626 0.1830 -0.0188 -0.0057 -0.0142 103 C   A "O5'" 
45  C  "C5'" . C   A 3  ? 0.1792 0.1553 0.1952 -0.0283 0.0119  -0.0443 103 C   A "C5'" 
46  C  "C4'" . C   A 3  ? 0.1791 0.1535 0.1674 -0.0258 -0.0006 -0.0330 103 C   A "C4'" 
47  O  "O4'" . C   A 3  ? 0.1646 0.1545 0.1952 -0.0284 0.0077  -0.0383 103 C   A "O4'" 
48  C  "C3'" . C   A 3  ? 0.1676 0.1488 0.1874 -0.0208 0.0081  -0.0519 103 C   A "C3'" 
49  O  "O3'" . C   A 3  ? 0.1744 0.1542 0.1709 -0.0174 0.0306  -0.0221 103 C   A "O3'" 
50  C  "C2'" . C   A 3  ? 0.1561 0.1526 0.1946 -0.0201 0.0045  -0.0178 103 C   A "C2'" 
51  O  "O2'" . C   A 3  ? 0.1968 0.1869 0.1953 -0.0092 0.0184  -0.0167 103 C   A "O2'" 
52  C  "C1'" . C   A 3  ? 0.1594 0.1579 0.1795 -0.0176 -0.0098 -0.0361 103 C   A "C1'" 
53  N  N1    . C   A 3  ? 0.1646 0.1519 0.1683 -0.0116 -0.0048 -0.0245 103 C   A N1    
54  C  C2    . C   A 3  ? 0.1667 0.1457 0.1759 -0.0137 0.0196  -0.0253 103 C   A C2    
55  O  O2    . C   A 3  ? 0.1931 0.1671 0.1692 -0.0212 0.0370  -0.0338 103 C   A O2    
56  N  N3    . C   A 3  ? 0.1241 0.1394 0.1478 -0.0231 -0.0118 -0.0080 103 C   A N3    
57  C  C4    . C   A 3  ? 0.1342 0.1454 0.1535 -0.0100 -0.0210 0.0105  103 C   A C4    
58  N  N4    . C   A 3  ? 0.1493 0.1469 0.1722 -0.0127 0.0178  0.0075  103 C   A N4    
59  C  C5    . C   A 3  ? 0.1156 0.1357 0.1747 -0.0126 -0.0274 0.0072  103 C   A C5    
60  C  C6    . C   A 3  ? 0.1343 0.1659 0.1876 -0.0178 -0.0178 -0.0150 103 C   A C6    
61  P  P     . G   A 4  ? 0.1802 0.1568 0.1764 -0.0249 0.0224  -0.0202 104 G   A P     
62  O  OP1   . G   A 4  ? 0.2038 0.1545 0.1758 -0.0005 0.0193  -0.0314 104 G   A OP1   
63  O  OP2   . G   A 4  ? 0.2584 0.1537 0.1799 -0.0342 0.0323  -0.0111 104 G   A OP2   
64  O  "O5'" . G   A 4  ? 0.1788 0.1534 0.1511 -0.0154 0.0297  -0.0174 104 G   A "O5'" 
65  C  "C5'" . G   A 4  ? 0.1629 0.1353 0.1726 -0.0056 0.0256  -0.0214 104 G   A "C5'" 
66  C  "C4'" . G   A 4  ? 0.1597 0.1552 0.1572 -0.0069 0.0273  -0.0263 104 G   A "C4'" 
67  O  "O4'" . G   A 4  ? 0.1457 0.1420 0.1374 -0.0219 0.0228  -0.0161 104 G   A "O4'" 
68  C  "C3'" . G   A 4  ? 0.1610 0.1275 0.1609 -0.0118 0.0339  -0.0042 104 G   A "C3'" 
69  O  "O3'" . G   A 4  ? 0.1633 0.2025 0.1569 -0.0168 0.0246  -0.0253 104 G   A "O3'" 
70  C  "C2'" . G   A 4  ? 0.1399 0.1226 0.1432 -0.0244 0.0164  0.0001  104 G   A "C2'" 
71  O  "O2'" . G   A 4  ? 0.1590 0.1264 0.1435 -0.0260 0.0185  0.0039  104 G   A "O2'" 
72  C  "C1'" . G   A 4  ? 0.1415 0.1307 0.1370 -0.0133 0.0179  -0.0105 104 G   A "C1'" 
73  N  N9    . G   A 4  ? 0.1444 0.1322 0.1265 -0.0251 0.0117  -0.0046 104 G   A N9    
74  C  C8    . G   A 4  ? 0.1182 0.1371 0.1433 -0.0135 0.0011  -0.0147 104 G   A C8    
75  N  N7    . G   A 4  ? 0.1221 0.1266 0.1518 -0.0172 -0.0036 -0.0050 104 G   A N7    
76  C  C5    . G   A 4  ? 0.1294 0.1346 0.1085 -0.0165 -0.0106 0.0153  104 G   A C5    
77  C  C6    . G   A 4  ? 0.1222 0.1385 0.1491 -0.0113 0.0087  0.0080  104 G   A C6    
78  O  O6    . G   A 4  ? 0.1433 0.1475 0.1723 -0.0266 0.0270  0.0100  104 G   A O6    
79  N  N1    . G   A 4  ? 0.1469 0.1399 0.1319 -0.0221 0.0083  0.0078  104 G   A N1    
80  C  C2    . G   A 4  ? 0.1292 0.1415 0.1149 -0.0144 0.0018  0.0040  104 G   A C2    
81  N  N2    . G   A 4  ? 0.1564 0.1342 0.1214 -0.0160 0.0154  0.0058  104 G   A N2    
82  N  N3    . G   A 4  ? 0.1351 0.1369 0.1076 -0.0167 -0.0029 0.0047  104 G   A N3    
83  C  C4    . G   A 4  ? 0.1362 0.1329 0.1136 -0.0196 -0.0033 -0.0022 104 G   A C4    
84  P  P     . A   A 5  ? 0.1837 0.1889 0.2198 -0.0070 0.0008  -0.0234 105 A   A P     
85  O  OP1   . A   A 5  ? 0.1979 0.2407 0.2693 0.0319  0.0058  -0.0498 105 A   A OP1   
86  O  OP2   . A   A 5  ? 0.2031 0.1637 0.2268 -0.0043 -0.0289 -0.0030 105 A   A OP2   
87  O  "O5'" . A   A 5  ? 0.1664 0.1689 0.2058 -0.0158 -0.0166 -0.0066 105 A   A "O5'" 
88  C  "C5'" . A   A 5  ? 0.1965 0.1801 0.2265 -0.0061 0.0040  0.0090  105 A   A "C5'" 
89  C  "C4'" . A   A 5  ? 0.1510 0.1773 0.2260 -0.0333 0.0170  0.0196  105 A   A "C4'" 
90  O  "O4'" . A   A 5  ? 0.1593 0.1696 0.1867 -0.0286 0.0086  0.0223  105 A   A "O4'" 
91  C  "C3'" . A   A 5  ? 0.1676 0.1635 0.2342 -0.0316 -0.0025 0.0086  105 A   A "C3'" 
92  O  "O3'" . A   A 5  ? 0.1706 0.1533 0.3022 -0.0214 -0.0194 0.0064  105 A   A "O3'" 
93  C  "C2'" . A   A 5  ? 0.1516 0.1488 0.2523 -0.0410 -0.0233 0.0048  105 A   A "C2'" 
94  O  "O2'" . A   A 5  ? 0.1834 0.1764 0.2780 -0.0664 -0.0049 0.0094  105 A   A "O2'" 
95  C  "C1'" . A   A 5  ? 0.1550 0.1718 0.1845 -0.0359 -0.0084 0.0150  105 A   A "C1'" 
96  N  N9    . A   A 5  ? 0.1524 0.1233 0.1736 -0.0178 -0.0107 0.0127  105 A   A N9    
97  C  C8    . A   A 5  ? 0.1372 0.1484 0.1763 -0.0199 -0.0141 0.0030  105 A   A C8    
98  N  N7    . A   A 5  ? 0.1699 0.1336 0.1502 -0.0165 -0.0089 0.0267  105 A   A N7    
99  C  C5    . A   A 5  ? 0.1656 0.1175 0.1422 -0.0087 -0.0227 0.0305  105 A   A C5    
100 C  C6    . A   A 5  ? 0.2174 0.1199 0.1591 -0.0214 0.0051  0.0187  105 A   A C6    
101 N  N6    . A   A 5  ? 0.1993 0.1237 0.1444 -0.0210 0.0042  -0.0032 105 A   A N6    
102 N  N1    . A   A 5  ? 0.1985 0.1495 0.1423 -0.0334 -0.0084 0.0051  105 A   A N1    
103 C  C2    . A   A 5  ? 0.1992 0.1482 0.1345 -0.0251 -0.0225 0.0237  105 A   A C2    
104 N  N3    . A   A 5  ? 0.1611 0.1463 0.1588 -0.0232 -0.0174 0.0158  105 A   A N3    
105 C  C4    . A   A 5  ? 0.1575 0.1532 0.1383 -0.0206 -0.0305 0.0229  105 A   A C4    
106 P  P     . A   A 6  ? 0.1903 0.1851 0.3158 -0.0222 -0.0218 0.0342  106 A   A P     
107 O  OP1   . A   A 6  ? 0.1732 0.2506 0.3507 -0.0112 -0.0496 0.0075  106 A   A OP1   
108 O  OP2   . A   A 6  ? 0.2131 0.1901 0.3252 -0.0354 -0.0484 0.0541  106 A   A OP2   
109 O  "O5'" . A   A 6  ? 0.2070 0.2087 0.3156 -0.0075 -0.0514 0.0252  106 A   A "O5'" 
110 C  "C5'" . A   A 6  ? 0.2341 0.1978 0.2748 -0.0268 -0.0321 0.0522  106 A   A "C5'" 
111 C  "C4'" . A   A 6  ? 0.2294 0.2286 0.2690 -0.0216 -0.0560 0.0351  106 A   A "C4'" 
112 O  "O4'" . A   A 6  ? 0.2240 0.2116 0.2586 -0.0274 -0.0560 0.0049  106 A   A "O4'" 
113 C  "C3'" . A   A 6  ? 0.1857 0.2076 0.2530 -0.0661 -0.0633 0.0166  106 A   A "C3'" 
114 O  "O3'" . A   A 6  ? 0.1777 0.2025 0.2945 -0.0501 -0.0564 0.0511  106 A   A "O3'" 
115 C  "C2'" . A   A 6  ? 0.1886 0.1942 0.2802 -0.0329 -0.0616 0.0485  106 A   A "C2'" 
116 O  "O2'" . A   A 6  ? 0.3402 0.2707 0.2742 -0.0333 -0.1169 -0.0508 106 A   A "O2'" 
117 C  "C1'" . A   A 6  ? 0.2237 0.2189 0.2445 -0.0244 -0.0733 0.0179  106 A   A "C1'" 
118 N  N9    . A   A 6  ? 0.2088 0.1931 0.2408 -0.0103 -0.0880 0.0445  106 A   A N9    
119 C  C8    . A   A 6  ? 0.1730 0.1866 0.2916 0.0199  -0.1004 0.0258  106 A   A C8    
120 N  N7    . A   A 6  ? 0.1906 0.1876 0.3354 0.0009  -0.1143 0.0390  106 A   A N7    
121 C  C5    . A   A 6  ? 0.2037 0.1844 0.3164 0.0013  -0.0916 0.1068  106 A   A C5    
122 C  C6    . A   A 6  ? 0.1804 0.3005 0.3471 -0.0116 -0.1039 0.1073  106 A   A C6    
123 N  N6    . A   A 6  ? 0.1663 0.2753 0.4796 -0.0123 -0.1056 0.1555  106 A   A N6    
124 N  N1    . A   A 6  ? 0.3066 0.3635 0.3226 0.0069  -0.0392 0.1301  106 A   A N1    
125 C  C2    . A   A 6  ? 0.2927 0.3373 0.2696 0.0514  -0.0391 0.0881  106 A   A C2    
126 N  N3    . A   A 6  ? 0.2498 0.3013 0.3088 0.0479  -0.0477 0.0238  106 A   A N3    
127 C  C4    . A   A 6  ? 0.2138 0.1922 0.2942 0.0126  -0.0613 0.0581  106 A   A C4    
128 P  P     A 5BU A 7  ? 0.2152 0.2008 0.2845 -0.0307 -0.0373 0.0175  107 5BU A P     
129 P  P     B 5BU A 7  ? 0.2036 0.1816 0.2164 -0.0209 -0.0279 0.0114  107 5BU A P     
130 O  OP1   A 5BU A 7  ? 0.2052 0.2301 0.1926 0.0149  -0.0218 -0.0009 107 5BU A OP1   
131 O  OP1   B 5BU A 7  ? 0.2183 0.2341 0.2067 -0.0159 -0.0427 -0.0107 107 5BU A OP1   
132 O  OP2   A 5BU A 7  ? 0.1839 0.2570 0.2521 -0.0194 -0.0552 0.0171  107 5BU A OP2   
133 O  OP2   B 5BU A 7  ? 0.2358 0.2004 0.1448 -0.0360 -0.0053 0.0216  107 5BU A OP2   
134 O  "O5'" A 5BU A 7  ? 0.2101 0.2141 0.2508 0.0067  -0.0516 0.0390  107 5BU A "O5'" 
135 O  "O5'" B 5BU A 7  ? 0.2203 0.1871 0.1995 -0.0036 -0.0192 -0.0106 107 5BU A "O5'" 
136 C  "C5'" A 5BU A 7  ? 0.1769 0.1926 0.2438 -0.0025 -0.0899 0.0338  107 5BU A "C5'" 
137 C  "C5'" B 5BU A 7  ? 0.1732 0.1665 0.1944 -0.0161 -0.0714 -0.0190 107 5BU A "C5'" 
138 C  "C4'" A 5BU A 7  ? 0.2041 0.2138 0.2675 -0.0165 -0.0486 -0.0045 107 5BU A "C4'" 
139 C  "C4'" B 5BU A 7  ? 0.1844 0.1740 0.1959 0.0086  -0.0373 -0.0347 107 5BU A "C4'" 
140 O  "O4'" A 5BU A 7  ? 0.1922 0.1797 0.2898 -0.0228 -0.0298 0.0241  107 5BU A "O4'" 
141 O  "O4'" B 5BU A 7  ? 0.1692 0.1612 0.2898 -0.0051 -0.0525 -0.0033 107 5BU A "O4'" 
142 C  "C3'" A 5BU A 7  ? 0.1703 0.2134 0.3264 -0.0310 -0.0533 0.0302  107 5BU A "C3'" 
143 C  "C3'" B 5BU A 7  ? 0.1824 0.1826 0.1661 -0.0151 -0.0518 -0.0182 107 5BU A "C3'" 
144 O  "O3'" A 5BU A 7  ? 0.1759 0.2428 0.2805 -0.0234 -0.0184 0.0401  107 5BU A "O3'" 
145 O  "O3'" B 5BU A 7  ? 0.1931 0.1800 0.1501 -0.0228 -0.0442 -0.0392 107 5BU A "O3'" 
146 C  "C2'" A 5BU A 7  ? 0.1720 0.2208 0.2290 0.0240  0.0120  0.0534  107 5BU A "C2'" 
147 C  "C2'" B 5BU A 7  ? 0.1809 0.2222 0.1680 -0.0077 -0.0459 -0.0022 107 5BU A "C2'" 
148 O  "O2'" A 5BU A 7  ? 0.3038 0.2853 0.2255 0.0087  -0.0371 0.0082  107 5BU A "O2'" 
149 O  "O2'" B 5BU A 7  ? 0.1715 0.2431 0.1925 -0.0011 -0.0553 -0.0311 107 5BU A "O2'" 
150 C  "C1'" A 5BU A 7  ? 0.1682 0.1804 0.2305 -0.0091 -0.0013 0.0452  107 5BU A "C1'" 
151 C  "C1'" B 5BU A 7  ? 0.1570 0.1503 0.1908 0.0155  -0.0096 0.0013  107 5BU A "C1'" 
152 N  N1    A 5BU A 7  ? 0.1669 0.1522 0.2315 -0.0137 0.0069  0.0450  107 5BU A N1    
153 N  N1    B 5BU A 7  ? 0.1645 0.1602 0.1493 -0.0100 -0.0200 0.0219  107 5BU A N1    
154 C  C2    A 5BU A 7  ? 0.1692 0.1837 0.2582 -0.0258 -0.0051 0.0578  107 5BU A C2    
155 C  C2    B 5BU A 7  ? 0.1750 0.1666 0.1953 -0.0195 -0.0084 0.0192  107 5BU A C2    
156 O  O2    A 5BU A 7  ? 0.1803 0.1683 0.2971 -0.0133 0.0295  0.0531  107 5BU A O2    
157 O  O2    B 5BU A 7  ? 0.1460 0.1802 0.2107 -0.0100 -0.0165 0.0032  107 5BU A O2    
158 N  N3    A 5BU A 7  ? 0.1627 0.1937 0.2659 -0.0345 -0.0137 0.0536  107 5BU A N3    
159 N  N3    B 5BU A 7  ? 0.1449 0.2038 0.1764 -0.0343 -0.0277 0.0174  107 5BU A N3    
160 C  C4    A 5BU A 7  ? 0.1537 0.2807 0.2856 0.0043  -0.0002 0.0168  107 5BU A C4    
161 C  C4    B 5BU A 7  ? 0.1406 0.2127 0.2231 -0.0079 -0.0063 -0.0051 107 5BU A C4    
162 O  O4    A 5BU A 7  ? 0.2497 0.2430 0.3614 -0.0461 0.0735  -0.0524 107 5BU A O4    
163 O  O4    B 5BU A 7  ? 0.1445 0.2365 0.2300 -0.0287 0.0090  -0.0173 107 5BU A O4    
164 C  C5    A 5BU A 7  ? 0.0673 0.3004 0.3094 0.0641  0.0368  -0.0512 107 5BU A C5    
165 C  C5    B 5BU A 7  ? 0.1366 0.2073 0.2047 -0.0020 0.0111  -0.0160 107 5BU A C5    
166 C  C6    A 5BU A 7  ? 0.1169 0.2253 0.2592 0.0441  0.0153  0.0231  107 5BU A C6    
167 C  C6    B 5BU A 7  ? 0.1630 0.1784 0.1749 0.0028  -0.0056 0.0140  107 5BU A C6    
168 BR BR    A 5BU A 7  ? 0.2436 0.2853 0.2368 -0.0041 -0.0103 0.1054  107 5BU A BR    
169 BR BR    B 5BU A 7  ? 0.2461 0.2753 0.2257 0.0308  0.0021  0.0747  107 5BU A BR    
170 P  P     A 8RJ A 8  ? 0.2154 0.2706 0.3078 0.0139  -0.0206 0.0577  108 8RJ A P     
171 P  P     B 8RJ A 8  ? 0.1705 0.1812 0.1915 -0.0409 -0.0424 0.0364  108 8RJ A P     
172 O  OP2   A 8RJ A 8  ? 0.2891 0.3824 0.3653 0.0344  0.0671  0.0222  108 8RJ A OP2   
173 O  OP2   B 8RJ A 8  ? 0.1217 0.1663 0.2027 -0.0246 -0.0610 0.0001  108 8RJ A OP2   
174 O  O1    A 8RJ A 8  ? 0.1674 0.3357 0.4137 0.0055  -0.0622 0.0286  108 8RJ A O1    
175 O  O1    B 8RJ A 8  ? 0.2072 0.1879 0.2056 -0.0505 -0.0592 0.0140  108 8RJ A O1    
176 O  "O5'" A 8RJ A 8  ? 0.1580 0.2076 0.2936 0.0656  -0.0600 0.0437  108 8RJ A "O5'" 
177 O  "O5'" B 8RJ A 8  ? 0.1583 0.1812 0.2013 -0.0326 -0.0427 0.0196  108 8RJ A "O5'" 
178 O  O4    . 8RJ A 8  ? 0.2380 0.1883 0.1736 -0.0239 -0.0117 -0.0398 108 8RJ A O4    
179 C  C4    . 8RJ A 8  ? 0.1865 0.1874 0.1691 0.0140  -0.0115 -0.0401 108 8RJ A C4    
180 N  N3    . 8RJ A 8  ? 0.2104 0.1557 0.1715 0.0009  -0.0213 -0.0170 108 8RJ A N3    
181 C  C2    . 8RJ A 8  ? 0.2066 0.1740 0.1871 0.0015  -0.0106 -0.0413 108 8RJ A C2    
182 O  O2    . 8RJ A 8  ? 0.2101 0.1669 0.1875 -0.0408 -0.0339 -0.0251 108 8RJ A O2    
183 C  C5    . 8RJ A 8  ? 0.1784 0.1656 0.1711 0.0092  -0.0158 -0.0207 108 8RJ A C5    
184 C  C5M   . 8RJ A 8  ? 0.1820 0.1940 0.1730 -0.0256 -0.0132 -0.0474 108 8RJ A C5M   
185 C  C6    . 8RJ A 8  ? 0.2062 0.1470 0.1856 -0.0006 -0.0021 -0.0230 108 8RJ A C6    
186 N  N1    . 8RJ A 8  ? 0.1958 0.1431 0.1811 -0.0005 -0.0106 -0.0271 108 8RJ A N1    
187 C  C1G   . 8RJ A 8  ? 0.2076 0.1749 0.1987 -0.0162 -0.0065 -0.0101 108 8RJ A C1G   
188 C  C2G   . 8RJ A 8  ? 0.2106 0.1733 0.2497 -0.0181 -0.0625 -0.0562 108 8RJ A C2G   
189 O  O2G   . 8RJ A 8  ? 0.2147 0.1891 0.2025 -0.0108 -0.0200 -0.0354 108 8RJ A O2G   
190 C  C3G   . 8RJ A 8  ? 0.2265 0.1884 0.2823 -0.0356 -0.0465 -0.0169 108 8RJ A C3G   
191 P  P     . A   A 9  ? 0.2088 0.1768 0.2197 -0.0153 0.0223  -0.0219 109 A   A P     
192 O  OP1   . A   A 9  ? 0.2606 0.1838 0.2396 -0.0190 0.0630  -0.0192 109 A   A OP1   
193 O  OP2   . A   A 9  ? 0.1978 0.1809 0.2616 -0.0030 -0.0146 -0.0025 109 A   A OP2   
194 O  "O5'" . A   A 9  ? 0.1860 0.1901 0.2003 -0.0091 0.0213  -0.0312 109 A   A "O5'" 
195 C  "C5'" . A   A 9  ? 0.1846 0.1964 0.1591 -0.0055 -0.0140 -0.0164 109 A   A "C5'" 
196 C  "C4'" . A   A 9  ? 0.1805 0.1912 0.1344 0.0009  0.0011  -0.0067 109 A   A "C4'" 
197 O  "O4'" . A   A 9  ? 0.1764 0.1648 0.1371 -0.0180 -0.0033 -0.0153 109 A   A "O4'" 
198 C  "C3'" . A   A 9  ? 0.1801 0.1849 0.1346 -0.0078 0.0133  0.0044  109 A   A "C3'" 
199 O  "O3'" . A   A 9  ? 0.2093 0.1896 0.1210 0.0033  0.0216  0.0015  109 A   A "O3'" 
200 C  "C2'" . A   A 9  ? 0.1737 0.1751 0.1571 -0.0083 0.0219  0.0186  109 A   A "C2'" 
201 O  "O2'" . A   A 9  ? 0.2104 0.1782 0.1638 -0.0250 0.0393  0.0058  109 A   A "O2'" 
202 C  "C1'" . A   A 9  ? 0.1695 0.1377 0.1365 -0.0168 0.0189  -0.0118 109 A   A "C1'" 
203 N  N9    . A   A 9  ? 0.1288 0.1396 0.1334 -0.0082 0.0098  -0.0123 109 A   A N9    
204 C  C8    . A   A 9  ? 0.1534 0.1276 0.1264 -0.0227 -0.0070 0.0049  109 A   A C8    
205 N  N7    . A   A 9  ? 0.1331 0.1327 0.1177 -0.0240 -0.0037 0.0134  109 A   A N7    
206 C  C5    . A   A 9  ? 0.1100 0.1247 0.1351 -0.0069 0.0146  -0.0071 109 A   A C5    
207 C  C6    . A   A 9  ? 0.1132 0.1146 0.1302 -0.0073 0.0050  0.0046  109 A   A C6    
208 N  N6    . A   A 9  ? 0.1432 0.1381 0.1219 -0.0045 0.0011  0.0077  109 A   A N6    
209 N  N1    . A   A 9  ? 0.1263 0.1346 0.1441 -0.0186 -0.0059 0.0098  109 A   A N1    
210 C  C2    . A   A 9  ? 0.1175 0.1536 0.1471 -0.0257 0.0015  0.0172  109 A   A C2    
211 N  N3    . A   A 9  ? 0.1283 0.1405 0.1488 -0.0195 0.0243  0.0018  109 A   A N3    
212 C  C4    . A   A 9  ? 0.1343 0.1318 0.1284 -0.0188 0.0057  0.0059  109 A   A C4    
213 P  P     . G   A 10 ? 0.1978 0.2006 0.1389 0.0023  -0.0117 0.0016  110 G   A P     
214 O  OP1   . G   A 10 ? 0.2981 0.1887 0.1513 0.0010  -0.0305 0.0155  110 G   A OP1   
215 O  OP2   . G   A 10 ? 0.1633 0.1958 0.1795 0.0172  -0.0231 0.0041  110 G   A OP2   
216 O  "O5'" . G   A 10 ? 0.1740 0.1633 0.1449 0.0118  0.0002  0.0006  110 G   A "O5'" 
217 C  "C5'" . G   A 10 ? 0.1954 0.1557 0.1284 0.0102  0.0213  0.0248  110 G   A "C5'" 
218 C  "C4'" . G   A 10 ? 0.1477 0.1709 0.1340 -0.0071 0.0201  0.0304  110 G   A "C4'" 
219 O  "O4'" . G   A 10 ? 0.1700 0.1631 0.1319 0.0093  0.0245  0.0248  110 G   A "O4'" 
220 C  "C3'" . G   A 10 ? 0.1508 0.1212 0.1397 -0.0258 0.0186  0.0164  110 G   A "C3'" 
221 O  "O3'" . G   A 10 ? 0.1630 0.1382 0.1551 -0.0228 0.0209  0.0268  110 G   A "O3'" 
222 C  "C2'" . G   A 10 ? 0.1410 0.1307 0.1513 -0.0213 0.0068  0.0076  110 G   A "C2'" 
223 O  "O2'" . G   A 10 ? 0.1229 0.1485 0.1721 -0.0205 0.0038  0.0189  110 G   A "O2'" 
224 C  "C1'" . G   A 10 ? 0.1578 0.1412 0.1344 -0.0116 0.0092  0.0086  110 G   A "C1'" 
225 N  N9    . G   A 10 ? 0.1446 0.1313 0.1221 -0.0040 0.0069  0.0150  110 G   A N9    
226 C  C8    . G   A 10 ? 0.1556 0.1366 0.1156 -0.0048 0.0035  0.0032  110 G   A C8    
227 N  N7    . G   A 10 ? 0.1727 0.1612 0.1278 -0.0357 0.0045  -0.0073 110 G   A N7    
228 C  C5    . G   A 10 ? 0.1118 0.1445 0.1200 0.0042  0.0080  0.0003  110 G   A C5    
229 C  C6    . G   A 10 ? 0.1420 0.1572 0.1274 -0.0127 0.0115  -0.0060 110 G   A C6    
230 O  O6    . G   A 10 ? 0.1739 0.1664 0.1395 -0.0349 0.0042  0.0109  110 G   A O6    
231 N  N1    . G   A 10 ? 0.1399 0.1412 0.1213 -0.0082 0.0022  0.0030  110 G   A N1    
232 C  C2    . G   A 10 ? 0.1338 0.1501 0.1229 -0.0041 0.0012  -0.0051 110 G   A C2    
233 N  N2    . G   A 10 ? 0.1400 0.1711 0.1218 -0.0184 -0.0050 -0.0118 110 G   A N2    
234 N  N3    . G   A 10 ? 0.1686 0.1309 0.1218 -0.0118 0.0063  -0.0006 110 G   A N3    
235 C  C4    . G   A 10 ? 0.1562 0.1429 0.1212 -0.0147 0.0052  -0.0061 110 G   A C4    
236 P  P     . C   A 11 ? 0.1528 0.1509 0.1759 -0.0233 -0.0047 0.0156  111 C   A P     
237 O  OP1   . C   A 11 ? 0.1660 0.1513 0.2003 -0.0247 -0.0096 0.0211  111 C   A OP1   
238 O  OP2   . C   A 11 ? 0.1546 0.1387 0.1944 -0.0130 -0.0009 0.0080  111 C   A OP2   
239 O  "O5'" . C   A 11 ? 0.1249 0.1533 0.1946 -0.0222 0.0134  0.0050  111 C   A "O5'" 
240 C  "C5'" . C   A 11 ? 0.1497 0.1361 0.1886 -0.0129 -0.0046 0.0008  111 C   A "C5'" 
241 C  "C4'" . C   A 11 ? 0.1536 0.1940 0.1871 -0.0349 0.0150  0.0038  111 C   A "C4'" 
242 O  "O4'" . C   A 11 ? 0.1265 0.2078 0.1711 -0.0227 0.0089  0.0079  111 C   A "O4'" 
243 C  "C3'" . C   A 11 ? 0.1853 0.1816 0.2062 -0.0114 0.0246  -0.0073 111 C   A "C3'" 
244 O  "O3'" . C   A 11 ? 0.1745 0.1735 0.2598 -0.0351 0.0114  0.0043  111 C   A "O3'" 
245 C  "C2'" . C   A 11 ? 0.1553 0.1905 0.2036 -0.0312 0.0242  -0.0045 111 C   A "C2'" 
246 O  "O2'" . C   A 11 ? 0.2100 0.2491 0.2408 -0.0326 -0.0045 -0.0513 111 C   A "O2'" 
247 C  "C1'" . C   A 11 ? 0.1618 0.2113 0.1640 -0.0135 0.0219  0.0026  111 C   A "C1'" 
248 N  N1    . C   A 11 ? 0.1504 0.1831 0.1522 0.0030  0.0230  0.0098  111 C   A N1    
249 C  C2    . C   A 11 ? 0.1605 0.1940 0.1725 0.0068  0.0556  -0.0075 111 C   A C2    
250 O  O2    . C   A 11 ? 0.1662 0.1979 0.1529 0.0096  0.0332  0.0192  111 C   A O2    
251 N  N3    . C   A 11 ? 0.1682 0.2079 0.1694 -0.0078 0.0318  0.0241  111 C   A N3    
252 C  C4    . C   A 11 ? 0.1927 0.1604 0.1826 0.0050  0.0418  0.0099  111 C   A C4    
253 N  N4    . C   A 11 ? 0.1994 0.1962 0.1914 -0.0189 0.0365  0.0095  111 C   A N4    
254 C  C5    . C   A 11 ? 0.1397 0.1776 0.1655 0.0103  0.0237  0.0027  111 C   A C5    
255 C  C6    . C   A 11 ? 0.1462 0.1727 0.1618 0.0126  0.0265  0.0016  111 C   A C6    
256 P  P     . G   A 12 ? 0.1916 0.1708 0.2812 -0.0234 0.0394  -0.0093 112 G   A P     
257 O  OP1   . G   A 12 ? 0.2599 0.1672 0.3434 -0.0080 0.0706  0.0215  112 G   A OP1   
258 O  OP2   . G   A 12 ? 0.1528 0.2083 0.2574 -0.0116 0.0264  0.0104  112 G   A OP2   
259 O  "O5'" . G   A 12 ? 0.1840 0.1880 0.2602 -0.0292 0.0173  -0.0006 112 G   A "O5'" 
260 C  "C5'" . G   A 12 ? 0.1656 0.1791 0.2820 -0.0498 0.0335  -0.0111 112 G   A "C5'" 
261 C  "C4'" . G   A 12 ? 0.1630 0.1801 0.2665 -0.0257 0.0367  -0.0266 112 G   A "C4'" 
262 O  "O4'" . G   A 12 ? 0.1577 0.2014 0.2671 -0.0301 0.0249  0.0043  112 G   A "O4'" 
263 C  "C3'" . G   A 12 ? 0.1666 0.1833 0.3083 -0.0277 0.0496  -0.0070 112 G   A "C3'" 
264 O  "O3'" . G   A 12 ? 0.1821 0.2064 0.4085 -0.0029 0.0499  -0.0401 112 G   A "O3'" 
265 C  "C2'" . G   A 12 ? 0.1793 0.2385 0.2468 -0.0212 0.0517  -0.0151 112 G   A "C2'" 
266 O  "O2'" . G   A 12 ? 0.2544 0.2718 0.2843 0.0017  0.0128  -0.0497 112 G   A "O2'" 
267 C  "C1'" . G   A 12 ? 0.1567 0.2034 0.2458 -0.0398 0.0116  -0.0020 112 G   A "C1'" 
268 N  N9    . G   A 12 ? 0.1639 0.1973 0.2154 -0.0278 0.0009  0.0146  112 G   A N9    
269 C  C8    . G   A 12 ? 0.1393 0.1766 0.2225 0.0099  0.0075  0.0191  112 G   A C8    
270 N  N7    . G   A 12 ? 0.1527 0.1914 0.2120 -0.0032 0.0141  0.0134  112 G   A N7    
271 C  C5    . G   A 12 ? 0.1082 0.1792 0.1936 0.0056  -0.0069 0.0096  112 G   A C5    
272 C  C6    . G   A 12 ? 0.1397 0.1806 0.1959 -0.0037 0.0039  0.0031  112 G   A C6    
273 O  O6    . G   A 12 ? 0.1442 0.1854 0.1948 -0.0244 -0.0136 0.0168  112 G   A O6    
274 N  N1    . G   A 12 ? 0.1487 0.1841 0.1934 -0.0039 0.0005  0.0182  112 G   A N1    
275 C  C2    . G   A 12 ? 0.1539 0.2119 0.1786 -0.0157 -0.0144 0.0255  112 G   A C2    
276 N  N2    . G   A 12 ? 0.1984 0.2059 0.2060 0.0002  0.0374  0.0175  112 G   A N2    
277 N  N3    . G   A 12 ? 0.1636 0.1998 0.1875 -0.0135 -0.0143 0.0233  112 G   A N3    
278 C  C4    . G   A 12 ? 0.1521 0.1676 0.1910 -0.0057 -0.0200 0.0245  112 G   A C4    
279 O  "O5'" . C   B 1  ? 0.2684 0.3174 0.2345 -0.0164 0.0151  0.0071  201 C   B "O5'" 
280 C  "C5'" . C   B 1  ? 0.2084 0.2535 0.2138 -0.0565 -0.0033 0.0384  201 C   B "C5'" 
281 C  "C4'" . C   B 1  ? 0.1876 0.2275 0.2277 -0.0592 0.0381  0.0485  201 C   B "C4'" 
282 O  "O4'" . C   B 1  ? 0.1711 0.2556 0.2081 -0.0505 0.0098  0.0418  201 C   B "O4'" 
283 C  "C3'" . C   B 1  ? 0.1894 0.1936 0.1946 -0.0238 0.0175  0.0035  201 C   B "C3'" 
284 O  "O3'" . C   B 1  ? 0.2107 0.2286 0.2303 -0.0286 0.0245  0.0402  201 C   B "O3'" 
285 C  "C2'" . C   B 1  ? 0.1758 0.1991 0.1681 -0.0190 0.0179  -0.0096 201 C   B "C2'" 
286 O  "O2'" . C   B 1  ? 0.2519 0.2558 0.1703 0.0318  0.0295  -0.0075 201 C   B "O2'" 
287 C  "C1'" . C   B 1  ? 0.2061 0.2036 0.1792 -0.0441 0.0094  0.0346  201 C   B "C1'" 
288 N  N1    . C   B 1  ? 0.1591 0.1913 0.1858 -0.0201 0.0147  0.0182  201 C   B N1    
289 C  C2    . C   B 1  ? 0.1418 0.1985 0.1871 -0.0254 0.0121  0.0131  201 C   B C2    
290 O  O2    . C   B 1  ? 0.1575 0.1920 0.1870 -0.0169 0.0251  0.0155  201 C   B O2    
291 N  N3    . C   B 1  ? 0.1545 0.1936 0.1685 -0.0217 -0.0069 0.0222  201 C   B N3    
292 C  C4    . C   B 1  ? 0.1486 0.1943 0.1674 -0.0155 -0.0055 0.0234  201 C   B C4    
293 N  N4    . C   B 1  ? 0.2084 0.2000 0.1782 -0.0109 0.0152  0.0365  201 C   B N4    
294 C  C5    . C   B 1  ? 0.2142 0.1821 0.1733 -0.0248 0.0029  0.0192  201 C   B C5    
295 C  C6    . C   B 1  ? 0.1652 0.1872 0.1883 -0.0272 -0.0001 0.0253  201 C   B C6    
296 P  P     . G   B 2  ? 0.2251 0.2399 0.2290 0.0102  0.0239  0.0425  202 G   B P     
297 O  OP1   . G   B 2  ? 0.2966 0.3365 0.2949 0.0131  0.0219  0.1343  202 G   B OP1   
298 O  OP2   . G   B 2  ? 0.2765 0.2387 0.2685 0.0483  0.0029  -0.0027 202 G   B OP2   
299 O  "O5'" . G   B 2  ? 0.1835 0.2574 0.1817 0.0148  0.0157  0.0211  202 G   B "O5'" 
300 C  "C5'" . G   B 2  ? 0.1665 0.2673 0.1493 0.0079  0.0344  0.0467  202 G   B "C5'" 
301 C  "C4'" . G   B 2  ? 0.1950 0.2281 0.1734 0.0277  0.0509  0.0264  202 G   B "C4'" 
302 O  "O4'" . G   B 2  ? 0.1853 0.2307 0.1923 0.0084  0.0383  0.0355  202 G   B "O4'" 
303 C  "C3'" . G   B 2  ? 0.1859 0.2335 0.1801 -0.0036 0.0370  0.0471  202 G   B "C3'" 
304 O  "O3'" . G   B 2  ? 0.1956 0.2407 0.1509 -0.0014 0.0376  0.0135  202 G   B "O3'" 
305 C  "C2'" . G   B 2  ? 0.1989 0.2016 0.1920 0.0003  0.0168  0.0079  202 G   B "C2'" 
306 O  "O2'" . G   B 2  ? 0.1805 0.2486 0.2320 0.0226  0.0181  -0.0339 202 G   B "O2'" 
307 C  "C1'" . G   B 2  ? 0.1993 0.2371 0.1722 -0.0012 0.0235  0.0323  202 G   B "C1'" 
308 N  N9    . G   B 2  ? 0.1735 0.2076 0.1860 0.0079  0.0301  0.0207  202 G   B N9    
309 C  C8    . G   B 2  ? 0.1630 0.2140 0.1906 -0.0006 0.0204  0.0292  202 G   B C8    
310 N  N7    . G   B 2  ? 0.1588 0.2103 0.1886 -0.0092 0.0198  0.0266  202 G   B N7    
311 C  C5    . G   B 2  ? 0.1503 0.1869 0.1852 0.0100  0.0175  0.0248  202 G   B C5    
312 C  C6    . G   B 2  ? 0.1963 0.1659 0.1732 0.0160  0.0187  0.0356  202 G   B C6    
313 O  O6    . G   B 2  ? 0.2129 0.1745 0.1705 0.0068  0.0043  0.0369  202 G   B O6    
314 N  N1    . G   B 2  ? 0.1592 0.1859 0.1527 0.0165  0.0203  0.0236  202 G   B N1    
315 C  C2    . G   B 2  ? 0.1384 0.2041 0.1550 0.0161  0.0068  0.0229  202 G   B C2    
316 N  N2    . G   B 2  ? 0.2018 0.2153 0.1722 -0.0205 -0.0054 0.0286  202 G   B N2    
317 N  N3    . G   B 2  ? 0.1943 0.1921 0.1516 0.0075  0.0236  0.0139  202 G   B N3    
318 C  C4    . G   B 2  ? 0.1590 0.2181 0.1902 -0.0026 0.0378  0.0070  202 G   B C4    
319 P  P     . C   B 3  ? 0.1901 0.2444 0.1655 0.0005  0.0249  0.0357  203 C   B P     
320 O  OP1   . C   B 3  ? 0.2366 0.2905 0.1774 -0.0005 0.0178  0.0771  203 C   B OP1   
321 O  OP2   . C   B 3  ? 0.1875 0.2188 0.2036 0.0047  0.0456  0.0270  203 C   B OP2   
322 O  "O5'" . C   B 3  ? 0.1815 0.2079 0.1605 0.0161  0.0318  0.0273  203 C   B "O5'" 
323 C  "C5'" . C   B 3  ? 0.1757 0.2305 0.1369 0.0120  0.0206  0.0168  203 C   B "C5'" 
324 C  "C4'" . C   B 3  ? 0.1998 0.2084 0.1306 0.0058  0.0272  0.0042  203 C   B "C4'" 
325 O  "O4'" . C   B 3  ? 0.1797 0.2088 0.1393 0.0205  0.0359  0.0059  203 C   B "O4'" 
326 C  "C3'" . C   B 3  ? 0.1781 0.1913 0.1255 -0.0080 0.0123  0.0038  203 C   B "C3'" 
327 O  "O3'" . C   B 3  ? 0.2039 0.2062 0.1026 0.0023  0.0040  -0.0137 203 C   B "O3'" 
328 C  "C2'" . C   B 3  ? 0.1621 0.1915 0.1166 0.0063  0.0081  -0.0007 203 C   B "C2'" 
329 O  "O2'" . C   B 3  ? 0.1760 0.1893 0.1937 -0.0095 -0.0081 0.0152  203 C   B "O2'" 
330 C  "C1'" . C   B 3  ? 0.1593 0.1880 0.1327 -0.0031 0.0178  -0.0021 203 C   B "C1'" 
331 N  N1    . C   B 3  ? 0.1520 0.1833 0.1411 -0.0055 0.0184  -0.0048 203 C   B N1    
332 C  C2    . C   B 3  ? 0.1424 0.1710 0.1360 0.0008  0.0159  0.0014  203 C   B C2    
333 O  O2    . C   B 3  ? 0.1606 0.1679 0.1438 -0.0095 0.0121  -0.0069 203 C   B O2    
334 N  N3    . C   B 3  ? 0.1369 0.1495 0.1331 0.0067  -0.0020 0.0168  203 C   B N3    
335 C  C4    . C   B 3  ? 0.1518 0.1610 0.1513 -0.0058 0.0021  0.0154  203 C   B C4    
336 N  N4    . C   B 3  ? 0.1507 0.1630 0.1650 -0.0019 0.0201  0.0023  203 C   B N4    
337 C  C5    . C   B 3  ? 0.1447 0.1925 0.1567 -0.0171 0.0096  0.0111  203 C   B C5    
338 C  C6    . C   B 3  ? 0.1052 0.1890 0.1594 0.0044  0.0153  0.0038  203 C   B C6    
339 P  P     . G   B 4  ? 0.2001 0.2504 0.1403 0.0225  0.0159  0.0123  204 G   B P     
340 O  OP1   . G   B 4  ? 0.2543 0.3079 0.1590 0.0340  -0.0474 0.0138  204 G   B OP1   
341 O  OP2   . G   B 4  ? 0.2377 0.2340 0.1722 0.0345  0.0623  0.0243  204 G   B OP2   
342 O  "O5'" . G   B 4  ? 0.1527 0.2166 0.1415 -0.0011 0.0142  -0.0047 204 G   B "O5'" 
343 C  "C5'" . G   B 4  ? 0.1442 0.1618 0.1389 0.0158  -0.0022 -0.0211 204 G   B "C5'" 
344 C  "C4'" . G   B 4  ? 0.1528 0.1458 0.1318 -0.0096 -0.0087 -0.0035 204 G   B "C4'" 
345 O  "O4'" . G   B 4  ? 0.1479 0.1335 0.1314 -0.0066 -0.0021 -0.0021 204 G   B "O4'" 
346 C  "C3'" . G   B 4  ? 0.1456 0.1719 0.1147 -0.0004 0.0110  -0.0117 204 G   B "C3'" 
347 O  "O3'" . G   B 4  ? 0.1541 0.1969 0.1463 0.0014  -0.0006 0.0073  204 G   B "O3'" 
348 C  "C2'" . G   B 4  ? 0.1399 0.1747 0.1092 -0.0182 0.0231  0.0070  204 G   B "C2'" 
349 O  "O2'" . G   B 4  ? 0.1586 0.1413 0.1282 -0.0135 0.0178  0.0191  204 G   B "O2'" 
350 C  "C1'" . G   B 4  ? 0.1454 0.1321 0.1164 -0.0106 0.0065  0.0005  204 G   B "C1'" 
351 N  N9    . G   B 4  ? 0.1332 0.1384 0.1220 -0.0042 0.0244  -0.0131 204 G   B N9    
352 C  C8    . G   B 4  ? 0.1633 0.1790 0.1263 -0.0215 0.0147  0.0170  204 G   B C8    
353 N  N7    . G   B 4  ? 0.1614 0.1676 0.1477 -0.0082 0.0302  0.0175  204 G   B N7    
354 C  C5    . G   B 4  ? 0.1469 0.1279 0.1624 -0.0017 0.0291  0.0048  204 G   B C5    
355 C  C6    . G   B 4  ? 0.1357 0.1869 0.1831 -0.0440 0.0224  0.0044  204 G   B C6    
356 O  O6    . G   B 4  ? 0.1939 0.1761 0.2247 -0.0563 0.0416  0.0093  204 G   B O6    
357 N  N1    . G   B 4  ? 0.1727 0.1535 0.1873 -0.0467 0.0152  -0.0017 204 G   B N1    
358 C  C2    . G   B 4  ? 0.1306 0.1544 0.1526 -0.0392 -0.0124 -0.0018 204 G   B C2    
359 N  N2    . G   B 4  ? 0.1589 0.1824 0.1610 -0.0462 0.0018  -0.0334 204 G   B N2    
360 N  N3    . G   B 4  ? 0.1459 0.1281 0.1386 -0.0267 0.0020  -0.0113 204 G   B N3    
361 C  C4    . G   B 4  ? 0.1052 0.1499 0.1417 -0.0146 0.0194  -0.0120 204 G   B C4    
362 P  P     . A   B 5  ? 0.1484 0.1937 0.1438 -0.0029 0.0039  0.0021  205 A   B P     
363 O  OP1   . A   B 5  ? 0.1784 0.2585 0.1505 0.0215  -0.0137 -0.0121 205 A   B OP1   
364 O  OP2   . A   B 5  ? 0.1708 0.1969 0.1553 -0.0016 0.0347  0.0204  205 A   B OP2   
365 O  "O5'" . A   B 5  ? 0.1371 0.1705 0.1489 -0.0231 0.0019  -0.0053 205 A   B "O5'" 
366 C  "C5'" . A   B 5  ? 0.1758 0.1712 0.1438 -0.0421 -0.0106 -0.0184 205 A   B "C5'" 
367 C  "C4'" . A   B 5  ? 0.1387 0.1579 0.1446 -0.0262 -0.0140 0.0068  205 A   B "C4'" 
368 O  "O4'" . A   B 5  ? 0.1192 0.1512 0.1451 -0.0258 -0.0031 0.0016  205 A   B "O4'" 
369 C  "C3'" . A   B 5  ? 0.1233 0.1685 0.1362 -0.0245 0.0032  0.0188  205 A   B "C3'" 
370 O  "O3'" . A   B 5  ? 0.1334 0.1456 0.1529 -0.0262 -0.0151 0.0013  205 A   B "O3'" 
371 C  "C2'" . A   B 5  ? 0.1209 0.1659 0.1370 -0.0137 0.0044  0.0242  205 A   B "C2'" 
372 O  "O2'" . A   B 5  ? 0.1337 0.1433 0.1595 -0.0162 0.0057  0.0225  205 A   B "O2'" 
373 C  "C1'" . A   B 5  ? 0.1250 0.1416 0.1392 -0.0185 -0.0045 0.0082  205 A   B "C1'" 
374 N  N9    . A   B 5  ? 0.1300 0.1226 0.1343 -0.0113 0.0047  -0.0024 205 A   B N9    
375 C  C8    . A   B 5  ? 0.1451 0.1271 0.1360 -0.0033 0.0146  0.0062  205 A   B C8    
376 N  N7    . A   B 5  ? 0.1304 0.1448 0.1450 -0.0074 0.0145  0.0083  205 A   B N7    
377 C  C5    . A   B 5  ? 0.1081 0.1365 0.1419 -0.0047 -0.0061 0.0113  205 A   B C5    
378 C  C6    . A   B 5  ? 0.1209 0.1135 0.1620 0.0039  0.0048  -0.0029 205 A   B C6    
379 N  N6    . A   B 5  ? 0.1733 0.1526 0.1741 -0.0428 -0.0072 -0.0027 205 A   B N6    
380 N  N1    . A   B 5  ? 0.1509 0.1317 0.1474 -0.0212 -0.0186 -0.0031 205 A   B N1    
381 C  C2    . A   B 5  ? 0.1661 0.1294 0.1399 -0.0139 0.0060  -0.0037 205 A   B C2    
382 N  N3    . A   B 5  ? 0.1377 0.1499 0.1162 -0.0187 -0.0180 0.0126  205 A   B N3    
383 C  C4    . A   B 5  ? 0.1223 0.1585 0.1281 -0.0196 -0.0070 0.0048  205 A   B C4    
384 P  P     . A   B 6  ? 0.1578 0.1574 0.1733 -0.0142 -0.0199 0.0248  206 A   B P     
385 O  OP1   . A   B 6  ? 0.1574 0.1853 0.2297 -0.0049 -0.0448 0.0271  206 A   B OP1   
386 O  OP2   . A   B 6  ? 0.2079 0.1725 0.1635 -0.0270 -0.0277 0.0217  206 A   B OP2   
387 O  "O5'" . A   B 6  ? 0.1559 0.1344 0.1753 -0.0069 0.0104  0.0163  206 A   B "O5'" 
388 C  "C5'" . A   B 6  ? 0.1677 0.1600 0.1734 -0.0174 0.0051  0.0211  206 A   B "C5'" 
389 C  "C4'" . A   B 6  ? 0.1748 0.1486 0.1764 -0.0126 0.0076  0.0225  206 A   B "C4'" 
390 O  "O4'" . A   B 6  ? 0.1682 0.1457 0.1757 -0.0185 0.0106  0.0099  206 A   B "O4'" 
391 C  "C3'" . A   B 6  ? 0.1651 0.1415 0.2219 -0.0272 0.0210  0.0312  206 A   B "C3'" 
392 O  "O3'" . A   B 6  ? 0.1831 0.1392 0.2567 -0.0219 0.0474  0.0394  206 A   B "O3'" 
393 C  "C2'" . A   B 6  ? 0.1865 0.1665 0.1840 0.0041  0.0172  -0.0297 206 A   B "C2'" 
394 O  "O2'" . A   B 6  ? 0.3142 0.2364 0.1955 0.0464  0.0523  -0.0090 206 A   B "O2'" 
395 C  "C1'" . A   B 6  ? 0.1788 0.1429 0.1962 -0.0101 0.0124  0.0076  206 A   B "C1'" 
396 N  N9    . A   B 6  ? 0.1573 0.1407 0.1783 0.0007  0.0019  0.0229  206 A   B N9    
397 C  C8    . A   B 6  ? 0.1588 0.1587 0.1695 -0.0035 -0.0205 0.0378  206 A   B C8    
398 N  N7    . A   B 6  ? 0.1285 0.1782 0.1711 0.0039  -0.0158 0.0219  206 A   B N7    
399 C  C5    . A   B 6  ? 0.1774 0.1490 0.1894 -0.0178 0.0063  0.0090  206 A   B C5    
400 C  C6    . A   B 6  ? 0.1613 0.1816 0.2239 -0.0182 0.0033  -0.0070 206 A   B C6    
401 N  N6    . A   B 6  ? 0.1870 0.1398 0.2346 -0.0279 0.0069  0.0286  206 A   B N6    
402 N  N1    . A   B 6  ? 0.2125 0.2191 0.2502 -0.0434 -0.0032 -0.0306 206 A   B N1    
403 C  C2    . A   B 6  ? 0.2238 0.2044 0.2175 -0.0277 -0.0228 -0.0206 206 A   B C2    
404 N  N3    . A   B 6  ? 0.2255 0.1746 0.1915 -0.0151 -0.0154 -0.0073 206 A   B N3    
405 C  C4    . A   B 6  ? 0.1768 0.1608 0.1794 -0.0129 -0.0072 0.0134  206 A   B C4    
406 P  P     . 5BU B 7  ? 0.1787 0.1642 0.2650 -0.0067 0.0445  0.0351  207 5BU B P     
407 O  OP1   . 5BU B 7  ? 0.1774 0.1956 0.2994 -0.0104 0.0560  0.0738  207 5BU B OP1   
408 O  OP2   . 5BU B 7  ? 0.1994 0.1545 0.2710 0.0073  0.0077  0.0175  207 5BU B OP2   
409 O  "O5'" . 5BU B 7  ? 0.1670 0.1516 0.1945 0.0047  0.0346  0.0386  207 5BU B "O5'" 
410 C  "C5'" . 5BU B 7  ? 0.2280 0.1629 0.1793 -0.0022 0.0655  0.0391  207 5BU B "C5'" 
411 C  "C4'" . 5BU B 7  ? 0.2208 0.1335 0.1790 0.0138  0.0591  0.0244  207 5BU B "C4'" 
412 O  "O4'" . 5BU B 7  ? 0.1982 0.1589 0.1469 -0.0057 0.0331  0.0104  207 5BU B "O4'" 
413 C  "C3'" . 5BU B 7  ? 0.2161 0.1368 0.1572 -0.0017 0.0433  0.0159  207 5BU B "C3'" 
414 O  "O3'" . 5BU B 7  ? 0.2132 0.1296 0.1939 -0.0069 0.0624  0.0080  207 5BU B "O3'" 
415 C  "C2'" . 5BU B 7  ? 0.1931 0.1472 0.1716 0.0133  0.0499  0.0178  207 5BU B "C2'" 
416 O  "O2'" . 5BU B 7  ? 0.1589 0.1432 0.1599 0.0170  0.0499  0.0080  207 5BU B "O2'" 
417 C  "C1'" . 5BU B 7  ? 0.1969 0.1531 0.1313 -0.0042 0.0182  0.0078  207 5BU B "C1'" 
418 N  N1    . 5BU B 7  ? 0.1465 0.1669 0.1422 -0.0075 0.0115  -0.0089 207 5BU B N1    
419 C  C2    . 5BU B 7  ? 0.1491 0.1643 0.1451 -0.0187 0.0022  0.0005  207 5BU B C2    
420 O  O2    . 5BU B 7  ? 0.1706 0.1528 0.2184 -0.0083 0.0370  -0.0171 207 5BU B O2    
421 N  N3    . 5BU B 7  ? 0.1493 0.1510 0.1428 -0.0242 0.0120  0.0148  207 5BU B N3    
422 C  C4    . 5BU B 7  ? 0.1449 0.1387 0.1632 -0.0173 0.0112  0.0102  207 5BU B C4    
423 O  O4    . 5BU B 7  ? 0.1871 0.1605 0.1440 -0.0077 0.0200  0.0186  207 5BU B O4    
424 C  C5    . 5BU B 7  ? 0.1553 0.1271 0.1749 -0.0295 0.0167  0.0019  207 5BU B C5    
425 C  C6    . 5BU B 7  ? 0.1137 0.1725 0.1552 -0.0112 -0.0136 -0.0076 207 5BU B C6    
426 BR BR    . 5BU B 7  ? 0.1986 0.1834 0.2065 -0.0115 0.0122  0.0094  207 5BU B BR    
427 P  P     . 8RJ B 8  ? 0.2141 0.1742 0.1813 -0.0047 0.0643  -0.0061 208 8RJ B P     
428 O  OP2   . 8RJ B 8  ? 0.2306 0.3274 0.3023 0.0557  0.0277  -0.0949 208 8RJ B OP2   
429 O  O1    . 8RJ B 8  ? 0.3706 0.2272 0.1859 0.0244  0.0580  0.0185  208 8RJ B O1    
430 O  "O5'" . 8RJ B 8  ? 0.3465 0.1639 0.2035 -0.0151 0.1191  -0.0301 208 8RJ B "O5'" 
431 O  O4    . 8RJ B 8  ? 0.2804 0.2095 0.1930 -0.0325 -0.0102 -0.0019 208 8RJ B O4    
432 C  C4    . 8RJ B 8  ? 0.2498 0.2149 0.1517 -0.0167 -0.0347 0.0085  208 8RJ B C4    
433 N  N3    . 8RJ B 8  ? 0.2434 0.1980 0.1320 -0.0235 0.0000  0.0264  208 8RJ B N3    
434 C  C2    . 8RJ B 8  ? 0.2515 0.1710 0.1598 -0.0080 0.0190  0.0299  208 8RJ B C2    
435 O  O2    . 8RJ B 8  ? 0.2395 0.1811 0.1681 -0.0170 0.0196  0.0159  208 8RJ B O2    
436 C  C5    . 8RJ B 8  ? 0.2762 0.2470 0.1823 -0.0444 -0.0126 -0.0340 208 8RJ B C5    
437 C  C5M   . 8RJ B 8  ? 0.2817 0.2492 0.2495 -0.0373 -0.0237 -0.0572 208 8RJ B C5M   
438 C  C6    . 8RJ B 8  ? 0.2887 0.2347 0.1731 -0.0414 -0.0077 -0.0131 208 8RJ B C6    
439 N  N1    . 8RJ B 8  ? 0.2819 0.1894 0.1355 -0.0298 0.0239  0.0186  208 8RJ B N1    
440 C  C1G   . 8RJ B 8  ? 0.2745 0.2205 0.1386 -0.0329 0.0271  0.0020  208 8RJ B C1G   
441 C  C2G   . 8RJ B 8  ? 0.2835 0.2177 0.1490 -0.0271 0.0300  -0.0075 208 8RJ B C2G   
442 O  O2G   . 8RJ B 8  ? 0.2622 0.2055 0.1521 0.0011  0.0435  0.0112  208 8RJ B O2G   
443 C  C3G   . 8RJ B 8  ? 0.2641 0.1745 0.2105 0.0125  0.0990  -0.0346 208 8RJ B C3G   
444 P  P     . A   B 9  ? 0.2504 0.2060 0.2218 0.0043  0.0489  0.0634  209 A   B P     
445 O  OP1   . A   B 9  ? 0.2102 0.2116 0.2756 -0.0220 -0.0119 0.0859  209 A   B OP1   
446 O  OP2   . A   B 9  ? 0.2507 0.2805 0.3071 0.0250  0.1063  0.0684  209 A   B OP2   
447 O  "O5'" . A   B 9  ? 0.2201 0.2092 0.1643 -0.0071 0.0333  0.0174  209 A   B "O5'" 
448 C  "C5'" . A   B 9  ? 0.2436 0.1717 0.1844 0.0323  0.0206  0.0000  209 A   B "C5'" 
449 C  "C4'" . A   B 9  ? 0.2563 0.1608 0.1477 0.0001  0.0093  -0.0173 209 A   B "C4'" 
450 O  "O4'" . A   B 9  ? 0.2336 0.1746 0.1300 0.0010  0.0098  0.0005  209 A   B "O4'" 
451 C  "C3'" . A   B 9  ? 0.2168 0.1591 0.1649 -0.0154 -0.0192 -0.0069 209 A   B "C3'" 
452 O  "O3'" . A   B 9  ? 0.2292 0.1654 0.1633 -0.0066 -0.0237 -0.0135 209 A   B "O3'" 
453 C  "C2'" . A   B 9  ? 0.2295 0.1388 0.1518 -0.0112 -0.0102 0.0029  209 A   B "C2'" 
454 O  "O2'" . A   B 9  ? 0.2141 0.1503 0.1772 -0.0280 0.0001  0.0050  209 A   B "O2'" 
455 C  "C1'" . A   B 9  ? 0.2189 0.1412 0.1295 -0.0170 -0.0017 0.0070  209 A   B "C1'" 
456 N  N9    . A   B 9  ? 0.1848 0.1383 0.1200 -0.0125 0.0006  0.0133  209 A   B N9    
457 C  C8    . A   B 9  ? 0.1693 0.1466 0.1244 -0.0074 0.0098  0.0017  209 A   B C8    
458 N  N7    . A   B 9  ? 0.1496 0.1247 0.1301 0.0021  0.0110  0.0088  209 A   B N7    
459 C  C5    . A   B 9  ? 0.1253 0.1195 0.1188 0.0026  -0.0085 0.0241  209 A   B C5    
460 C  C6    . A   B 9  ? 0.0997 0.1256 0.1476 0.0059  0.0007  0.0071  209 A   B C6    
461 N  N6    . A   B 9  ? 0.1271 0.1312 0.1486 -0.0006 0.0162  0.0026  209 A   B N6    
462 N  N1    . A   B 9  ? 0.1195 0.1363 0.1539 -0.0077 0.0118  0.0085  209 A   B N1    
463 C  C2    . A   B 9  ? 0.1467 0.1365 0.1392 -0.0134 -0.0154 0.0180  209 A   B C2    
464 N  N3    . A   B 9  ? 0.1564 0.1272 0.1589 -0.0168 0.0028  0.0098  209 A   B N3    
465 C  C4    . A   B 9  ? 0.1387 0.1669 0.1125 -0.0204 -0.0257 0.0057  209 A   B C4    
466 P  P     . G   B 10 ? 0.2006 0.1674 0.1581 -0.0109 -0.0046 -0.0076 210 G   B P     
467 O  OP1   . G   B 10 ? 0.2122 0.1618 0.1963 -0.0012 0.0039  -0.0127 210 G   B OP1   
468 O  OP2   . G   B 10 ? 0.1852 0.1782 0.1700 -0.0026 0.0218  -0.0072 210 G   B OP2   
469 O  "O5'" . G   B 10 ? 0.1853 0.1305 0.1559 -0.0177 0.0011  0.0122  210 G   B "O5'" 
470 C  "C5'" . G   B 10 ? 0.1626 0.1250 0.1650 -0.0188 -0.0155 -0.0140 210 G   B "C5'" 
471 C  "C4'" . G   B 10 ? 0.1565 0.1437 0.1554 0.0021  -0.0174 -0.0114 210 G   B "C4'" 
472 O  "O4'" . G   B 10 ? 0.1686 0.1289 0.1501 -0.0121 -0.0254 -0.0055 210 G   B "O4'" 
473 C  "C3'" . G   B 10 ? 0.1388 0.1260 0.1404 -0.0293 -0.0017 0.0118  210 G   B "C3'" 
474 O  "O3'" . G   B 10 ? 0.1254 0.1245 0.1401 -0.0397 0.0025  0.0149  210 G   B "O3'" 
475 C  "C2'" . G   B 10 ? 0.1305 0.1371 0.1447 -0.0257 -0.0075 0.0032  210 G   B "C2'" 
476 O  "O2'" . G   B 10 ? 0.1401 0.1481 0.1543 -0.0203 0.0054  0.0149  210 G   B "O2'" 
477 C  "C1'" . G   B 10 ? 0.1763 0.1270 0.1333 -0.0175 -0.0056 0.0012  210 G   B "C1'" 
478 N  N9    . G   B 10 ? 0.1526 0.1322 0.1214 -0.0214 -0.0081 -0.0072 210 G   B N9    
479 C  C8    . G   B 10 ? 0.2032 0.1442 0.1400 -0.0266 0.0190  -0.0194 210 G   B C8    
480 N  N7    . G   B 10 ? 0.1940 0.1275 0.1440 -0.0051 0.0335  0.0076  210 G   B N7    
481 C  C5    . G   B 10 ? 0.1552 0.1242 0.1231 -0.0106 -0.0089 0.0038  210 G   B C5    
482 C  C6    . G   B 10 ? 0.1405 0.1287 0.1364 -0.0096 0.0066  0.0002  210 G   B C6    
483 O  O6    . G   B 10 ? 0.1606 0.1251 0.1669 -0.0065 0.0208  0.0077  210 G   B O6    
484 N  N1    . G   B 10 ? 0.1297 0.1323 0.1392 -0.0036 0.0023  0.0000  210 G   B N1    
485 C  C2    . G   B 10 ? 0.1334 0.1244 0.1272 -0.0054 -0.0031 -0.0030 210 G   B C2    
486 N  N2    . G   B 10 ? 0.1512 0.1472 0.1384 0.0024  0.0146  -0.0107 210 G   B N2    
487 N  N3    . G   B 10 ? 0.1412 0.1227 0.1353 -0.0019 -0.0039 -0.0034 210 G   B N3    
488 C  C4    . G   B 10 ? 0.1533 0.1294 0.1208 -0.0117 -0.0036 -0.0045 210 G   B C4    
489 P  P     . C   B 11 ? 0.1403 0.1576 0.1392 -0.0166 0.0057  0.0223  211 C   B P     
490 O  OP1   . C   B 11 ? 0.1780 0.1640 0.1269 -0.0115 0.0048  0.0249  211 C   B OP1   
491 O  OP2   . C   B 11 ? 0.1275 0.1808 0.1357 -0.0238 -0.0027 0.0144  211 C   B OP2   
492 O  "O5'" . C   B 11 ? 0.1435 0.1607 0.1255 -0.0233 -0.0074 0.0307  211 C   B "O5'" 
493 C  "C5'" . C   B 11 ? 0.1346 0.1801 0.1351 -0.0171 -0.0050 0.0000  211 C   B "C5'" 
494 C  "C4'" . C   B 11 ? 0.1358 0.1819 0.1780 -0.0201 -0.0125 -0.0147 211 C   B "C4'" 
495 O  "O4'" . C   B 11 ? 0.1337 0.1832 0.1813 -0.0342 -0.0122 -0.0058 211 C   B "O4'" 
496 C  "C3'" . C   B 11 ? 0.1457 0.1958 0.1389 -0.0540 -0.0011 0.0074  211 C   B "C3'" 
497 O  "O3'" . C   B 11 ? 0.1589 0.2097 0.1305 -0.0480 0.0179  0.0142  211 C   B "O3'" 
498 C  "C2'" . C   B 11 ? 0.1456 0.2014 0.1655 -0.0397 -0.0082 0.0018  211 C   B "C2'" 
499 O  "O2'" . C   B 11 ? 0.1733 0.2702 0.1750 -0.0243 0.0108  -0.0206 211 C   B "O2'" 
500 C  "C1'" . C   B 11 ? 0.1475 0.1958 0.1683 -0.0510 -0.0115 0.0027  211 C   B "C1'" 
501 N  N1    . C   B 11 ? 0.1555 0.1824 0.1575 -0.0459 -0.0104 -0.0056 211 C   B N1    
502 C  C2    . C   B 11 ? 0.1604 0.1787 0.1500 -0.0404 -0.0020 0.0080  211 C   B C2    
503 O  O2    . C   B 11 ? 0.1850 0.1678 0.1831 -0.0112 0.0202  -0.0065 211 C   B O2    
504 N  N3    . C   B 11 ? 0.1654 0.1884 0.1607 -0.0300 0.0087  0.0166  211 C   B N3    
505 C  C4    . C   B 11 ? 0.1794 0.1917 0.1491 -0.0261 -0.0015 0.0051  211 C   B C4    
506 N  N4    . C   B 11 ? 0.1808 0.1841 0.1813 -0.0107 0.0185  0.0128  211 C   B N4    
507 C  C5    . C   B 11 ? 0.1490 0.2089 0.1492 -0.0313 -0.0200 0.0005  211 C   B C5    
508 C  C6    . C   B 11 ? 0.1585 0.1874 0.1773 -0.0208 -0.0013 -0.0043 211 C   B C6    
509 P  P     . G   B 12 ? 0.1839 0.1957 0.1439 -0.0442 -0.0032 0.0187  212 G   B P     
510 O  OP1   . G   B 12 ? 0.1960 0.1963 0.2169 -0.0734 -0.0188 0.0622  212 G   B OP1   
511 O  OP2   . G   B 12 ? 0.1484 0.1955 0.1667 -0.0040 -0.0161 -0.0061 212 G   B OP2   
512 O  "O5'" . G   B 12 ? 0.1739 0.1746 0.1310 -0.0421 0.0097  0.0203  212 G   B "O5'" 
513 C  "C5'" . G   B 12 ? 0.1457 0.1832 0.1695 -0.0524 0.0163  0.0092  212 G   B "C5'" 
514 C  "C4'" . G   B 12 ? 0.1604 0.1841 0.1252 -0.0620 0.0065  0.0156  212 G   B "C4'" 
515 O  "O4'" . G   B 12 ? 0.1512 0.1935 0.1455 -0.0539 -0.0224 0.0249  212 G   B "O4'" 
516 C  "C3'" . G   B 12 ? 0.1776 0.2037 0.1405 -0.0655 -0.0358 0.0520  212 G   B "C3'" 
517 O  "O3'" . G   B 12 ? 0.2101 0.2143 0.1160 -0.0386 -0.0088 0.0401  212 G   B "O3'" 
518 C  "C2'" . G   B 12 ? 0.1591 0.1857 0.1343 -0.0588 -0.0216 0.0254  212 G   B "C2'" 
519 O  "O2'" . G   B 12 ? 0.2085 0.2241 0.1552 -0.0530 0.0129  0.0119  212 G   B "O2'" 
520 C  "C1'" . G   B 12 ? 0.1222 0.1884 0.1539 -0.0293 0.0065  0.0433  212 G   B "C1'" 
521 N  N9    . G   B 12 ? 0.1436 0.1671 0.1378 -0.0139 -0.0153 0.0451  212 G   B N9    
522 C  C8    . G   B 12 ? 0.1460 0.1848 0.1649 -0.0349 -0.0094 0.0282  212 G   B C8    
523 N  N7    . G   B 12 ? 0.1488 0.2022 0.1364 -0.0477 -0.0236 0.0279  212 G   B N7    
524 C  C5    . G   B 12 ? 0.1574 0.1768 0.1320 -0.0321 -0.0123 0.0359  212 G   B C5    
525 C  C6    . G   B 12 ? 0.1547 0.1805 0.1248 -0.0357 -0.0018 0.0174  212 G   B C6    
526 O  O6    . G   B 12 ? 0.1772 0.1721 0.1317 -0.0306 -0.0020 0.0213  212 G   B O6    
527 N  N1    . G   B 12 ? 0.1599 0.1551 0.1592 -0.0215 0.0167  0.0145  212 G   B N1    
528 C  C2    . G   B 12 ? 0.1503 0.1675 0.1382 -0.0262 -0.0073 0.0167  212 G   B C2    
529 N  N2    . G   B 12 ? 0.1767 0.1938 0.1535 -0.0503 -0.0278 0.0172  212 G   B N2    
530 N  N3    . G   B 12 ? 0.1374 0.1728 0.1474 -0.0125 -0.0003 0.0264  212 G   B N3    
531 C  C4    . G   B 12 ? 0.1048 0.1742 0.1429 -0.0105 0.0016  0.0275  212 G   B C4    
532 O  O     . HOH C .  ? 0.6609 0.4619 0.7441 0.1233  0.1229  -0.0309 201 HOH A O     
533 O  O     . HOH C .  ? 0.4617 0.3450 0.4762 0.1134  0.1523  -0.0894 202 HOH A O     
534 O  O     . HOH C .  ? 0.1623 0.2636 0.2732 -0.0680 -0.0015 0.0333  203 HOH A O     
535 O  O     . HOH C .  ? 0.4421 0.3287 0.6528 -0.0814 -0.1084 -0.1180 204 HOH A O     
536 O  O     . HOH C .  ? 0.2697 0.2060 0.2602 -0.0486 -0.0238 -0.0003 205 HOH A O     
537 O  O     . HOH C .  ? 0.6373 0.4261 0.6605 -0.0938 0.0578  0.1879  206 HOH A O     
538 O  O     . HOH C .  ? 0.3973 0.3092 0.5573 0.0046  0.1029  0.0082  207 HOH A O     
539 O  O     . HOH C .  ? 0.4195 0.4220 0.5454 -0.0877 0.0932  -0.0403 208 HOH A O     
540 O  O     . HOH C .  ? 0.6501 0.4992 0.4712 -0.0385 0.2455  -0.0173 209 HOH A O     
541 O  O     . HOH C .  ? 0.4214 0.2861 0.4539 -0.0013 0.1531  0.0406  210 HOH A O     
542 O  O     . HOH C .  ? 0.2061 0.1762 0.2426 -0.0443 0.0330  -0.0207 211 HOH A O     
543 O  O     . HOH C .  ? 0.4326 0.2905 0.2206 -0.0452 0.0500  -0.0342 212 HOH A O     
544 O  O     . HOH C .  ? 0.3150 0.3248 0.3093 -0.1066 0.0148  0.0752  213 HOH A O     
545 O  O     . HOH C .  ? 0.3649 0.2557 0.3517 0.0106  0.0322  0.1162  214 HOH A O     
546 O  O     . HOH C .  ? 0.7548 0.3554 0.5165 0.0072  0.0064  -0.0920 215 HOH A O     
547 O  O     . HOH C .  ? 0.2960 0.3851 0.7455 -0.1267 0.0169  -0.0779 216 HOH A O     
548 O  O     . HOH C .  ? 0.3083 0.3080 0.2226 -0.0147 0.0544  0.0001  217 HOH A O     
549 O  O     . HOH C .  ? 0.2169 0.1525 0.1951 -0.0438 0.0292  0.0165  218 HOH A O     
550 O  O     . HOH C .  ? 0.2920 0.4722 0.3081 0.1014  -0.0397 -0.0094 219 HOH A O     
551 O  O     . HOH C .  ? 0.8467 0.6542 1.0448 -0.1378 0.2932  0.2583  220 HOH A O     
552 O  O     . HOH C .  ? 0.2510 0.2302 0.2029 -0.0669 0.0374  -0.0202 221 HOH A O     
553 O  O     . HOH C .  ? 0.2196 0.1634 0.3584 -0.0482 0.0214  0.0068  222 HOH A O     
554 O  O     . HOH C .  ? 0.2735 0.3387 0.2329 0.0182  0.0332  0.0104  223 HOH A O     
555 O  O     . HOH C .  ? 0.2558 0.2815 0.3129 -0.0500 -0.0135 0.0101  224 HOH A O     
556 O  O     . HOH C .  ? 0.2645 0.2774 0.4164 -0.0325 0.0143  0.1196  225 HOH A O     
557 O  O     . HOH C .  ? 0.2264 0.2091 0.1883 -0.0329 0.0502  0.0091  226 HOH A O     
558 O  O     . HOH C .  ? 0.2250 0.1875 0.1738 -0.0347 0.0128  0.0064  227 HOH A O     
559 O  O     . HOH C .  ? 0.2409 0.4013 0.4226 -0.1252 0.0059  -0.0143 228 HOH A O     
560 O  O     . HOH C .  ? 0.3030 0.3010 0.2913 0.0008  -0.0049 -0.0140 229 HOH A O     
561 O  O     . HOH C .  ? 0.3113 0.5582 0.3406 0.0150  -0.0780 -0.0010 230 HOH A O     
562 O  O     . HOH C .  ? 0.2383 0.4823 0.3686 -0.0851 0.0219  0.1293  231 HOH A O     
563 O  O     . HOH C .  ? 0.4870 0.4370 0.3735 0.0231  0.0781  0.0489  232 HOH A O     
564 O  O     . HOH C .  ? 0.2100 0.2456 0.3115 -0.0260 0.0322  0.0218  233 HOH A O     
565 O  O     . HOH C .  ? 0.3094 0.4091 0.3629 -0.0552 -0.0085 0.1376  234 HOH A O     
566 O  O     . HOH C .  ? 0.1991 0.1562 0.1771 -0.0173 0.0053  0.0180  235 HOH A O     
567 O  O     . HOH C .  ? 0.2428 0.2880 0.2262 0.0248  0.0005  -0.0463 236 HOH A O     
568 O  O     . HOH C .  ? 0.2242 0.2061 0.2159 -0.0271 0.0420  -0.0289 237 HOH A O     
569 O  O     . HOH C .  ? 0.2725 0.3998 0.2885 -0.0009 -0.0147 -0.0039 238 HOH A O     
570 O  O     . HOH C .  ? 0.2461 0.2380 0.2944 -0.0073 0.0153  0.0721  239 HOH A O     
571 O  O     . HOH C .  ? 0.3091 0.2416 0.3922 -0.0050 -0.0505 0.0213  240 HOH A O     
572 O  O     . HOH C .  ? 0.3281 0.5097 0.3874 0.0552  0.0317  -0.0127 241 HOH A O     
573 O  O     . HOH C .  ? 0.8377 0.4239 0.2499 0.1108  -0.1421 -0.1494 242 HOH A O     
574 O  O     . HOH C .  ? 0.2897 0.2516 0.1824 0.0234  -0.0185 -0.0400 243 HOH A O     
575 O  O     . HOH C .  ? 0.3204 0.4322 0.2912 0.0276  0.0867  0.0579  244 HOH A O     
576 O  O     . HOH C .  ? 0.3667 0.4444 0.3534 -0.1125 0.0013  0.0115  245 HOH A O     
577 O  O     . HOH C .  ? 0.1400 0.1548 0.1261 -0.0300 0.0041  0.0041  246 HOH A O     
578 O  O     . HOH C .  ? 0.3173 0.2487 0.3352 -0.0389 0.1064  -0.0133 247 HOH A O     
579 O  O     . HOH C .  ? 0.1742 0.2648 0.3115 -0.0562 -0.0370 -0.0059 248 HOH A O     
580 O  O     . HOH C .  ? 0.2698 0.2622 0.3865 -0.0004 0.0164  -0.1009 249 HOH A O     
581 O  O     . HOH C .  ? 0.3089 0.3542 0.2439 -0.0077 -0.0049 -0.0387 250 HOH A O     
582 O  O     . HOH C .  ? 0.2669 0.1850 0.2259 -0.0010 -0.0173 0.0096  251 HOH A O     
583 O  O     . HOH C .  ? 0.3887 0.3341 0.2626 -0.0692 0.0495  -0.0079 252 HOH A O     
584 O  O     . HOH C .  ? 0.3778 0.3311 0.2616 -0.0377 -0.0365 0.0098  253 HOH A O     
585 O  O     . HOH C .  ? 0.3278 0.3136 0.4185 -0.0695 0.0339  0.0936  254 HOH A O     
586 O  O     . HOH C .  ? 0.2615 0.3638 0.1995 -0.0737 0.0126  0.0162  255 HOH A O     
587 O  O     . HOH C .  ? 0.2731 0.2877 0.2664 -0.0696 0.0407  0.0142  256 HOH A O     
588 O  O     . HOH C .  ? 0.7613 0.3113 0.4561 -0.0289 0.1530  -0.0840 257 HOH A O     
589 O  O     . HOH C .  ? 0.3655 0.2825 0.6122 -0.0131 -0.0034 -0.1482 258 HOH A O     
590 O  O     . HOH C .  ? 0.2875 0.3080 0.3514 -0.0042 -0.0304 -0.1050 259 HOH A O     
591 O  O     . HOH C .  ? 0.2875 0.5342 0.3200 0.0167  -0.0045 -0.0748 260 HOH A O     
592 O  O     . HOH C .  ? 0.5832 0.6148 0.3583 -0.0252 0.0097  -0.1014 261 HOH A O     
593 O  O     . HOH C .  ? 0.3699 0.3040 0.4961 -0.0198 -0.1089 0.0161  262 HOH A O     
594 O  O     . HOH C .  ? 0.5242 0.5068 0.6058 0.2224  -0.0360 -0.1142 263 HOH A O     
595 O  O     . HOH C .  ? 1.0690 0.6629 0.4751 0.2108  -0.1425 -0.0786 264 HOH A O     
596 O  O     . HOH C .  ? 0.8922 0.6571 0.5873 0.0153  -0.0033 -0.1147 265 HOH A O     
597 O  O     . HOH C .  ? 0.3137 0.3041 0.6444 -0.0529 -0.0616 -0.1305 266 HOH A O     
598 O  O     . HOH C .  ? 0.3549 0.5180 0.3975 0.0941  0.0036  -0.1140 267 HOH A O     
599 O  O     . HOH C .  ? 0.6830 0.5839 0.5250 -0.0099 -0.1476 -0.1157 268 HOH A O     
600 O  O     . HOH C .  ? 0.5750 0.6478 0.4286 -0.1528 0.1153  -0.0296 269 HOH A O     
601 O  O     . HOH C .  ? 0.6916 0.5933 0.3599 0.0557  -0.0398 -0.0769 270 HOH A O     
602 O  O     . HOH D .  ? 0.5658 0.7614 0.9824 0.0875  -0.0280 0.2715  301 HOH B O     
603 O  O     . HOH D .  ? 0.3231 0.4907 0.3405 0.1343  0.0562  0.0038  302 HOH B O     
604 O  O     . HOH D .  ? 0.3552 0.4445 0.3649 -0.0931 -0.1050 0.0033  303 HOH B O     
605 O  O     . HOH D .  ? 0.2281 0.2651 0.4558 0.0051  0.0722  0.0298  304 HOH B O     
606 O  O     . HOH D .  ? 0.2309 0.2627 0.2457 0.0025  -0.0391 -0.0415 305 HOH B O     
607 O  O     . HOH D .  ? 0.5332 0.4279 0.2203 0.0834  0.0501  -0.0064 306 HOH B O     
608 O  O     . HOH D .  ? 0.2409 0.2120 0.2969 -0.0069 -0.0122 0.0042  307 HOH B O     
609 O  O     . HOH D .  ? 0.3287 0.3122 0.4237 -0.0334 -0.0359 -0.0671 308 HOH B O     
610 O  O     . HOH D .  ? 0.4997 0.4719 0.3567 -0.0283 -0.0264 -0.0858 309 HOH B O     
611 O  O     . HOH D .  ? 0.2657 0.3507 0.2425 -0.0189 -0.0438 0.0337  310 HOH B O     
612 O  O     . HOH D .  ? 0.2128 0.2821 0.2284 0.0229  0.0419  0.0719  311 HOH B O     
613 O  O     . HOH D .  ? 0.2686 0.3094 0.2643 0.0138  0.0205  -0.0457 312 HOH B O     
614 O  O     . HOH D .  ? 0.2515 0.1595 0.1399 -0.0253 0.0333  0.0014  313 HOH B O     
615 O  O     . HOH D .  ? 0.1598 0.1763 0.1781 -0.0261 0.0055  0.0238  314 HOH B O     
616 O  O     . HOH D .  ? 0.2614 0.2012 0.3474 -0.0725 -0.0120 -0.0046 315 HOH B O     
617 O  O     . HOH D .  ? 0.2638 0.2683 0.3266 -0.0077 0.0876  0.0946  316 HOH B O     
618 O  O     . HOH D .  ? 0.3495 0.4399 0.3785 -0.0087 0.1422  0.1493  317 HOH B O     
619 O  O     . HOH D .  ? 0.3833 0.8895 0.3045 0.0435  0.1277  0.1166  318 HOH B O     
620 O  O     . HOH D .  ? 0.2691 0.2260 0.1806 -0.0131 -0.0021 0.0113  319 HOH B O     
621 O  O     . HOH D .  ? 0.1997 0.3143 0.1531 0.0100  -0.0078 0.0124  320 HOH B O     
622 O  O     . HOH D .  ? 0.1770 0.1453 0.1729 -0.0288 0.0034  0.0016  321 HOH B O     
623 O  O     . HOH D .  ? 0.2072 0.1903 0.2001 0.0053  0.0327  0.0271  322 HOH B O     
624 O  O     . HOH D .  ? 0.4354 0.2538 0.4153 -0.0693 0.1330  -0.0201 323 HOH B O     
625 O  O     . HOH D .  ? 0.2787 0.2561 0.2450 -0.0224 0.0896  0.0611  324 HOH B O     
626 O  O     . HOH D .  ? 0.1951 0.1587 0.2353 0.0003  0.0115  0.0107  325 HOH B O     
627 O  O     . HOH D .  ? 0.1632 0.2038 0.2487 -0.0238 0.0054  0.0455  326 HOH B O     
628 O  O     . HOH D .  ? 0.3148 0.2823 0.3877 -0.0568 0.0277  0.0279  327 HOH B O     
629 O  O     . HOH D .  ? 0.2464 0.3607 0.4104 -0.0597 -0.0656 -0.0368 328 HOH B O     
630 O  O     . HOH D .  ? 0.1903 0.2139 0.2389 -0.0450 -0.0103 0.0291  329 HOH B O     
631 O  O     . HOH D .  ? 0.3815 0.3352 0.8460 -0.0140 0.0968  0.0048  330 HOH B O     
632 O  O     . HOH D .  ? 0.4734 0.3785 0.2076 -0.0595 0.1276  -0.0081 331 HOH B O     
633 O  O     . HOH D .  ? 0.4157 0.4250 0.5709 -0.0105 -0.0534 -0.0470 332 HOH B O     
634 O  O     . HOH D .  ? 0.5361 0.3084 0.2149 -0.0614 -0.0044 -0.0221 333 HOH B O     
635 O  O     . HOH D .  ? 0.3506 0.3472 0.4774 -0.0461 0.0399  0.0073  334 HOH B O     
636 O  O     . HOH D .  ? 0.1562 0.1371 0.2161 -0.0266 0.0232  0.0178  335 HOH B O     
637 O  O     . HOH D .  ? 0.1963 0.2666 0.2438 -0.0003 0.0304  0.0283  336 HOH B O     
638 O  O     . HOH D .  ? 0.2165 0.1562 0.1334 -0.0172 0.0364  0.0128  337 HOH B O     
639 O  O     . HOH D .  ? 0.4432 0.4532 0.3217 -0.0486 0.1328  -0.0787 338 HOH B O     
640 O  O     . HOH D .  ? 0.3037 0.2966 0.2016 0.0059  0.0404  0.0211  339 HOH B O     
641 O  O     . HOH D .  ? 0.2154 0.2294 0.2485 -0.0599 0.0001  0.0252  340 HOH B O     
642 O  O     . HOH D .  ? 0.5394 0.3228 0.3128 0.0081  0.0535  -0.0500 341 HOH B O     
643 O  O     . HOH D .  ? 0.2001 0.2219 0.2302 -0.0333 0.0190  0.0430  342 HOH B O     
644 O  O     . HOH D .  ? 0.3876 0.3525 0.3769 0.0781  0.0491  0.1091  343 HOH B O     
645 O  O     . HOH D .  ? 0.2639 0.1857 0.3203 -0.0710 -0.0711 0.0164  344 HOH B O     
646 O  O     . HOH D .  ? 0.1468 0.1505 0.1781 -0.0332 0.0152  -0.0041 345 HOH B O     
647 O  O     . HOH D .  ? 0.4125 0.4193 0.8530 -0.0161 0.0394  0.1040  346 HOH B O     
648 O  O     . HOH D .  ? 0.3633 0.3128 0.2694 -0.0602 -0.0717 -0.0691 347 HOH B O     
649 O  O     . HOH D .  ? 0.3491 0.6932 0.4118 0.0128  -0.0145 0.1098  348 HOH B O     
650 O  O     . HOH D .  ? 0.4212 0.5894 0.3743 -0.0839 -0.0648 -0.0918 349 HOH B O     
651 O  O     . HOH D .  ? 0.3689 0.2527 0.3378 -0.0488 -0.0609 -0.0481 350 HOH B O     
652 O  O     . HOH D .  ? 0.3001 0.2182 0.6133 -0.1070 0.0016  0.0440  351 HOH B O     
653 O  O     . HOH D .  ? 0.4240 0.5501 0.2710 -0.0154 0.1465  0.1757  352 HOH B O     
654 O  O     . HOH D .  ? 0.4838 0.3471 0.2938 0.0011  0.1269  -0.0195 353 HOH B O     
655 O  O     . HOH D .  ? 0.1271 0.2329 0.1748 -0.0927 0.0374  -0.0028 354 HOH B O     
656 O  O     . HOH D .  ? 0.4466 0.4488 0.2761 0.1165  0.0237  0.0046  355 HOH B O     
657 O  O     . HOH D .  ? 0.2565 0.2791 0.2672 0.0175  -0.0149 -0.0791 356 HOH B O     
658 O  O     . HOH D .  ? 0.5863 0.4494 0.5073 -0.0675 -0.0260 -0.0223 357 HOH B O     
659 O  O     . HOH D .  ? 0.2135 0.2308 0.2712 -0.0244 0.0090  -0.0095 358 HOH B O     
660 O  O     . HOH D .  ? 0.3476 0.3482 0.2254 0.0055  0.0301  0.0344  359 HOH B O     
661 O  O     . HOH D .  ? 0.1896 0.3189 0.1297 -0.0454 -0.0037 -0.0055 360 HOH B O     
662 O  O     . HOH D .  ? 0.3896 0.3481 0.3309 -0.0589 -0.0916 -0.0736 361 HOH B O     
663 O  O     . HOH D .  ? 0.4651 0.3865 0.2669 -0.0930 0.0279  -0.0234 362 HOH B O     
664 O  O     . HOH D .  ? 0.5800 0.4185 0.4431 0.1543  -0.0038 -0.0911 363 HOH B O     
665 O  O     . HOH D .  ? 0.4394 0.4329 0.6665 -0.1701 -0.0335 0.1796  364 HOH B O     
666 O  O     . HOH D .  ? 0.6423 0.5263 0.9004 -0.0376 0.0417  0.2664  365 HOH B O     
667 O  O     . HOH D .  ? 0.8070 0.7515 0.4263 0.1735  0.1697  0.0924  366 HOH B O     
668 O  O     . HOH D .  ? 0.2513 0.2564 0.3537 0.0430  0.0727  0.1163  367 HOH B O     
669 O  O     . HOH D .  ? 0.5198 0.3987 0.2838 -0.0722 0.0607  0.0606  368 HOH B O     
670 O  O     . HOH D .  ? 0.3875 0.8578 0.5936 0.0097  0.0720  0.3729  369 HOH B O     
671 O  O     . HOH D .  ? 0.4920 0.4158 0.5099 -0.1525 0.0136  -0.0712 370 HOH B O     
672 O  O     . HOH D .  ? 0.4321 0.3408 0.8624 -0.0503 0.1489  0.1428  371 HOH B O     
673 O  O     . HOH D .  ? 0.7498 0.4307 0.2799 0.1258  0.0914  -0.0025 372 HOH B O     
674 O  O     . HOH D .  ? 0.2713 0.2365 0.1784 0.0139  0.0127  -0.0087 373 HOH B O     
675 O  O     . HOH D .  ? 0.5148 0.5063 0.5313 0.2185  0.0379  0.2259  374 HOH B O     
676 O  O     . HOH D .  ? 0.2457 0.2532 0.1852 -0.0388 0.0239  -0.0251 375 HOH B O     
677 O  O     . HOH D .  ? 0.4428 0.4502 0.3908 0.0825  0.2300  0.0245  376 HOH B O     
678 O  O     . HOH D .  ? 0.7047 0.7396 0.4232 0.2022  0.1077  0.2740  377 HOH B O     
679 O  O     . HOH D .  ? 0.3270 0.2369 0.3385 -0.0649 0.1739  -0.0301 378 HOH B O     
680 O  O     . HOH D .  ? 0.2548 0.2989 0.3211 -0.0517 -0.0368 0.0361  379 HOH B O     
681 O  O     . HOH D .  ? 0.4038 0.9229 0.8380 0.0468  0.0124  0.1284  380 HOH B O     
682 O  O     . HOH D .  ? 0.7834 0.5573 0.3112 -0.0598 -0.0281 -0.1596 381 HOH B O     
683 O  O     . HOH D .  ? 0.2950 0.4351 0.3490 0.0103  -0.0449 -0.0587 382 HOH B O     
684 O  O     . HOH D .  ? 0.2960 0.3689 0.3198 0.0554  0.0107  -0.0496 383 HOH B O     
685 O  O     . HOH D .  ? 0.2994 0.2371 0.1813 0.0970  -0.0338 0.0096  384 HOH B O     
686 O  O     . HOH D .  ? 0.7397 0.8601 1.0587 -0.0172 -0.1158 -0.0621 385 HOH B O     
687 O  O     . HOH D .  ? 0.8854 0.7107 0.3192 0.0266  -0.0572 -0.1135 386 HOH B O     
688 O  O     . HOH D .  ? 0.4512 0.4481 0.4912 0.0019  -0.0744 0.1079  387 HOH B O     
689 O  O     . HOH D .  ? 0.6287 0.3568 0.7546 -0.0951 0.1376  0.1601  388 HOH B O     
690 O  O     . HOH D .  ? 0.4311 0.5454 0.2446 0.0867  0.0725  0.0041  389 HOH B O     
691 O  O     . HOH D .  ? 1.0340 0.8400 0.9148 -0.0510 -0.0685 0.0335  390 HOH B O     
692 O  O     . HOH D .  ? 0.4553 0.2806 0.5118 -0.1299 0.0204  0.0128  391 HOH B O     
693 O  O     . HOH D .  ? 0.5752 0.3531 0.7418 0.1015  0.1444  0.2599  392 HOH B O     
694 O  O     . HOH D .  ? 0.3955 0.3375 0.2666 0.0337  -0.1188 0.0113  393 HOH B O     
695 O  O     . HOH D .  ? 0.5419 0.3973 0.9322 -0.0688 -0.0006 0.2537  394 HOH B O     
696 O  O     . HOH D .  ? 0.3906 0.5597 0.6052 0.1641  0.0995  0.2525  395 HOH B O     
697 O  O     . HOH D .  ? 0.3444 0.3727 0.5583 0.0433  0.1664  0.0667  396 HOH B O     
698 O  O     . HOH D .  ? 0.3744 0.5803 0.4502 0.1598  0.0138  -0.0425 397 HOH B O     
699 O  O     . HOH D .  ? 0.5120 0.5095 0.3248 0.0642  -0.0419 -0.0237 398 HOH B O     
700 O  O     . HOH D .  ? 0.6072 0.4446 0.6588 -0.0433 0.0152  0.0130  399 HOH B O     
701 O  O     . HOH D .  ? 0.6003 0.7974 0.8720 -0.0136 -0.3048 -0.0800 400 HOH B O     
# 
